data_5OQR
#
_entry.id   5OQR
#
_cell.length_a   88.407
_cell.length_b   142.113
_cell.length_c   176.917
_cell.angle_alpha   90.00
_cell.angle_beta   90.00
_cell.angle_gamma   90.00
#
_symmetry.space_group_name_H-M   'P 21 21 21'
#
loop_
_entity.id
_entity.type
_entity.pdbx_description
1 polymer 'Condensin complex subunit 3'
2 polymer 'Condensin complex subunit 2'
3 water water
#
loop_
_entity_poly.entity_id
_entity_poly.type
_entity_poly.pdbx_seq_one_letter_code
_entity_poly.pdbx_strand_id
1 'polypeptide(L)'
;MSCIQIISSSQTSIAGHRKLCNKLFTLRTQEGFETDILRALNIILTVKKGNSNADRVLRFLVTFVNYLQQKDPEIDIVQP
ILKHILRGLDAKDKTVRYRCCQIIARVVNCVKEIDDDLYNTLKEKLLSRVLDRESIVRLEAVVALSRLQEDTGDEENDVR
NILLFLLQNDPSSEVRRSVLLNIEVSNSTLPFILERARDVDAANRKCVYARVLPKIGDFRYLSIKKRVRILKWGLNDRDE
SVEKAAADMLAYQWIENADNNLLELLERLDVSNNSDVAVLAIKKFFDVRVDSLSQLEFPEQFWLELTAESSLLARTFNEI
CIEKNYTDLLDKMPEVVQLTYYIERQYVSLRDKSSYDESCFIIEQLLYIGLSQDMVDEIGRRKLLKSLTNSLSTMALPDS
LISLHIELLRKLCSSENDFCSLLVEIITEVFEQGHSQNPNELNEPEPDDMDGYKEAFNELRCLSYVQCLFENITSSLNEN
LYMVDMLKTLIIPAVRSHDLPIREKGLECLSLVCLLNADLAFENVPLYLHCYEKGSVVLKCTAIRTLTDMLIQHGKAKFT
EYEDAISSILFEALGEFENAELQTLGAEAIAKLLVILHYRDELFLKPLIIQYFEPNTVDNHALRQVLGYFFPVYAFGAHE
NQWRIATIFCDALLSLLEIYRDLDEDDVQLSIGHIAQQMLDWTDNEKLYERKTQTGDDYIALNHNVHLHLANMIFESLPN
ASEGKERKFMISLLGKLKIPTDLPSSDYQRTKRKLETYESHGFTMDSTSLSILAKFERMLLQNEEARS
;
A,B
2 'polypeptide(L)'
;GPLGHMNGVYEYFDKSMKKNWAGPEHWRIQALRKNINNASTVFNSSNTAESSDNVSRSLSSTERKKRRELDNAIDFLQEV
DVEALFTPATSSLKLPKSHWKRHNRCLLPDDYQYDSKRLLQLFLKPKMSVLPNAD
;
C,D
#
# COMPACT_ATOMS: atom_id res chain seq x y z
N SER A 2 -36.33 33.86 4.25
CA SER A 2 -36.89 33.01 5.30
C SER A 2 -36.54 31.55 5.05
N CYS A 3 -37.57 30.70 4.92
CA CYS A 3 -37.34 29.30 4.59
C CYS A 3 -36.41 29.17 3.38
N ILE A 4 -36.54 30.07 2.41
CA ILE A 4 -35.65 30.05 1.27
C ILE A 4 -34.27 30.59 1.63
N GLN A 5 -34.21 31.56 2.56
CA GLN A 5 -32.93 32.13 2.93
C GLN A 5 -32.12 31.19 3.82
N ILE A 6 -32.79 30.36 4.61
CA ILE A 6 -32.08 29.29 5.32
C ILE A 6 -31.29 28.46 4.31
N ILE A 7 -31.94 28.09 3.20
CA ILE A 7 -31.27 27.32 2.16
C ILE A 7 -30.13 28.12 1.55
N SER A 8 -30.40 29.38 1.19
CA SER A 8 -29.36 30.23 0.64
C SER A 8 -28.18 30.38 1.59
N SER A 9 -28.38 30.12 2.89
CA SER A 9 -27.29 30.19 3.85
C SER A 9 -26.47 28.90 3.88
N SER A 10 -27.09 27.75 3.61
CA SER A 10 -26.34 26.51 3.45
C SER A 10 -25.40 26.56 2.25
N GLN A 11 -25.47 27.63 1.47
CA GLN A 11 -24.67 27.75 0.26
C GLN A 11 -23.18 27.69 0.55
N THR A 12 -22.74 28.32 1.64
CA THR A 12 -21.31 28.55 1.85
C THR A 12 -20.61 27.33 2.43
N SER A 13 -21.19 26.71 3.46
CA SER A 13 -20.49 25.69 4.23
C SER A 13 -21.38 24.47 4.44
N ILE A 14 -20.75 23.43 4.99
CA ILE A 14 -21.46 22.21 5.37
C ILE A 14 -21.60 22.08 6.89
N ALA A 15 -20.77 22.79 7.66
CA ALA A 15 -20.76 22.59 9.11
C ALA A 15 -22.11 22.94 9.72
N GLY A 16 -22.71 24.05 9.32
CA GLY A 16 -23.95 24.51 9.91
C GLY A 16 -25.18 23.78 9.45
N HIS A 17 -25.05 22.78 8.57
CA HIS A 17 -26.23 22.11 8.03
C HIS A 17 -27.12 21.57 9.15
N ARG A 18 -26.53 20.99 10.19
CA ARG A 18 -27.33 20.50 11.31
C ARG A 18 -28.08 21.64 11.98
N LYS A 19 -27.40 22.78 12.16
CA LYS A 19 -28.06 23.94 12.77
C LYS A 19 -29.26 24.38 11.94
N LEU A 20 -29.06 24.55 10.63
CA LEU A 20 -30.13 25.05 9.77
C LEU A 20 -31.24 24.02 9.61
N CYS A 21 -30.91 22.73 9.74
CA CYS A 21 -31.95 21.71 9.72
C CYS A 21 -32.96 21.92 10.84
N ASN A 22 -32.47 22.30 12.03
CA ASN A 22 -33.38 22.51 13.15
C ASN A 22 -34.29 23.70 12.91
N LYS A 23 -33.72 24.84 12.55
CA LYS A 23 -34.54 26.03 12.29
C LYS A 23 -35.55 25.75 11.18
N LEU A 24 -35.09 25.22 10.06
CA LEU A 24 -36.03 24.84 9.00
C LEU A 24 -37.04 23.83 9.50
N PHE A 25 -36.64 22.97 10.43
CA PHE A 25 -37.58 22.05 11.08
C PHE A 25 -38.55 22.79 12.00
N THR A 26 -38.47 24.12 12.09
CA THR A 26 -39.50 24.88 12.78
C THR A 26 -40.61 25.33 11.84
N LEU A 27 -40.34 25.39 10.53
CA LEU A 27 -41.31 25.84 9.55
C LEU A 27 -41.93 24.69 8.77
N ARG A 28 -42.00 23.50 9.36
CA ARG A 28 -42.56 22.35 8.66
C ARG A 28 -44.03 22.57 8.37
N THR A 29 -44.75 23.18 9.32
CA THR A 29 -46.21 23.27 9.33
C THR A 29 -46.76 24.38 8.45
N GLN A 30 -46.23 24.57 7.24
CA GLN A 30 -46.72 25.62 6.36
C GLN A 30 -46.80 25.15 4.91
N GLY A 32 -45.66 28.12 3.42
CA GLY A 32 -45.31 27.76 2.05
C GLY A 32 -44.13 26.82 1.99
N PHE A 33 -44.01 25.97 3.01
CA PHE A 33 -42.92 25.02 3.14
C PHE A 33 -42.57 24.34 1.81
N GLU A 34 -43.32 23.30 1.46
CA GLU A 34 -43.11 22.55 0.23
C GLU A 34 -42.79 23.48 -0.95
N THR A 35 -43.57 24.54 -1.10
CA THR A 35 -43.41 25.43 -2.25
C THR A 35 -42.05 26.11 -2.24
N ASP A 36 -41.60 26.59 -1.07
CA ASP A 36 -40.34 27.32 -1.02
C ASP A 36 -39.15 26.43 -1.37
N ILE A 37 -39.23 25.13 -1.07
CA ILE A 37 -38.14 24.23 -1.40
C ILE A 37 -38.05 24.05 -2.91
N LEU A 38 -39.16 23.71 -3.55
CA LEU A 38 -39.17 23.62 -5.01
C LEU A 38 -38.68 24.91 -5.65
N ARG A 39 -39.01 26.05 -5.03
CA ARG A 39 -38.47 27.32 -5.50
C ARG A 39 -36.96 27.36 -5.38
N ALA A 40 -36.42 26.78 -4.30
CA ALA A 40 -34.97 26.69 -4.16
C ALA A 40 -34.38 25.78 -5.22
N LEU A 41 -35.08 24.70 -5.57
CA LEU A 41 -34.57 23.76 -6.56
C LEU A 41 -34.69 24.33 -7.97
N ASN A 42 -35.79 25.04 -8.26
CA ASN A 42 -35.91 25.72 -9.55
C ASN A 42 -34.71 26.63 -9.79
N ILE A 43 -34.10 27.14 -8.72
CA ILE A 43 -32.88 27.94 -8.84
C ILE A 43 -31.62 27.07 -8.85
N ILE A 44 -31.74 25.78 -8.54
CA ILE A 44 -30.62 24.87 -8.73
C ILE A 44 -30.55 24.37 -10.17
N LEU A 45 -31.65 24.42 -10.91
CA LEU A 45 -31.63 24.02 -12.31
C LEU A 45 -30.96 25.07 -13.20
N THR A 46 -30.89 26.32 -12.75
CA THR A 46 -30.28 27.37 -13.56
C THR A 46 -28.76 27.38 -13.46
N VAL A 47 -28.21 27.02 -12.31
CA VAL A 47 -26.76 27.01 -12.14
C VAL A 47 -26.14 25.92 -12.99
N LYS A 48 -25.11 26.28 -13.74
CA LYS A 48 -24.39 25.33 -14.56
C LYS A 48 -23.48 24.46 -13.69
N LYS A 49 -23.11 23.30 -14.23
CA LYS A 49 -22.22 22.39 -13.51
C LYS A 49 -20.89 23.08 -13.19
N GLY A 50 -20.22 22.57 -12.17
CA GLY A 50 -18.98 23.14 -11.71
C GLY A 50 -19.12 24.08 -10.53
N ASN A 51 -20.32 24.19 -9.96
CA ASN A 51 -20.59 25.10 -8.86
C ASN A 51 -20.56 24.32 -7.55
N SER A 52 -19.57 24.62 -6.71
CA SER A 52 -19.48 23.96 -5.41
C SER A 52 -20.75 24.16 -4.60
N ASN A 53 -21.38 25.33 -4.71
CA ASN A 53 -22.60 25.63 -3.98
C ASN A 53 -23.70 24.63 -4.26
N ALA A 54 -24.21 24.64 -5.50
CA ALA A 54 -25.34 23.81 -5.89
C ALA A 54 -25.28 22.43 -5.27
N ASP A 55 -24.08 21.86 -5.17
CA ASP A 55 -23.93 20.58 -4.50
C ASP A 55 -24.06 20.73 -2.99
N ARG A 56 -23.49 21.80 -2.42
CA ARG A 56 -23.67 22.06 -0.99
C ARG A 56 -25.15 22.19 -0.65
N VAL A 57 -25.85 23.09 -1.36
CA VAL A 57 -27.27 23.25 -1.14
C VAL A 57 -27.98 21.91 -1.27
N LEU A 58 -27.68 21.18 -2.34
CA LEU A 58 -28.30 19.88 -2.55
C LEU A 58 -27.88 18.89 -1.46
N ARG A 59 -26.65 19.00 -0.96
CA ARG A 59 -26.25 18.19 0.18
C ARG A 59 -27.07 18.54 1.42
N PHE A 60 -27.33 19.83 1.64
CA PHE A 60 -28.13 20.24 2.79
C PHE A 60 -29.53 19.65 2.73
N LEU A 61 -30.12 19.60 1.53
CA LEU A 61 -31.50 19.16 1.41
C LEU A 61 -31.62 17.66 1.69
N VAL A 62 -30.81 16.84 1.02
CA VAL A 62 -30.83 15.41 1.32
C VAL A 62 -30.57 15.18 2.80
N THR A 63 -29.74 16.03 3.40
CA THR A 63 -29.47 15.90 4.83
C THR A 63 -30.72 16.20 5.66
N PHE A 64 -31.47 17.24 5.28
CA PHE A 64 -32.66 17.61 6.04
C PHE A 64 -33.77 16.59 5.87
N VAL A 65 -33.96 16.08 4.64
CA VAL A 65 -35.00 15.08 4.40
C VAL A 65 -34.83 13.90 5.35
N ASN A 66 -33.65 13.28 5.32
CA ASN A 66 -33.39 12.18 6.24
C ASN A 66 -33.64 12.60 7.68
N TYR A 67 -33.10 13.75 8.08
CA TYR A 67 -33.36 14.28 9.42
C TYR A 67 -34.86 14.40 9.69
N LEU A 68 -35.66 14.52 8.64
CA LEU A 68 -37.10 14.71 8.81
C LEU A 68 -37.82 13.38 9.00
N GLN A 69 -37.45 12.37 8.21
CA GLN A 69 -38.02 11.04 8.40
C GLN A 69 -37.80 10.53 9.81
N GLN A 70 -36.79 11.07 10.50
CA GLN A 70 -36.51 10.75 11.90
C GLN A 70 -36.37 12.07 12.67
N LYS A 71 -37.47 12.62 13.16
CA LYS A 71 -38.80 12.02 13.12
C LYS A 71 -39.88 13.00 12.69
N ASP A 72 -41.10 12.47 12.59
CA ASP A 72 -42.27 13.11 12.01
C ASP A 72 -42.36 12.68 10.54
N PRO A 73 -42.39 11.37 10.26
CA PRO A 73 -42.52 10.92 8.86
C PRO A 73 -43.87 11.26 8.25
N GLU A 74 -44.76 11.90 9.02
CA GLU A 74 -46.07 12.28 8.50
C GLU A 74 -45.95 13.07 7.21
N ILE A 75 -44.94 13.94 7.11
CA ILE A 75 -44.76 14.78 5.95
C ILE A 75 -44.04 13.97 4.88
N ASP A 76 -44.75 13.67 3.79
CA ASP A 76 -44.16 12.99 2.63
C ASP A 76 -43.80 14.07 1.61
N ILE A 77 -42.54 14.46 1.61
CA ILE A 77 -42.04 15.50 0.69
C ILE A 77 -41.23 14.91 -0.44
N VAL A 78 -40.83 13.64 -0.37
CA VAL A 78 -40.08 13.04 -1.46
C VAL A 78 -40.96 12.85 -2.69
N GLN A 79 -42.24 12.52 -2.47
CA GLN A 79 -43.12 12.29 -3.62
C GLN A 79 -43.42 13.60 -4.35
N PRO A 80 -43.82 14.68 -3.68
CA PRO A 80 -44.02 15.94 -4.43
C PRO A 80 -42.77 16.43 -5.13
N ILE A 81 -41.62 16.41 -4.43
CA ILE A 81 -40.39 16.92 -5.04
C ILE A 81 -40.04 16.14 -6.29
N LEU A 82 -40.23 14.82 -6.27
CA LEU A 82 -39.94 14.01 -7.44
C LEU A 82 -40.95 14.28 -8.55
N LYS A 83 -42.21 14.45 -8.20
CA LYS A 83 -43.22 14.76 -9.21
C LYS A 83 -42.93 16.11 -9.87
N HIS A 84 -42.45 17.08 -9.11
CA HIS A 84 -42.17 18.39 -9.68
C HIS A 84 -40.96 18.36 -10.59
N ILE A 85 -39.92 17.61 -10.22
CA ILE A 85 -38.66 17.66 -10.95
C ILE A 85 -38.61 16.70 -12.12
N LEU A 86 -39.39 15.62 -12.10
CA LEU A 86 -39.39 14.70 -13.23
C LEU A 86 -39.88 15.37 -14.51
N ARG A 87 -40.66 16.45 -14.39
CA ARG A 87 -41.13 17.15 -15.58
C ARG A 87 -39.96 17.65 -16.42
N GLY A 88 -38.83 17.95 -15.78
CA GLY A 88 -37.69 18.52 -16.46
C GLY A 88 -36.74 17.52 -17.08
N LEU A 89 -37.02 16.23 -16.98
CA LEU A 89 -36.17 15.24 -17.64
C LEU A 89 -36.10 15.48 -19.14
N ASP A 90 -37.15 16.01 -19.73
CA ASP A 90 -37.15 16.44 -21.12
C ASP A 90 -36.98 17.95 -21.14
N ALA A 91 -35.76 18.40 -21.42
CA ALA A 91 -35.45 19.83 -21.42
C ALA A 91 -34.30 20.07 -22.37
N LYS A 92 -34.08 21.35 -22.72
CA LYS A 92 -33.07 21.72 -23.69
C LYS A 92 -31.80 22.26 -23.05
N ASP A 93 -31.88 22.86 -21.87
CA ASP A 93 -30.69 23.21 -21.12
C ASP A 93 -30.11 21.94 -20.54
N LYS A 94 -28.96 21.49 -21.08
CA LYS A 94 -28.38 20.23 -20.64
C LYS A 94 -28.20 20.21 -19.13
N THR A 95 -28.05 21.38 -18.50
CA THR A 95 -27.90 21.43 -17.05
C THR A 95 -29.24 21.25 -16.34
N VAL A 96 -30.33 21.78 -16.91
CA VAL A 96 -31.65 21.48 -16.36
C VAL A 96 -31.89 19.98 -16.37
N ARG A 97 -31.44 19.29 -17.42
CA ARG A 97 -31.51 17.83 -17.45
C ARG A 97 -30.53 17.22 -16.46
N TYR A 98 -29.31 17.77 -16.40
CA TYR A 98 -28.29 17.23 -15.51
C TYR A 98 -28.64 17.46 -14.05
N ARG A 99 -29.14 18.64 -13.72
CA ARG A 99 -29.57 18.90 -12.35
C ARG A 99 -30.75 18.03 -11.97
N CYS A 100 -31.74 17.92 -12.86
CA CYS A 100 -32.90 17.07 -12.58
C CYS A 100 -32.46 15.65 -12.26
N CYS A 101 -31.62 15.05 -13.12
CA CYS A 101 -31.10 13.72 -12.83
C CYS A 101 -30.26 13.73 -11.56
N GLN A 102 -29.46 14.78 -11.37
CA GLN A 102 -28.66 14.88 -10.15
C GLN A 102 -29.54 14.87 -8.91
N ILE A 103 -30.60 15.69 -8.91
CA ILE A 103 -31.46 15.78 -7.75
C ILE A 103 -32.21 14.47 -7.54
N ILE A 104 -32.86 13.95 -8.59
CA ILE A 104 -33.64 12.73 -8.46
C ILE A 104 -32.79 11.60 -7.92
N ALA A 105 -31.55 11.48 -8.41
CA ALA A 105 -30.68 10.40 -7.96
C ALA A 105 -30.48 10.44 -6.45
N ARG A 106 -30.23 11.63 -5.91
CA ARG A 106 -29.92 11.74 -4.49
C ARG A 106 -31.17 11.66 -3.63
N VAL A 107 -32.27 12.27 -4.09
CA VAL A 107 -33.45 12.36 -3.24
C VAL A 107 -34.14 11.01 -3.11
N VAL A 108 -34.31 10.30 -4.22
CA VAL A 108 -34.95 8.98 -4.15
C VAL A 108 -34.18 8.07 -3.22
N ASN A 109 -32.85 8.21 -3.16
CA ASN A 109 -32.03 7.40 -2.29
C ASN A 109 -32.36 7.61 -0.82
N CYS A 110 -33.10 8.67 -0.48
CA CYS A 110 -33.43 8.95 0.91
C CYS A 110 -34.46 8.00 1.49
N VAL A 111 -35.15 7.21 0.66
CA VAL A 111 -36.11 6.24 1.13
C VAL A 111 -36.46 5.32 -0.02
N LYS A 112 -37.01 4.15 0.30
CA LYS A 112 -37.38 3.15 -0.70
C LYS A 112 -38.86 3.15 -1.04
N GLU A 113 -39.73 3.37 -0.06
CA GLU A 113 -41.17 3.26 -0.29
C GLU A 113 -41.65 4.38 -1.20
N ILE A 114 -41.99 4.04 -2.44
CA ILE A 114 -42.49 4.99 -3.44
C ILE A 114 -43.81 4.46 -3.98
N ASP A 115 -44.67 5.38 -4.42
CA ASP A 115 -45.89 4.98 -5.09
C ASP A 115 -45.58 4.38 -6.46
N ASP A 116 -46.32 3.33 -6.81
CA ASP A 116 -46.02 2.59 -8.04
C ASP A 116 -46.06 3.50 -9.26
N ASP A 117 -47.10 4.31 -9.38
CA ASP A 117 -47.19 5.22 -10.52
C ASP A 117 -46.00 6.16 -10.56
N LEU A 118 -45.53 6.61 -9.39
CA LEU A 118 -44.27 7.35 -9.34
C LEU A 118 -43.10 6.47 -9.75
N TYR A 119 -43.18 5.17 -9.47
CA TYR A 119 -42.13 4.24 -9.85
C TYR A 119 -42.07 4.06 -11.36
N ASN A 120 -43.21 3.77 -12.00
CA ASN A 120 -43.21 3.49 -13.43
C ASN A 120 -42.81 4.72 -14.23
N THR A 121 -43.43 5.87 -13.94
CA THR A 121 -43.13 7.08 -14.70
C THR A 121 -41.65 7.41 -14.63
N LEU A 122 -41.09 7.43 -13.43
CA LEU A 122 -39.65 7.71 -13.28
C LEU A 122 -38.81 6.74 -14.10
N LYS A 123 -39.18 5.46 -14.09
CA LYS A 123 -38.40 4.46 -14.82
C LYS A 123 -38.46 4.73 -16.32
N GLU A 124 -39.66 4.96 -16.86
CA GLU A 124 -39.79 5.14 -18.30
C GLU A 124 -38.96 6.31 -18.79
N LYS A 125 -39.06 7.47 -18.12
CA LYS A 125 -38.35 8.65 -18.58
C LYS A 125 -36.84 8.51 -18.39
N LEU A 126 -36.42 7.86 -17.31
CA LEU A 126 -34.98 7.72 -17.05
C LEU A 126 -34.33 6.79 -18.05
N LEU A 127 -35.04 5.73 -18.46
CA LEU A 127 -34.45 4.78 -19.40
C LEU A 127 -34.07 5.45 -20.71
N SER A 128 -34.85 6.46 -21.14
CA SER A 128 -34.49 7.21 -22.33
C SER A 128 -33.35 8.19 -22.06
N ARG A 129 -33.18 8.63 -20.82
CA ARG A 129 -32.18 9.64 -20.51
C ARG A 129 -30.76 9.08 -20.62
N VAL A 130 -30.54 7.87 -20.11
CA VAL A 130 -29.21 7.25 -20.02
C VAL A 130 -28.60 7.18 -21.41
N LEU A 131 -29.40 7.44 -22.44
CA LEU A 131 -28.89 7.60 -23.80
C LEU A 131 -28.81 9.08 -24.19
N ASP A 132 -28.54 9.96 -23.22
CA ASP A 132 -28.53 11.38 -23.48
C ASP A 132 -27.34 11.79 -24.34
N ARG A 133 -27.49 12.91 -25.04
CA ARG A 133 -26.44 13.38 -25.95
C ARG A 133 -25.24 13.90 -25.18
N GLU A 134 -25.47 14.42 -23.98
CA GLU A 134 -24.41 14.94 -23.14
C GLU A 134 -23.94 13.87 -22.15
N SER A 135 -22.64 13.85 -21.88
CA SER A 135 -22.09 12.83 -21.00
C SER A 135 -22.50 13.06 -19.55
N ILE A 136 -22.56 14.33 -19.14
CA ILE A 136 -22.89 14.64 -17.74
C ILE A 136 -24.27 14.13 -17.39
N VAL A 137 -25.21 14.22 -18.33
CA VAL A 137 -26.58 13.76 -18.07
C VAL A 137 -26.60 12.26 -17.88
N ARG A 138 -25.91 11.53 -18.75
CA ARG A 138 -25.84 10.07 -18.62
C ARG A 138 -25.26 9.67 -17.26
N LEU A 139 -24.17 10.32 -16.86
CA LEU A 139 -23.54 10.01 -15.58
C LEU A 139 -24.57 10.02 -14.45
N GLU A 140 -25.25 11.15 -14.26
CA GLU A 140 -26.23 11.26 -13.20
C GLU A 140 -27.48 10.42 -13.46
N ALA A 141 -27.75 10.07 -14.71
CA ALA A 141 -28.96 9.31 -15.01
C ALA A 141 -28.85 7.87 -14.54
N VAL A 142 -27.69 7.23 -14.79
CA VAL A 142 -27.53 5.85 -14.36
C VAL A 142 -27.56 5.76 -12.84
N VAL A 143 -27.01 6.77 -12.16
CA VAL A 143 -27.07 6.80 -10.70
C VAL A 143 -28.53 6.88 -10.25
N ALA A 144 -29.31 7.75 -10.88
CA ALA A 144 -30.73 7.83 -10.57
C ALA A 144 -31.44 6.53 -10.94
N LEU A 145 -31.22 6.04 -12.15
CA LEU A 145 -31.90 4.84 -12.61
C LEU A 145 -31.50 3.63 -11.78
N SER A 146 -30.23 3.55 -11.37
CA SER A 146 -29.77 2.42 -10.58
C SER A 146 -30.50 2.30 -9.25
N ARG A 147 -31.30 3.29 -8.87
CA ARG A 147 -32.09 3.20 -7.65
C ARG A 147 -33.38 2.40 -7.84
N LEU A 148 -33.71 2.02 -9.07
CA LEU A 148 -34.90 1.22 -9.35
C LEU A 148 -34.53 -0.13 -9.95
N GLN A 149 -33.38 -0.67 -9.58
CA GLN A 149 -32.93 -1.94 -10.12
C GLN A 149 -33.80 -3.08 -9.60
N GLU A 150 -34.17 -3.99 -10.49
CA GLU A 150 -35.05 -5.11 -10.17
C GLU A 150 -36.19 -4.67 -9.26
N ASN A 157 -33.74 -6.46 -15.25
CA ASN A 157 -33.58 -7.06 -16.56
C ASN A 157 -33.44 -5.98 -17.63
N ASP A 158 -34.58 -5.52 -18.18
CA ASP A 158 -34.55 -4.36 -19.06
C ASP A 158 -33.78 -3.22 -18.40
N VAL A 159 -34.05 -2.99 -17.12
CA VAL A 159 -33.26 -2.06 -16.32
C VAL A 159 -31.79 -2.43 -16.42
N ARG A 160 -31.47 -3.67 -16.03
CA ARG A 160 -30.09 -4.12 -15.95
C ARG A 160 -29.41 -4.11 -17.33
N ASN A 161 -30.05 -4.75 -18.31
CA ASN A 161 -29.41 -4.91 -19.62
C ASN A 161 -28.94 -3.58 -20.19
N ILE A 162 -29.62 -2.48 -19.86
CA ILE A 162 -29.22 -1.18 -20.37
C ILE A 162 -27.91 -0.73 -19.72
N LEU A 163 -27.70 -1.07 -18.46
CA LEU A 163 -26.48 -0.65 -17.78
C LEU A 163 -25.28 -1.43 -18.29
N LEU A 164 -25.41 -2.74 -18.46
CA LEU A 164 -24.38 -3.51 -19.14
C LEU A 164 -24.01 -2.87 -20.47
N PHE A 165 -25.01 -2.32 -21.16
CA PHE A 165 -24.80 -1.81 -22.51
C PHE A 165 -23.96 -0.53 -22.49
N LEU A 166 -24.20 0.36 -21.53
CA LEU A 166 -23.42 1.59 -21.44
C LEU A 166 -22.04 1.30 -20.83
N LEU A 167 -22.02 0.56 -19.72
CA LEU A 167 -20.78 0.11 -19.11
C LEU A 167 -19.82 -0.44 -20.16
N GLN A 168 -20.38 -1.10 -21.17
CA GLN A 168 -19.60 -1.83 -22.16
C GLN A 168 -19.24 -0.99 -23.37
N ASN A 169 -20.08 -0.02 -23.75
CA ASN A 169 -19.89 0.73 -24.98
C ASN A 169 -19.88 2.24 -24.81
N ASP A 170 -20.19 2.76 -23.63
CA ASP A 170 -20.23 4.21 -23.46
C ASP A 170 -18.85 4.80 -23.75
N PRO A 171 -18.75 5.86 -24.56
CA PRO A 171 -17.43 6.43 -24.87
C PRO A 171 -16.82 7.25 -23.75
N SER A 172 -17.58 7.57 -22.71
CA SER A 172 -17.10 8.38 -21.59
C SER A 172 -16.69 7.48 -20.45
N SER A 173 -15.48 7.71 -19.91
CA SER A 173 -14.98 6.88 -18.82
C SER A 173 -15.75 7.14 -17.54
N GLU A 174 -16.02 8.41 -17.22
CA GLU A 174 -16.75 8.73 -16.00
C GLU A 174 -18.12 8.06 -15.99
N VAL A 175 -18.77 7.98 -17.15
CA VAL A 175 -20.07 7.32 -17.21
C VAL A 175 -19.92 5.83 -16.91
N ARG A 176 -19.01 5.17 -17.62
CA ARG A 176 -18.77 3.75 -17.37
C ARG A 176 -18.51 3.50 -15.89
N ARG A 177 -17.69 4.33 -15.27
CA ARG A 177 -17.38 4.14 -13.85
C ARG A 177 -18.62 4.25 -12.99
N SER A 178 -19.51 5.20 -13.31
CA SER A 178 -20.75 5.33 -12.55
C SER A 178 -21.60 4.07 -12.68
N VAL A 179 -21.71 3.53 -13.90
CA VAL A 179 -22.42 2.27 -14.08
C VAL A 179 -21.69 1.15 -13.34
N LEU A 180 -20.36 1.18 -13.41
CA LEU A 180 -19.55 0.14 -12.77
C LEU A 180 -19.72 0.15 -11.25
N LEU A 181 -20.07 1.29 -10.68
CA LEU A 181 -20.13 1.45 -9.23
C LEU A 181 -21.52 1.22 -8.64
N ASN A 182 -22.55 1.11 -9.47
CA ASN A 182 -23.92 0.98 -8.97
C ASN A 182 -24.68 -0.19 -9.55
N ILE A 183 -24.13 -0.92 -10.52
CA ILE A 183 -24.84 -2.05 -11.10
C ILE A 183 -24.83 -3.22 -10.12
N GLU A 184 -25.83 -4.09 -10.27
CA GLU A 184 -25.92 -5.26 -9.41
C GLU A 184 -24.80 -6.23 -9.73
N VAL A 185 -24.37 -6.97 -8.70
CA VAL A 185 -23.27 -7.91 -8.82
C VAL A 185 -23.87 -9.32 -8.82
N SER A 186 -23.77 -9.99 -9.97
CA SER A 186 -24.26 -11.36 -10.11
C SER A 186 -23.61 -11.99 -11.31
N ASN A 187 -23.71 -13.32 -11.38
CA ASN A 187 -23.07 -14.07 -12.46
C ASN A 187 -23.48 -13.55 -13.83
N SER A 188 -24.68 -12.97 -13.93
CA SER A 188 -25.11 -12.38 -15.20
C SER A 188 -24.33 -11.10 -15.48
N THR A 189 -24.18 -10.25 -14.47
CA THR A 189 -23.45 -9.00 -14.61
C THR A 189 -21.96 -9.16 -14.39
N LEU A 190 -21.53 -10.27 -13.79
CA LEU A 190 -20.13 -10.44 -13.43
C LEU A 190 -19.20 -10.39 -14.65
N PRO A 191 -19.43 -11.12 -15.73
CA PRO A 191 -18.48 -11.11 -16.84
C PRO A 191 -18.16 -9.72 -17.37
N PHE A 192 -19.10 -8.78 -17.25
CA PHE A 192 -18.90 -7.46 -17.85
C PHE A 192 -18.09 -6.54 -16.94
N ILE A 193 -18.25 -6.66 -15.62
CA ILE A 193 -17.44 -5.83 -14.72
C ILE A 193 -15.98 -6.27 -14.76
N LEU A 194 -15.74 -7.57 -14.93
CA LEU A 194 -14.37 -8.07 -15.03
C LEU A 194 -13.70 -7.57 -16.30
N GLU A 195 -14.46 -7.46 -17.40
CA GLU A 195 -13.90 -6.87 -18.60
C GLU A 195 -13.36 -5.48 -18.34
N ARG A 196 -13.99 -4.73 -17.42
CA ARG A 196 -13.51 -3.39 -17.12
C ARG A 196 -12.13 -3.40 -16.48
N ALA A 197 -11.71 -4.55 -15.92
CA ALA A 197 -10.33 -4.66 -15.45
C ALA A 197 -9.31 -4.38 -16.54
N ARG A 198 -9.75 -4.33 -17.80
CA ARG A 198 -8.89 -3.90 -18.90
C ARG A 198 -9.43 -2.61 -19.54
N ASP A 199 -10.22 -1.84 -18.81
CA ASP A 199 -10.69 -0.56 -19.31
C ASP A 199 -9.50 0.33 -19.67
N VAL A 200 -9.72 1.25 -20.61
CA VAL A 200 -8.64 2.12 -21.06
C VAL A 200 -8.26 3.09 -19.97
N ASP A 201 -9.21 3.45 -19.10
CA ASP A 201 -8.97 4.41 -18.03
C ASP A 201 -8.49 3.68 -16.78
N ALA A 202 -7.38 4.15 -16.21
CA ALA A 202 -6.81 3.50 -15.03
C ALA A 202 -7.78 3.52 -13.86
N ALA A 203 -8.48 4.63 -13.66
CA ALA A 203 -9.39 4.73 -12.52
C ALA A 203 -10.49 3.69 -12.62
N ASN A 204 -10.99 3.43 -13.83
CA ASN A 204 -12.01 2.40 -13.99
C ASN A 204 -11.47 1.02 -13.67
N ARG A 205 -10.25 0.72 -14.12
CA ARG A 205 -9.61 -0.54 -13.77
C ARG A 205 -9.47 -0.67 -12.26
N LYS A 206 -8.93 0.37 -11.62
CA LYS A 206 -8.73 0.33 -10.17
C LYS A 206 -10.05 0.16 -9.43
N CYS A 207 -11.15 0.69 -9.97
CA CYS A 207 -12.44 0.57 -9.30
C CYS A 207 -12.87 -0.89 -9.20
N VAL A 208 -12.51 -1.72 -10.18
CA VAL A 208 -12.95 -3.11 -10.16
C VAL A 208 -12.35 -3.83 -8.96
N TYR A 209 -11.06 -3.60 -8.70
CA TYR A 209 -10.41 -4.25 -7.57
C TYR A 209 -10.69 -3.53 -6.26
N ALA A 210 -10.87 -2.21 -6.28
CA ALA A 210 -10.95 -1.44 -5.05
C ALA A 210 -12.36 -1.45 -4.45
N ARG A 211 -13.39 -1.44 -5.29
CA ARG A 211 -14.75 -1.28 -4.80
C ARG A 211 -15.69 -2.40 -5.24
N VAL A 212 -15.61 -2.83 -6.50
CA VAL A 212 -16.66 -3.69 -7.04
C VAL A 212 -16.47 -5.12 -6.58
N LEU A 213 -15.25 -5.63 -6.57
CA LEU A 213 -15.00 -7.02 -6.22
C LEU A 213 -15.22 -7.24 -4.72
N PRO A 214 -14.70 -6.36 -3.86
CA PRO A 214 -15.02 -6.49 -2.43
C PRO A 214 -16.48 -6.71 -2.15
N LYS A 215 -17.38 -6.13 -2.96
CA LYS A 215 -18.82 -6.36 -2.76
C LYS A 215 -19.15 -7.83 -2.80
N ILE A 216 -18.41 -8.61 -3.59
CA ILE A 216 -18.55 -10.07 -3.55
C ILE A 216 -17.90 -10.56 -2.27
N GLY A 217 -18.70 -11.21 -1.42
CA GLY A 217 -18.20 -11.58 -0.09
C GLY A 217 -16.95 -12.42 -0.15
N ASP A 218 -16.94 -13.45 -0.98
CA ASP A 218 -15.87 -14.43 -1.02
C ASP A 218 -15.35 -14.60 -2.43
N PHE A 219 -14.03 -14.74 -2.56
CA PHE A 219 -13.43 -14.94 -3.88
C PHE A 219 -13.68 -16.35 -4.41
N ARG A 220 -14.07 -17.29 -3.54
CA ARG A 220 -14.41 -18.63 -4.00
C ARG A 220 -15.65 -18.64 -4.88
N TYR A 221 -16.53 -17.65 -4.75
CA TYR A 221 -17.69 -17.57 -5.62
C TYR A 221 -17.29 -17.61 -7.08
N LEU A 222 -16.11 -17.11 -7.41
CA LEU A 222 -15.64 -17.08 -8.78
C LEU A 222 -15.11 -18.44 -9.21
N SER A 223 -15.20 -18.71 -10.50
CA SER A 223 -14.58 -19.89 -11.05
C SER A 223 -13.06 -19.76 -10.98
N ILE A 224 -12.39 -20.90 -10.87
CA ILE A 224 -10.94 -20.89 -10.73
C ILE A 224 -10.30 -20.10 -11.87
N LYS A 225 -10.84 -20.24 -13.08
CA LYS A 225 -10.29 -19.51 -14.21
C LYS A 225 -10.61 -18.02 -14.15
N LYS A 226 -11.65 -17.63 -13.42
CA LYS A 226 -11.90 -16.22 -13.16
C LYS A 226 -10.92 -15.67 -12.14
N ARG A 227 -10.71 -16.41 -11.05
CA ARG A 227 -9.76 -15.97 -10.02
C ARG A 227 -8.38 -15.70 -10.63
N VAL A 228 -7.94 -16.57 -11.53
CA VAL A 228 -6.60 -16.44 -12.10
C VAL A 228 -6.56 -15.29 -13.10
N ARG A 229 -7.61 -15.14 -13.92
CA ARG A 229 -7.63 -14.07 -14.90
C ARG A 229 -7.62 -12.71 -14.22
N ILE A 230 -8.30 -12.60 -13.07
CA ILE A 230 -8.27 -11.36 -12.31
C ILE A 230 -6.84 -11.01 -11.91
N LEU A 231 -6.19 -11.92 -11.18
CA LEU A 231 -4.86 -11.64 -10.66
C LEU A 231 -3.86 -11.41 -11.79
N LYS A 232 -3.99 -12.16 -12.89
CA LYS A 232 -3.08 -11.97 -14.01
C LYS A 232 -3.15 -10.54 -14.52
N TRP A 233 -4.36 -10.00 -14.68
CA TRP A 233 -4.51 -8.63 -15.16
C TRP A 233 -4.10 -7.63 -14.08
N GLY A 234 -4.59 -7.82 -12.85
CA GLY A 234 -4.35 -6.83 -11.82
C GLY A 234 -2.88 -6.71 -11.46
N LEU A 235 -2.24 -7.83 -11.18
CA LEU A 235 -0.86 -7.80 -10.68
C LEU A 235 0.15 -7.45 -11.76
N ASN A 236 -0.23 -7.50 -13.03
CA ASN A 236 0.65 -7.12 -14.14
C ASN A 236 0.26 -5.77 -14.74
N ASP A 237 -0.67 -5.06 -14.12
CA ASP A 237 -1.19 -3.84 -14.73
C ASP A 237 -0.10 -2.79 -14.87
N ARG A 238 -0.24 -1.96 -15.91
CA ARG A 238 0.78 -0.96 -16.23
C ARG A 238 0.74 0.21 -15.26
N ASP A 239 -0.43 0.50 -14.69
CA ASP A 239 -0.58 1.64 -13.80
C ASP A 239 -0.23 1.25 -12.37
N GLU A 240 0.59 2.07 -11.72
CA GLU A 240 1.05 1.78 -10.37
C GLU A 240 -0.11 1.67 -9.38
N SER A 241 -1.17 2.44 -9.60
CA SER A 241 -2.28 2.45 -8.64
C SER A 241 -3.20 1.24 -8.82
N VAL A 242 -3.54 0.90 -10.07
CA VAL A 242 -4.36 -0.28 -10.32
C VAL A 242 -3.65 -1.52 -9.79
N GLU A 243 -2.35 -1.64 -10.08
CA GLU A 243 -1.58 -2.78 -9.62
C GLU A 243 -1.57 -2.85 -8.09
N LYS A 244 -1.53 -1.69 -7.43
CA LYS A 244 -1.54 -1.66 -5.98
C LYS A 244 -2.90 -2.08 -5.43
N ALA A 245 -3.99 -1.69 -6.10
CA ALA A 245 -5.31 -2.05 -5.63
C ALA A 245 -5.56 -3.54 -5.76
N ALA A 246 -5.04 -4.16 -6.82
CA ALA A 246 -5.20 -5.60 -6.99
C ALA A 246 -4.39 -6.38 -5.97
N ALA A 247 -3.18 -5.88 -5.64
CA ALA A 247 -2.36 -6.54 -4.65
C ALA A 247 -2.97 -6.42 -3.25
N ASP A 248 -3.67 -5.31 -2.98
CA ASP A 248 -4.31 -5.14 -1.67
C ASP A 248 -5.53 -6.02 -1.53
N MET A 249 -6.32 -6.17 -2.61
CA MET A 249 -7.44 -7.09 -2.58
C MET A 249 -6.96 -8.52 -2.35
N LEU A 250 -5.82 -8.86 -2.94
CA LEU A 250 -5.28 -10.20 -2.79
C LEU A 250 -4.70 -10.41 -1.40
N ALA A 251 -4.09 -9.38 -0.83
CA ALA A 251 -3.32 -9.51 0.40
C ALA A 251 -4.11 -9.21 1.66
N TYR A 252 -5.33 -8.68 1.55
CA TYR A 252 -6.08 -8.31 2.74
C TYR A 252 -7.50 -8.87 2.74
N GLN A 253 -8.11 -9.01 1.56
CA GLN A 253 -9.44 -9.59 1.48
C GLN A 253 -9.39 -11.09 1.18
N TRP A 254 -8.76 -11.46 0.06
CA TRP A 254 -8.76 -12.86 -0.36
C TRP A 254 -8.05 -13.74 0.67
N ILE A 255 -6.94 -13.26 1.22
CA ILE A 255 -6.27 -14.01 2.28
C ILE A 255 -7.21 -14.23 3.45
N GLU A 256 -8.15 -13.30 3.67
CA GLU A 256 -9.11 -13.45 4.76
C GLU A 256 -10.08 -14.58 4.49
N ASN A 257 -10.60 -14.68 3.27
CA ASN A 257 -11.49 -15.77 2.91
C ASN A 257 -10.81 -17.12 3.01
N ALA A 258 -9.47 -17.15 2.95
CA ALA A 258 -8.71 -18.39 3.08
C ALA A 258 -8.21 -18.61 4.50
N ASP A 259 -8.88 -18.03 5.50
CA ASP A 259 -8.55 -18.23 6.90
C ASP A 259 -7.13 -17.75 7.22
N ASN A 260 -6.67 -16.72 6.51
CA ASN A 260 -5.33 -16.18 6.70
C ASN A 260 -4.26 -17.25 6.54
N ASN A 261 -4.52 -18.22 5.68
CA ASN A 261 -3.58 -19.32 5.40
C ASN A 261 -3.19 -19.23 3.93
N LEU A 262 -1.97 -18.74 3.67
CA LEU A 262 -1.52 -18.54 2.31
C LEU A 262 -1.60 -19.83 1.50
N LEU A 263 -1.23 -20.96 2.11
CA LEU A 263 -1.33 -22.24 1.42
C LEU A 263 -2.76 -22.55 1.00
N GLU A 264 -3.71 -22.33 1.91
CA GLU A 264 -5.10 -22.61 1.59
C GLU A 264 -5.57 -21.74 0.42
N LEU A 265 -5.09 -20.50 0.35
CA LEU A 265 -5.40 -19.66 -0.80
C LEU A 265 -4.78 -20.24 -2.07
N LEU A 266 -3.52 -20.68 -2.00
CA LEU A 266 -2.86 -21.22 -3.18
C LEU A 266 -3.61 -22.43 -3.73
N GLU A 267 -4.20 -23.24 -2.85
CA GLU A 267 -4.92 -24.42 -3.30
C GLU A 267 -6.16 -24.06 -4.10
N ARG A 268 -6.62 -22.81 -4.04
CA ARG A 268 -7.77 -22.35 -4.80
C ARG A 268 -7.37 -21.66 -6.10
N LEU A 269 -6.13 -21.82 -6.54
CA LEU A 269 -5.65 -21.21 -7.77
C LEU A 269 -5.13 -22.22 -8.78
N ASP A 270 -5.14 -23.51 -8.47
CA ASP A 270 -4.69 -24.55 -9.39
C ASP A 270 -3.31 -24.21 -9.93
N VAL A 271 -2.34 -24.12 -9.00
CA VAL A 271 -1.03 -23.57 -9.33
C VAL A 271 -0.31 -24.43 -10.36
N SER A 272 -0.54 -25.74 -10.37
CA SER A 272 0.13 -26.60 -11.33
C SER A 272 -0.23 -26.23 -12.76
N ASN A 273 -1.43 -25.68 -12.97
CA ASN A 273 -1.86 -25.24 -14.29
C ASN A 273 -1.76 -23.74 -14.48
N ASN A 274 -1.48 -22.98 -13.42
CA ASN A 274 -1.35 -21.54 -13.49
C ASN A 274 -0.12 -21.12 -12.68
N SER A 275 1.04 -21.62 -13.09
CA SER A 275 2.26 -21.42 -12.32
C SER A 275 2.70 -19.96 -12.35
N ASP A 276 2.70 -19.34 -13.52
CA ASP A 276 3.22 -17.98 -13.65
C ASP A 276 2.41 -17.00 -12.79
N VAL A 277 1.08 -17.09 -12.85
CA VAL A 277 0.26 -16.20 -12.06
C VAL A 277 0.42 -16.48 -10.56
N ALA A 278 0.56 -17.76 -10.20
CA ALA A 278 0.68 -18.11 -8.80
C ALA A 278 1.96 -17.56 -8.20
N VAL A 279 3.06 -17.60 -8.94
CA VAL A 279 4.32 -17.02 -8.47
C VAL A 279 4.15 -15.52 -8.25
N LEU A 280 3.61 -14.83 -9.25
CA LEU A 280 3.43 -13.38 -9.15
C LEU A 280 2.56 -13.01 -7.96
N ALA A 281 1.47 -13.77 -7.75
CA ALA A 281 0.61 -13.49 -6.61
C ALA A 281 1.36 -13.59 -5.30
N ILE A 282 2.20 -14.62 -5.16
CA ILE A 282 2.98 -14.78 -3.92
C ILE A 282 3.91 -13.59 -3.74
N LYS A 283 4.63 -13.22 -4.79
CA LYS A 283 5.57 -12.11 -4.70
C LYS A 283 4.85 -10.82 -4.33
N LYS A 284 3.70 -10.57 -4.95
CA LYS A 284 2.97 -9.34 -4.66
C LYS A 284 2.38 -9.36 -3.25
N PHE A 285 1.91 -10.52 -2.79
CA PHE A 285 1.42 -10.63 -1.42
C PHE A 285 2.50 -10.20 -0.43
N PHE A 286 3.74 -10.65 -0.64
CA PHE A 286 4.81 -10.33 0.29
C PHE A 286 5.43 -8.96 0.05
N ASP A 287 5.14 -8.32 -1.09
CA ASP A 287 5.45 -6.91 -1.23
C ASP A 287 4.53 -6.07 -0.37
N VAL A 288 3.27 -6.49 -0.24
CA VAL A 288 2.32 -5.80 0.61
C VAL A 288 2.53 -6.17 2.08
N ARG A 289 2.80 -7.45 2.34
CA ARG A 289 2.89 -7.97 3.70
C ARG A 289 4.31 -8.49 3.93
N VAL A 290 5.29 -7.58 3.96
CA VAL A 290 6.68 -7.99 4.16
C VAL A 290 6.85 -8.64 5.53
N ASP A 291 6.04 -8.23 6.52
CA ASP A 291 6.16 -8.80 7.85
C ASP A 291 5.98 -10.31 7.84
N SER A 292 5.10 -10.81 6.97
CA SER A 292 4.81 -12.24 6.93
C SER A 292 5.98 -13.03 6.37
N LEU A 293 6.79 -12.43 5.51
CA LEU A 293 7.89 -13.15 4.89
C LEU A 293 8.83 -13.74 5.93
N SER A 294 9.09 -12.99 7.01
CA SER A 294 9.96 -13.46 8.07
C SER A 294 9.28 -14.45 9.00
N GLN A 295 8.01 -14.76 8.78
CA GLN A 295 7.26 -15.67 9.62
C GLN A 295 7.11 -17.05 9.02
N LEU A 296 7.62 -17.28 7.81
CA LEU A 296 7.58 -18.60 7.21
C LEU A 296 8.71 -19.46 7.76
N GLU A 297 8.37 -20.70 8.10
CA GLU A 297 9.34 -21.66 8.60
C GLU A 297 9.30 -22.91 7.73
N PHE A 298 10.49 -23.46 7.44
CA PHE A 298 10.64 -24.63 6.58
C PHE A 298 11.39 -25.72 7.34
N PRO A 299 10.75 -26.32 8.34
CA PRO A 299 11.38 -27.43 9.05
C PRO A 299 11.52 -28.65 8.14
N GLU A 300 12.21 -29.66 8.66
CA GLU A 300 12.35 -30.92 7.93
C GLU A 300 10.99 -31.48 7.55
N GLN A 301 10.03 -31.40 8.47
CA GLN A 301 8.66 -31.85 8.17
C GLN A 301 8.14 -31.21 6.89
N PHE A 302 8.42 -29.92 6.69
CA PHE A 302 7.90 -29.22 5.52
C PHE A 302 8.34 -29.91 4.24
N TRP A 303 9.59 -30.36 4.17
CA TRP A 303 10.14 -30.93 2.95
C TRP A 303 9.77 -32.38 2.74
N LEU A 304 9.37 -33.09 3.79
CA LEU A 304 8.96 -34.49 3.66
C LEU A 304 7.50 -34.65 3.31
N GLU A 305 6.70 -33.60 3.48
CA GLU A 305 5.28 -33.61 3.16
C GLU A 305 4.96 -32.56 2.11
N LEU A 306 5.80 -32.45 1.08
CA LEU A 306 5.64 -31.41 0.09
C LEU A 306 4.37 -31.61 -0.74
N THR A 307 3.76 -30.51 -1.11
CA THR A 307 2.61 -30.48 -2.01
C THR A 307 2.94 -29.56 -3.19
N ALA A 308 2.04 -29.50 -4.16
CA ALA A 308 2.22 -28.58 -5.27
C ALA A 308 2.29 -27.14 -4.79
N GLU A 309 1.35 -26.76 -3.91
CA GLU A 309 1.34 -25.40 -3.38
C GLU A 309 2.49 -25.18 -2.40
N SER A 310 2.74 -26.17 -1.54
CA SER A 310 3.82 -26.05 -0.56
C SER A 310 5.17 -25.92 -1.25
N SER A 311 5.39 -26.67 -2.33
CA SER A 311 6.69 -26.61 -3.00
C SER A 311 6.84 -25.31 -3.78
N LEU A 312 5.76 -24.83 -4.40
CA LEU A 312 5.83 -23.57 -5.12
C LEU A 312 6.13 -22.41 -4.17
N LEU A 313 5.59 -22.46 -2.96
CA LEU A 313 5.84 -21.39 -2.00
C LEU A 313 7.31 -21.32 -1.63
N ALA A 314 7.96 -22.47 -1.43
CA ALA A 314 9.38 -22.46 -1.08
C ALA A 314 10.23 -21.93 -2.25
N ARG A 315 9.91 -22.35 -3.46
CA ARG A 315 10.67 -21.90 -4.63
C ARG A 315 10.52 -20.39 -4.82
N THR A 316 9.34 -19.85 -4.56
CA THR A 316 9.13 -18.41 -4.70
C THR A 316 9.78 -17.65 -3.56
N PHE A 317 9.63 -18.14 -2.33
CA PHE A 317 10.31 -17.54 -1.18
C PHE A 317 11.81 -17.45 -1.44
N ASN A 318 12.40 -18.56 -1.92
CA ASN A 318 13.82 -18.55 -2.26
C ASN A 318 14.10 -17.58 -3.38
N GLU A 319 13.18 -17.46 -4.35
CA GLU A 319 13.37 -16.53 -5.45
C GLU A 319 13.35 -15.09 -4.96
N ILE A 320 12.44 -14.76 -4.05
CA ILE A 320 12.36 -13.40 -3.51
C ILE A 320 13.64 -13.05 -2.77
N CYS A 321 14.00 -13.86 -1.78
CA CYS A 321 15.13 -13.53 -0.91
C CYS A 321 16.41 -13.32 -1.70
N ILE A 322 16.61 -14.09 -2.77
CA ILE A 322 17.80 -13.91 -3.60
C ILE A 322 17.76 -12.56 -4.30
N GLU A 323 16.63 -12.23 -4.91
CA GLU A 323 16.49 -10.93 -5.56
C GLU A 323 16.62 -9.80 -4.55
N LYS A 324 15.87 -9.90 -3.44
CA LYS A 324 15.91 -8.89 -2.40
C LYS A 324 17.18 -8.95 -1.56
N ASN A 325 17.98 -10.00 -1.69
CA ASN A 325 19.22 -10.15 -0.93
C ASN A 325 18.94 -10.28 0.56
N TYR A 326 17.87 -11.00 0.90
CA TYR A 326 17.54 -11.31 2.29
C TYR A 326 18.35 -12.56 2.69
N THR A 327 19.64 -12.32 2.96
CA THR A 327 20.57 -13.43 3.17
C THR A 327 20.17 -14.28 4.37
N ASP A 328 19.91 -13.64 5.51
CA ASP A 328 19.53 -14.39 6.70
C ASP A 328 18.27 -15.21 6.46
N LEU A 329 17.36 -14.72 5.61
CA LEU A 329 16.16 -15.48 5.30
C LEU A 329 16.49 -16.70 4.44
N LEU A 330 17.53 -16.62 3.61
CA LEU A 330 17.92 -17.76 2.79
C LEU A 330 18.48 -18.90 3.61
N ASP A 331 18.98 -18.64 4.82
CA ASP A 331 19.47 -19.71 5.67
C ASP A 331 18.40 -20.73 6.00
N LYS A 332 17.13 -20.40 5.77
CA LYS A 332 16.05 -21.34 6.00
C LYS A 332 15.89 -22.33 4.84
N MET A 333 16.46 -22.03 3.69
CA MET A 333 16.44 -22.98 2.59
C MET A 333 17.51 -24.04 2.77
N PRO A 334 17.27 -25.26 2.30
CA PRO A 334 18.16 -26.38 2.64
C PRO A 334 19.43 -26.36 1.82
N GLU A 335 20.43 -27.07 2.34
CA GLU A 335 21.65 -27.30 1.61
C GLU A 335 21.41 -28.30 0.49
N VAL A 336 22.30 -28.28 -0.52
CA VAL A 336 22.11 -29.14 -1.68
C VAL A 336 22.05 -30.60 -1.27
N VAL A 337 22.77 -30.98 -0.21
CA VAL A 337 22.72 -32.37 0.26
C VAL A 337 21.30 -32.74 0.63
N GLN A 338 20.65 -31.92 1.45
CA GLN A 338 19.25 -32.17 1.80
C GLN A 338 18.36 -32.05 0.58
N LEU A 339 18.65 -31.09 -0.30
CA LEU A 339 17.84 -30.89 -1.49
C LEU A 339 17.89 -32.12 -2.38
N THR A 340 19.10 -32.63 -2.64
CA THR A 340 19.24 -33.86 -3.41
C THR A 340 18.40 -34.98 -2.77
N TYR A 341 18.42 -35.06 -1.45
CA TYR A 341 17.62 -36.05 -0.74
C TYR A 341 16.13 -35.80 -0.93
N TYR A 342 15.70 -34.55 -0.81
CA TYR A 342 14.27 -34.23 -0.97
C TYR A 342 13.80 -34.56 -2.38
N ILE A 343 14.63 -34.28 -3.39
CA ILE A 343 14.27 -34.61 -4.76
C ILE A 343 14.13 -36.12 -4.91
N GLU A 344 15.04 -36.89 -4.31
CA GLU A 344 15.04 -38.34 -4.53
C GLU A 344 13.86 -39.00 -3.84
N ARG A 345 13.42 -38.51 -2.67
CA ARG A 345 12.18 -38.99 -2.10
C ARG A 345 11.03 -38.79 -3.07
N GLN A 346 11.03 -37.66 -3.79
CA GLN A 346 9.91 -37.34 -4.67
C GLN A 346 9.90 -38.23 -5.91
N TYR A 347 11.06 -38.69 -6.37
CA TYR A 347 11.10 -39.66 -7.45
C TYR A 347 10.23 -40.87 -7.15
N VAL A 348 10.25 -41.32 -5.89
CA VAL A 348 9.46 -42.49 -5.51
C VAL A 348 7.99 -42.27 -5.84
N SER A 349 7.49 -41.05 -5.58
CA SER A 349 6.09 -40.74 -5.84
C SER A 349 5.74 -40.77 -7.32
N LEU A 350 6.73 -40.79 -8.21
CA LEU A 350 6.44 -40.88 -9.63
C LEU A 350 5.99 -42.27 -10.05
N ARG A 351 6.30 -43.29 -9.25
CA ARG A 351 5.88 -44.65 -9.59
C ARG A 351 4.37 -44.81 -9.44
N ASP A 352 3.79 -44.15 -8.44
CA ASP A 352 2.35 -44.19 -8.23
C ASP A 352 1.70 -43.14 -9.12
N LYS A 353 0.75 -43.56 -9.95
CA LYS A 353 0.15 -42.65 -10.91
C LYS A 353 -0.74 -41.61 -10.25
N SER A 354 -1.41 -41.98 -9.15
CA SER A 354 -2.32 -41.05 -8.50
C SER A 354 -1.61 -39.79 -8.03
N SER A 355 -0.31 -39.88 -7.72
CA SER A 355 0.48 -38.74 -7.30
C SER A 355 1.54 -38.36 -8.33
N TYR A 356 1.32 -38.71 -9.60
CA TYR A 356 2.32 -38.47 -10.63
C TYR A 356 2.37 -37.00 -11.04
N ASP A 357 1.22 -36.42 -11.37
CA ASP A 357 1.20 -35.04 -11.87
C ASP A 357 1.71 -34.07 -10.80
N GLU A 358 1.35 -34.30 -9.53
CA GLU A 358 1.79 -33.40 -8.49
C GLU A 358 3.29 -33.51 -8.26
N SER A 359 3.83 -34.73 -8.30
CA SER A 359 5.25 -34.92 -8.04
C SER A 359 6.10 -34.29 -9.14
N CYS A 360 5.65 -34.33 -10.39
CA CYS A 360 6.34 -33.64 -11.46
C CYS A 360 6.44 -32.15 -11.15
N PHE A 361 5.36 -31.55 -10.66
CA PHE A 361 5.37 -30.14 -10.30
C PHE A 361 6.29 -29.89 -9.12
N ILE A 362 6.26 -30.77 -8.11
CA ILE A 362 7.12 -30.61 -6.93
C ILE A 362 8.59 -30.70 -7.33
N ILE A 363 8.94 -31.73 -8.10
CA ILE A 363 10.32 -31.87 -8.56
C ILE A 363 10.74 -30.64 -9.36
N GLU A 364 9.85 -30.13 -10.20
CA GLU A 364 10.12 -28.92 -10.96
C GLU A 364 10.54 -27.78 -10.03
N GLN A 365 9.79 -27.57 -8.96
CA GLN A 365 10.12 -26.50 -8.02
C GLN A 365 11.48 -26.72 -7.37
N LEU A 366 11.79 -27.97 -7.01
CA LEU A 366 13.05 -28.26 -6.35
C LEU A 366 14.23 -28.03 -7.29
N LEU A 367 14.07 -28.36 -8.56
CA LEU A 367 15.12 -28.08 -9.53
C LEU A 367 15.34 -26.58 -9.69
N TYR A 368 14.27 -25.79 -9.65
CA TYR A 368 14.43 -24.34 -9.71
C TYR A 368 15.22 -23.82 -8.53
N ILE A 369 14.93 -24.32 -7.32
CA ILE A 369 15.72 -23.94 -6.16
C ILE A 369 17.17 -24.34 -6.37
N GLY A 370 17.40 -25.50 -6.96
CA GLY A 370 18.77 -25.95 -7.16
C GLY A 370 19.52 -25.13 -8.19
N LEU A 371 18.82 -24.74 -9.27
CA LEU A 371 19.43 -23.87 -10.27
C LEU A 371 19.81 -22.52 -9.69
N SER A 372 19.17 -22.09 -8.61
CA SER A 372 19.46 -20.79 -8.03
C SER A 372 20.71 -20.80 -7.16
N GLN A 373 21.05 -21.95 -6.57
CA GLN A 373 22.16 -22.01 -5.64
C GLN A 373 23.49 -21.80 -6.37
N ASP A 374 24.41 -21.10 -5.72
CA ASP A 374 25.81 -21.05 -6.14
C ASP A 374 26.56 -21.91 -5.12
N MET A 375 26.72 -23.19 -5.46
CA MET A 375 27.11 -24.21 -4.48
C MET A 375 28.63 -24.32 -4.46
N VAL A 376 29.26 -23.66 -3.49
CA VAL A 376 30.66 -23.88 -3.19
C VAL A 376 30.88 -25.21 -2.49
N ASP A 377 29.81 -25.84 -2.00
CA ASP A 377 29.92 -27.13 -1.33
C ASP A 377 30.23 -28.22 -2.35
N GLU A 378 31.53 -28.43 -2.62
CA GLU A 378 31.94 -29.49 -3.53
C GLU A 378 31.25 -30.80 -3.18
N ILE A 379 31.19 -31.13 -1.89
CA ILE A 379 30.60 -32.39 -1.44
C ILE A 379 29.19 -32.54 -2.01
N GLY A 380 28.34 -31.55 -1.71
CA GLY A 380 26.97 -31.60 -2.18
C GLY A 380 26.84 -31.42 -3.67
N ARG A 381 27.76 -30.68 -4.28
CA ARG A 381 27.80 -30.59 -5.74
C ARG A 381 27.97 -31.96 -6.36
N ARG A 382 28.91 -32.75 -5.84
CA ARG A 382 29.16 -34.08 -6.37
C ARG A 382 27.95 -34.99 -6.15
N LYS A 383 27.29 -34.86 -5.01
CA LYS A 383 26.14 -35.72 -4.74
C LYS A 383 25.02 -35.45 -5.74
N LEU A 384 24.62 -34.19 -5.88
CA LEU A 384 23.54 -33.85 -6.80
C LEU A 384 23.89 -34.25 -8.22
N LEU A 385 25.15 -34.11 -8.61
CA LEU A 385 25.58 -34.54 -9.94
C LEU A 385 25.37 -36.04 -10.12
N LYS A 386 25.75 -36.83 -9.11
CA LYS A 386 25.49 -38.26 -9.17
C LYS A 386 24.01 -38.55 -9.31
N SER A 387 23.19 -37.92 -8.46
CA SER A 387 21.74 -38.13 -8.52
C SER A 387 21.20 -37.81 -9.91
N LEU A 388 21.58 -36.66 -10.46
CA LEU A 388 21.13 -36.29 -11.80
C LEU A 388 21.67 -37.25 -12.84
N THR A 389 22.95 -37.60 -12.74
CA THR A 389 23.53 -38.57 -13.66
C THR A 389 22.78 -39.88 -13.63
N ASN A 390 22.29 -40.29 -12.46
CA ASN A 390 21.55 -41.53 -12.34
C ASN A 390 20.14 -41.41 -12.89
N SER A 391 19.44 -40.34 -12.51
CA SER A 391 18.04 -40.18 -12.91
C SER A 391 17.90 -40.13 -14.42
N LEU A 392 18.88 -39.52 -15.11
CA LEU A 392 18.80 -39.43 -16.57
C LEU A 392 19.16 -40.76 -17.22
N SER A 393 19.99 -41.57 -16.56
CA SER A 393 20.45 -42.81 -17.15
C SER A 393 19.45 -43.95 -16.98
N THR A 394 18.69 -43.96 -15.89
CA THR A 394 17.84 -45.10 -15.56
C THR A 394 16.35 -44.78 -15.62
N MET A 395 15.93 -43.62 -15.12
CA MET A 395 14.52 -43.31 -15.04
C MET A 395 13.98 -42.84 -16.38
N ALA A 396 12.67 -42.62 -16.43
CA ALA A 396 11.98 -42.13 -17.62
C ALA A 396 11.21 -40.87 -17.23
N LEU A 397 11.94 -39.78 -17.03
CA LEU A 397 11.31 -38.53 -16.67
C LEU A 397 10.51 -38.00 -17.85
N PRO A 398 9.47 -37.19 -17.59
CA PRO A 398 8.73 -36.58 -18.70
C PRO A 398 9.54 -35.51 -19.38
N ASP A 399 9.11 -35.16 -20.60
CA ASP A 399 9.82 -34.14 -21.36
C ASP A 399 9.91 -32.83 -20.60
N SER A 400 8.95 -32.56 -19.72
CA SER A 400 8.95 -31.31 -18.97
C SER A 400 10.16 -31.21 -18.05
N LEU A 401 10.47 -32.30 -17.32
CA LEU A 401 11.56 -32.27 -16.36
C LEU A 401 12.91 -32.54 -16.99
N ILE A 402 12.95 -33.16 -18.17
CA ILE A 402 14.23 -33.45 -18.82
C ILE A 402 15.07 -32.18 -18.95
N SER A 403 14.44 -31.08 -19.38
CA SER A 403 15.19 -29.86 -19.65
C SER A 403 15.82 -29.31 -18.38
N LEU A 404 15.03 -29.21 -17.31
CA LEU A 404 15.57 -28.69 -16.05
C LEU A 404 16.65 -29.60 -15.48
N HIS A 405 16.53 -30.92 -15.66
CA HIS A 405 17.56 -31.83 -15.21
C HIS A 405 18.86 -31.57 -15.95
N ILE A 406 18.80 -31.49 -17.28
CA ILE A 406 20.01 -31.29 -18.07
C ILE A 406 20.55 -29.88 -17.88
N GLU A 407 19.66 -28.90 -17.65
CA GLU A 407 20.12 -27.55 -17.38
C GLU A 407 20.86 -27.48 -16.05
N LEU A 408 20.32 -28.15 -15.02
CA LEU A 408 21.00 -28.19 -13.73
C LEU A 408 22.28 -28.99 -13.80
N LEU A 409 22.32 -30.03 -14.63
CA LEU A 409 23.55 -30.77 -14.84
C LEU A 409 24.65 -29.85 -15.36
N ARG A 410 24.36 -29.09 -16.42
CA ARG A 410 25.32 -28.13 -16.94
C ARG A 410 25.86 -27.22 -15.85
N LYS A 411 24.98 -26.72 -14.99
CA LYS A 411 25.39 -25.80 -13.94
C LYS A 411 26.38 -26.45 -12.98
N LEU A 412 26.27 -27.76 -12.76
CA LEU A 412 27.16 -28.44 -11.82
C LEU A 412 28.50 -28.79 -12.46
N CYS A 413 28.49 -29.15 -13.74
CA CYS A 413 29.74 -29.47 -14.42
C CYS A 413 30.69 -28.28 -14.37
N SER A 414 31.99 -28.58 -14.37
CA SER A 414 33.00 -27.54 -14.27
C SER A 414 33.14 -26.75 -15.57
N SER A 415 32.77 -27.33 -16.71
CA SER A 415 32.91 -26.66 -17.99
C SER A 415 31.99 -27.33 -19.01
N GLU A 416 31.86 -26.69 -20.17
CA GLU A 416 31.06 -27.27 -21.25
C GLU A 416 31.60 -28.61 -21.69
N ASN A 417 32.92 -28.79 -21.66
CA ASN A 417 33.51 -30.04 -22.14
C ASN A 417 33.12 -31.21 -21.24
N ASP A 418 33.25 -31.03 -19.92
CA ASP A 418 32.80 -32.08 -19.00
C ASP A 418 31.31 -32.33 -19.13
N PHE A 419 30.53 -31.29 -19.46
CA PHE A 419 29.10 -31.46 -19.63
C PHE A 419 28.78 -32.27 -20.89
N CYS A 420 29.50 -32.02 -21.98
CA CYS A 420 29.31 -32.82 -23.18
C CYS A 420 29.76 -34.25 -22.96
N SER A 421 30.94 -34.44 -22.37
CA SER A 421 31.42 -35.78 -22.07
C SER A 421 30.40 -36.56 -21.24
N LEU A 422 29.99 -36.00 -20.11
CA LEU A 422 29.04 -36.69 -19.24
C LEU A 422 27.74 -36.97 -19.97
N LEU A 423 27.15 -35.96 -20.60
CA LEU A 423 25.83 -36.13 -21.18
C LEU A 423 25.86 -37.06 -22.39
N VAL A 424 27.00 -37.14 -23.09
CA VAL A 424 27.14 -38.12 -24.16
C VAL A 424 27.20 -39.53 -23.58
N GLU A 425 27.92 -39.71 -22.46
CA GLU A 425 27.93 -41.00 -21.80
C GLU A 425 26.51 -41.42 -21.42
N ILE A 426 25.77 -40.52 -20.80
CA ILE A 426 24.38 -40.82 -20.44
C ILE A 426 23.58 -41.21 -21.68
N ILE A 427 23.67 -40.39 -22.73
CA ILE A 427 22.88 -40.65 -23.94
C ILE A 427 23.22 -42.02 -24.51
N THR A 428 24.50 -42.40 -24.47
CA THR A 428 24.89 -43.70 -25.02
C THR A 428 24.28 -44.84 -24.21
N GLU A 429 24.28 -44.72 -22.87
CA GLU A 429 23.73 -45.77 -22.04
C GLU A 429 22.24 -45.92 -22.25
N VAL A 430 21.50 -44.80 -22.29
CA VAL A 430 20.08 -44.86 -22.57
C VAL A 430 19.84 -45.41 -23.97
N PHE A 431 20.77 -45.19 -24.88
CA PHE A 431 20.63 -45.72 -26.23
C PHE A 431 20.88 -47.21 -26.29
N GLU A 432 21.78 -47.73 -25.45
CA GLU A 432 22.03 -49.16 -25.41
C GLU A 432 20.81 -49.92 -24.90
N GLN A 433 20.13 -49.38 -23.89
CA GLN A 433 18.93 -50.03 -23.37
C GLN A 433 17.97 -50.41 -24.49
N GLY A 434 17.55 -49.41 -25.28
CA GLY A 434 16.56 -49.66 -26.32
C GLY A 434 16.97 -50.68 -27.35
N HIS A 435 18.27 -50.99 -27.44
CA HIS A 435 18.77 -51.91 -28.45
C HIS A 435 19.34 -53.17 -27.80
N ALA A 456 11.45 -46.31 -30.64
CA ALA A 456 10.42 -45.28 -30.70
C ALA A 456 10.49 -44.39 -29.46
N PHE A 457 9.84 -44.81 -28.38
CA PHE A 457 9.92 -44.05 -27.13
C PHE A 457 11.37 -43.85 -26.71
N ASN A 458 12.21 -44.87 -26.89
CA ASN A 458 13.60 -44.78 -26.49
C ASN A 458 14.35 -43.75 -27.33
N GLU A 459 14.18 -43.82 -28.65
CA GLU A 459 14.90 -42.89 -29.52
C GLU A 459 14.46 -41.46 -29.29
N LEU A 460 13.15 -41.24 -29.09
CA LEU A 460 12.68 -39.89 -28.84
C LEU A 460 13.23 -39.33 -27.54
N ARG A 461 13.41 -40.18 -26.53
CA ARG A 461 14.05 -39.71 -25.30
C ARG A 461 15.50 -39.36 -25.53
N CYS A 462 16.20 -40.15 -26.34
CA CYS A 462 17.59 -39.86 -26.65
C CYS A 462 17.70 -38.52 -27.35
N LEU A 463 16.94 -38.32 -28.42
CA LEU A 463 16.96 -37.06 -29.15
C LEU A 463 16.60 -35.89 -28.24
N SER A 464 15.69 -36.10 -27.29
CA SER A 464 15.40 -35.06 -26.32
C SER A 464 16.61 -34.74 -25.46
N TYR A 465 17.46 -35.73 -25.17
CA TYR A 465 18.71 -35.46 -24.47
C TYR A 465 19.69 -34.75 -25.37
N VAL A 466 19.73 -35.13 -26.65
CA VAL A 466 20.58 -34.44 -27.61
C VAL A 466 20.14 -32.99 -27.76
N GLN A 467 18.83 -32.77 -27.84
CA GLN A 467 18.30 -31.42 -28.00
C GLN A 467 18.74 -30.54 -26.83
N CYS A 468 18.60 -31.03 -25.59
CA CYS A 468 18.97 -30.25 -24.43
C CYS A 468 20.48 -30.06 -24.35
N LEU A 469 21.25 -30.98 -24.91
CA LEU A 469 22.71 -30.85 -24.88
C LEU A 469 23.15 -29.60 -25.64
N PHE A 470 22.74 -29.48 -26.90
CA PHE A 470 23.12 -28.34 -27.72
C PHE A 470 22.37 -27.07 -27.36
N GLU A 471 21.35 -27.15 -26.52
CA GLU A 471 20.72 -25.95 -25.97
C GLU A 471 21.55 -25.30 -24.87
N ASN A 472 22.48 -26.04 -24.27
CA ASN A 472 23.20 -25.58 -23.09
C ASN A 472 24.68 -25.33 -23.34
N ILE A 473 25.11 -25.29 -24.60
CA ILE A 473 26.48 -24.91 -24.93
C ILE A 473 26.42 -23.76 -25.93
N THR A 474 27.53 -23.01 -25.98
CA THR A 474 27.56 -21.77 -26.73
C THR A 474 28.59 -21.74 -27.85
N SER A 475 29.60 -22.60 -27.83
CA SER A 475 30.62 -22.62 -28.87
C SER A 475 30.99 -24.06 -29.19
N SER A 476 31.54 -24.26 -30.38
CA SER A 476 31.91 -25.59 -30.85
C SER A 476 33.34 -25.95 -30.52
N LEU A 477 34.04 -25.14 -29.75
CA LEU A 477 35.44 -25.40 -29.44
C LEU A 477 35.55 -26.62 -28.54
N ASN A 478 36.46 -27.53 -28.89
CA ASN A 478 36.84 -28.69 -28.09
C ASN A 478 35.79 -29.79 -28.07
N GLU A 479 34.75 -29.69 -28.90
CA GLU A 479 33.69 -30.70 -28.91
C GLU A 479 33.35 -31.16 -30.32
N ASN A 480 34.28 -30.99 -31.27
CA ASN A 480 34.06 -31.52 -32.61
C ASN A 480 33.68 -32.99 -32.56
N LEU A 481 34.41 -33.78 -31.78
CA LEU A 481 34.20 -35.22 -31.76
C LEU A 481 32.83 -35.57 -31.18
N TYR A 482 32.40 -34.87 -30.14
CA TYR A 482 31.07 -35.12 -29.60
C TYR A 482 30.00 -34.79 -30.63
N MET A 483 30.18 -33.71 -31.39
CA MET A 483 29.21 -33.35 -32.42
C MET A 483 29.16 -34.38 -33.53
N VAL A 484 30.31 -34.68 -34.14
CA VAL A 484 30.34 -35.65 -35.22
C VAL A 484 29.72 -36.96 -34.77
N ASP A 485 29.88 -37.30 -33.48
CA ASP A 485 29.27 -38.50 -32.95
C ASP A 485 27.75 -38.38 -32.91
N MET A 486 27.23 -37.35 -32.25
CA MET A 486 25.78 -37.18 -32.18
C MET A 486 25.17 -37.07 -33.58
N LEU A 487 25.88 -36.44 -34.51
CA LEU A 487 25.39 -36.34 -35.88
C LEU A 487 25.29 -37.71 -36.52
N LYS A 488 26.40 -38.46 -36.53
CA LYS A 488 26.41 -39.76 -37.20
C LYS A 488 25.49 -40.76 -36.50
N THR A 489 25.45 -40.74 -35.17
CA THR A 489 24.77 -41.80 -34.45
C THR A 489 23.28 -41.55 -34.31
N LEU A 490 22.84 -40.30 -34.21
CA LEU A 490 21.45 -40.03 -33.86
C LEU A 490 20.76 -39.04 -34.78
N ILE A 491 21.36 -37.85 -34.97
CA ILE A 491 20.65 -36.76 -35.65
C ILE A 491 20.38 -37.12 -37.10
N ILE A 492 21.42 -37.44 -37.86
CA ILE A 492 21.22 -37.78 -39.27
C ILE A 492 20.31 -38.99 -39.42
N PRO A 493 20.53 -40.10 -38.73
CA PRO A 493 19.55 -41.21 -38.80
C PRO A 493 18.13 -40.76 -38.50
N ALA A 494 17.95 -39.85 -37.55
CA ALA A 494 16.62 -39.35 -37.22
C ALA A 494 16.07 -38.50 -38.37
N VAL A 495 16.90 -37.64 -38.95
CA VAL A 495 16.44 -36.79 -40.04
C VAL A 495 16.00 -37.64 -41.23
N ARG A 496 16.61 -38.81 -41.43
CA ARG A 496 16.25 -39.69 -42.53
C ARG A 496 15.16 -40.69 -42.17
N SER A 497 14.71 -40.71 -40.92
CA SER A 497 13.71 -41.68 -40.50
C SER A 497 12.39 -41.43 -41.22
N HIS A 498 11.70 -42.52 -41.58
CA HIS A 498 10.37 -42.42 -42.14
C HIS A 498 9.30 -42.17 -41.07
N ASP A 499 9.65 -42.35 -39.80
CA ASP A 499 8.72 -42.06 -38.72
C ASP A 499 8.64 -40.55 -38.51
N LEU A 500 7.46 -39.99 -38.68
CA LEU A 500 7.32 -38.53 -38.68
C LEU A 500 7.79 -37.90 -37.39
N PRO A 501 7.43 -38.38 -36.20
CA PRO A 501 7.89 -37.70 -34.97
C PRO A 501 9.40 -37.67 -34.83
N ILE A 502 10.08 -38.76 -35.20
CA ILE A 502 11.54 -38.81 -35.09
C ILE A 502 12.17 -37.83 -36.06
N ARG A 503 11.66 -37.76 -37.29
CA ARG A 503 12.21 -36.84 -38.27
C ARG A 503 12.09 -35.40 -37.80
N GLU A 504 10.93 -35.03 -37.26
CA GLU A 504 10.76 -33.67 -36.76
C GLU A 504 11.71 -33.38 -35.60
N LYS A 505 11.87 -34.34 -34.69
CA LYS A 505 12.78 -34.15 -33.56
C LYS A 505 14.23 -34.10 -34.04
N GLY A 506 14.56 -34.90 -35.06
CA GLY A 506 15.92 -34.88 -35.58
C GLY A 506 16.28 -33.54 -36.21
N LEU A 507 15.31 -32.90 -36.87
CA LEU A 507 15.58 -31.61 -37.50
C LEU A 507 15.80 -30.52 -36.45
N GLU A 508 15.00 -30.53 -35.39
CA GLU A 508 15.24 -29.58 -34.30
C GLU A 508 16.63 -29.77 -33.71
N CYS A 509 17.09 -31.01 -33.60
CA CYS A 509 18.44 -31.26 -33.11
C CYS A 509 19.48 -30.77 -34.11
N LEU A 510 19.25 -31.02 -35.39
CA LEU A 510 20.18 -30.56 -36.42
C LEU A 510 20.28 -29.03 -36.40
N SER A 511 19.17 -28.35 -36.19
CA SER A 511 19.17 -26.89 -36.17
C SER A 511 20.10 -26.36 -35.08
N LEU A 512 20.02 -26.93 -33.88
CA LEU A 512 20.81 -26.44 -32.76
C LEU A 512 22.30 -26.67 -32.99
N VAL A 513 22.66 -27.68 -33.78
CA VAL A 513 24.06 -27.90 -34.10
C VAL A 513 24.52 -26.87 -35.12
N CYS A 514 23.64 -26.46 -36.02
CA CYS A 514 23.98 -25.44 -37.00
C CYS A 514 24.27 -24.09 -36.33
N LEU A 515 23.66 -23.84 -35.17
CA LEU A 515 23.94 -22.61 -34.43
C LEU A 515 25.32 -22.61 -33.80
N LEU A 516 26.06 -23.72 -33.88
CA LEU A 516 27.40 -23.80 -33.32
C LEU A 516 28.50 -23.76 -34.37
N ASN A 517 28.16 -24.00 -35.64
CA ASN A 517 29.14 -23.97 -36.72
C ASN A 517 28.53 -23.28 -37.92
N ALA A 518 29.17 -22.19 -38.36
CA ALA A 518 28.62 -21.40 -39.46
C ALA A 518 28.68 -22.16 -40.78
N ASP A 519 29.77 -22.89 -41.02
CA ASP A 519 29.88 -23.64 -42.28
C ASP A 519 28.84 -24.75 -42.34
N LEU A 520 28.56 -25.39 -41.20
CA LEU A 520 27.51 -26.41 -41.18
C LEU A 520 26.14 -25.77 -41.36
N ALA A 521 25.92 -24.61 -40.73
CA ALA A 521 24.69 -23.86 -40.98
C ALA A 521 24.50 -23.58 -42.45
N PHE A 522 25.56 -23.05 -43.10
CA PHE A 522 25.46 -22.73 -44.52
C PHE A 522 25.21 -23.97 -45.37
N GLU A 523 25.82 -25.08 -45.00
CA GLU A 523 25.67 -26.31 -45.77
C GLU A 523 24.25 -26.86 -45.71
N ASN A 524 23.48 -26.50 -44.69
CA ASN A 524 22.15 -27.05 -44.49
C ASN A 524 21.03 -26.06 -44.80
N VAL A 525 21.35 -24.84 -45.20
CA VAL A 525 20.31 -23.90 -45.63
C VAL A 525 19.42 -24.52 -46.71
N PRO A 526 19.97 -25.13 -47.77
CA PRO A 526 19.08 -25.73 -48.79
C PRO A 526 18.07 -26.70 -48.20
N LEU A 527 18.47 -27.48 -47.20
CA LEU A 527 17.56 -28.44 -46.60
C LEU A 527 16.36 -27.73 -45.95
N TYR A 528 16.63 -26.71 -45.14
CA TYR A 528 15.56 -26.02 -44.46
C TYR A 528 14.70 -25.17 -45.40
N LEU A 529 15.22 -24.81 -46.57
CA LEU A 529 14.36 -24.22 -47.60
C LEU A 529 13.46 -25.28 -48.22
N HIS A 530 14.01 -26.48 -48.46
CA HIS A 530 13.19 -27.59 -48.94
C HIS A 530 12.15 -27.98 -47.90
N CYS A 531 12.44 -27.78 -46.62
CA CYS A 531 11.46 -28.09 -45.57
C CYS A 531 10.27 -27.15 -45.66
N TYR A 532 10.51 -25.89 -46.02
CA TYR A 532 9.41 -24.92 -46.00
C TYR A 532 8.44 -25.14 -47.15
N GLU A 533 8.96 -25.32 -48.37
CA GLU A 533 8.08 -25.37 -49.54
C GLU A 533 7.30 -26.68 -49.58
N LYS A 534 7.97 -27.81 -49.35
CA LYS A 534 7.34 -29.12 -49.49
C LYS A 534 6.96 -29.75 -48.16
N GLY A 535 7.15 -29.05 -47.04
CA GLY A 535 6.89 -29.60 -45.73
C GLY A 535 5.56 -29.13 -45.14
N SER A 536 5.20 -29.77 -44.04
CA SER A 536 3.98 -29.42 -43.34
C SER A 536 4.14 -28.09 -42.62
N VAL A 537 3.06 -27.63 -41.98
CA VAL A 537 3.11 -26.37 -41.23
C VAL A 537 4.13 -26.48 -40.10
N VAL A 538 4.13 -27.61 -39.38
CA VAL A 538 5.11 -27.80 -38.31
C VAL A 538 6.52 -27.69 -38.87
N LEU A 539 6.73 -28.17 -40.09
CA LEU A 539 8.06 -28.12 -40.69
C LEU A 539 8.38 -26.71 -41.18
N LYS A 540 7.37 -26.00 -41.69
CA LYS A 540 7.59 -24.60 -42.07
C LYS A 540 8.02 -23.77 -40.87
N CYS A 541 7.38 -23.99 -39.71
CA CYS A 541 7.77 -23.26 -38.52
C CYS A 541 9.19 -23.61 -38.08
N THR A 542 9.62 -24.86 -38.31
CA THR A 542 10.99 -25.23 -37.98
C THR A 542 11.98 -24.53 -38.88
N ALA A 543 11.62 -24.36 -40.17
CA ALA A 543 12.49 -23.66 -41.10
C ALA A 543 12.65 -22.20 -40.72
N ILE A 544 11.54 -21.52 -40.41
CA ILE A 544 11.59 -20.10 -40.08
C ILE A 544 12.48 -19.86 -38.87
N ARG A 545 12.29 -20.65 -37.81
CA ARG A 545 13.10 -20.48 -36.61
C ARG A 545 14.56 -20.77 -36.90
N THR A 546 14.84 -21.83 -37.65
CA THR A 546 16.22 -22.22 -37.90
C THR A 546 16.94 -21.16 -38.73
N LEU A 547 16.37 -20.80 -39.88
CA LEU A 547 17.02 -19.81 -40.74
C LEU A 547 17.15 -18.47 -40.04
N THR A 548 16.14 -18.07 -39.27
CA THR A 548 16.23 -16.81 -38.55
C THR A 548 17.34 -16.84 -37.51
N ASP A 549 17.47 -17.96 -36.79
CA ASP A 549 18.50 -18.05 -35.76
C ASP A 549 19.89 -18.18 -36.36
N MET A 550 20.02 -18.84 -37.50
CA MET A 550 21.33 -18.91 -38.16
C MET A 550 21.80 -17.53 -38.58
N LEU A 551 20.89 -16.68 -39.05
CA LEU A 551 21.26 -15.31 -39.42
C LEU A 551 21.69 -14.51 -38.19
N ILE A 552 20.88 -14.53 -37.15
CA ILE A 552 21.19 -13.78 -35.93
C ILE A 552 22.48 -14.28 -35.31
N GLN A 553 22.66 -15.60 -35.26
CA GLN A 553 23.83 -16.18 -34.61
C GLN A 553 25.08 -15.96 -35.45
N HIS A 554 25.04 -16.39 -36.71
CA HIS A 554 26.25 -16.44 -37.53
C HIS A 554 26.50 -15.17 -38.33
N GLY A 555 25.49 -14.34 -38.52
CA GLY A 555 25.67 -13.08 -39.21
C GLY A 555 24.93 -13.04 -40.53
N LYS A 556 24.74 -11.82 -41.03
CA LYS A 556 23.99 -11.59 -42.26
C LYS A 556 24.83 -11.94 -43.49
N ALA A 557 26.12 -11.59 -43.47
CA ALA A 557 26.95 -11.71 -44.66
C ALA A 557 27.21 -13.16 -45.05
N LYS A 558 27.08 -14.11 -44.12
CA LYS A 558 27.41 -15.49 -44.43
C LYS A 558 26.43 -16.10 -45.42
N PHE A 559 25.18 -15.61 -45.46
CA PHE A 559 24.12 -16.27 -46.21
C PHE A 559 23.59 -15.42 -47.35
N THR A 560 24.37 -14.47 -47.85
CA THR A 560 23.88 -13.58 -48.91
C THR A 560 23.56 -14.33 -50.19
N GLU A 561 24.11 -15.53 -50.38
CA GLU A 561 23.76 -16.32 -51.55
C GLU A 561 22.31 -16.78 -51.49
N TYR A 562 21.79 -16.97 -50.28
CA TYR A 562 20.42 -17.42 -50.07
C TYR A 562 19.51 -16.28 -49.62
N GLU A 563 19.95 -15.04 -49.81
CA GLU A 563 19.20 -13.88 -49.32
C GLU A 563 17.78 -13.86 -49.88
N ASP A 564 17.64 -14.10 -51.18
CA ASP A 564 16.32 -14.01 -51.80
C ASP A 564 15.44 -15.19 -51.41
N ALA A 565 16.04 -16.38 -51.26
CA ALA A 565 15.26 -17.56 -50.89
C ALA A 565 14.74 -17.46 -49.47
N ILE A 566 15.56 -16.92 -48.55
CA ILE A 566 15.13 -16.78 -47.16
C ILE A 566 14.07 -15.70 -47.05
N SER A 567 14.30 -14.55 -47.70
CA SER A 567 13.30 -13.49 -47.69
C SER A 567 11.99 -13.99 -48.28
N SER A 568 12.05 -14.85 -49.29
CA SER A 568 10.83 -15.38 -49.90
C SER A 568 9.97 -16.10 -48.88
N ILE A 569 10.55 -17.06 -48.14
CA ILE A 569 9.75 -17.82 -47.19
C ILE A 569 9.26 -16.92 -46.07
N LEU A 570 10.02 -15.88 -45.72
CA LEU A 570 9.56 -14.91 -44.73
C LEU A 570 8.36 -14.13 -45.24
N PHE A 571 8.36 -13.78 -46.53
CA PHE A 571 7.18 -13.14 -47.12
C PHE A 571 6.01 -14.10 -47.15
N GLU A 572 6.21 -15.30 -47.67
CA GLU A 572 5.14 -16.27 -47.78
C GLU A 572 4.51 -16.56 -46.42
N ALA A 573 5.36 -16.76 -45.41
CA ALA A 573 4.84 -17.02 -44.06
C ALA A 573 3.97 -15.87 -43.58
N LEU A 574 4.45 -14.64 -43.76
CA LEU A 574 3.72 -13.48 -43.26
C LEU A 574 2.37 -13.30 -43.94
N GLY A 575 2.20 -13.82 -45.15
CA GLY A 575 0.95 -13.71 -45.87
C GLY A 575 -0.03 -14.84 -45.65
N GLU A 576 0.31 -15.82 -44.82
CA GLU A 576 -0.58 -16.95 -44.57
C GLU A 576 -1.47 -16.66 -43.35
N PHE A 577 -2.42 -15.76 -43.57
CA PHE A 577 -3.43 -15.49 -42.55
C PHE A 577 -4.28 -16.71 -42.24
N GLU A 578 -4.14 -17.78 -43.01
CA GLU A 578 -4.83 -19.04 -42.71
C GLU A 578 -4.24 -19.70 -41.47
N ASN A 579 -2.92 -19.60 -41.30
CA ASN A 579 -2.21 -20.23 -40.19
C ASN A 579 -1.75 -19.13 -39.23
N ALA A 580 -2.56 -18.87 -38.20
CA ALA A 580 -2.22 -17.85 -37.23
C ALA A 580 -0.85 -18.09 -36.62
N GLU A 581 -0.52 -19.35 -36.33
CA GLU A 581 0.76 -19.65 -35.70
C GLU A 581 1.92 -19.40 -36.66
N LEU A 582 1.81 -19.89 -37.89
CA LEU A 582 2.86 -19.69 -38.87
C LEU A 582 2.99 -18.21 -39.23
N GLN A 583 1.85 -17.55 -39.47
CA GLN A 583 1.88 -16.13 -39.79
C GLN A 583 2.54 -15.34 -38.67
N THR A 584 2.12 -15.58 -37.44
CA THR A 584 2.74 -14.90 -36.30
C THR A 584 4.23 -15.15 -36.24
N LEU A 585 4.67 -16.31 -36.72
CA LEU A 585 6.09 -16.65 -36.64
C LEU A 585 6.89 -15.88 -37.67
N GLY A 586 6.43 -15.85 -38.92
CA GLY A 586 7.07 -15.03 -39.92
C GLY A 586 7.15 -13.57 -39.49
N ALA A 587 6.04 -13.04 -38.97
CA ALA A 587 6.04 -11.67 -38.48
C ALA A 587 7.09 -11.48 -37.39
N GLU A 588 7.17 -12.42 -36.45
CA GLU A 588 8.15 -12.30 -35.37
C GLU A 588 9.57 -12.39 -35.89
N ALA A 589 9.83 -13.33 -36.81
CA ALA A 589 11.16 -13.49 -37.36
C ALA A 589 11.63 -12.19 -38.05
N ILE A 590 10.77 -11.63 -38.90
CA ILE A 590 11.10 -10.37 -39.57
C ILE A 590 11.42 -9.30 -38.53
N ALA A 591 10.59 -9.21 -37.49
CA ALA A 591 10.77 -8.17 -36.49
C ALA A 591 12.16 -8.21 -35.87
N LYS A 592 12.61 -9.41 -35.46
CA LYS A 592 13.91 -9.49 -34.81
C LYS A 592 15.06 -9.36 -35.80
N LEU A 593 14.88 -9.83 -37.04
CA LEU A 593 15.91 -9.62 -38.05
C LEU A 593 16.13 -8.13 -38.33
N LEU A 594 15.06 -7.33 -38.26
CA LEU A 594 15.20 -5.89 -38.49
C LEU A 594 15.91 -5.22 -37.33
N VAL A 595 15.44 -5.45 -36.09
CA VAL A 595 16.02 -4.79 -34.94
C VAL A 595 17.45 -5.26 -34.70
N ILE A 596 17.69 -6.56 -34.81
CA ILE A 596 19.00 -7.11 -34.46
C ILE A 596 20.00 -6.89 -35.58
N LEU A 597 19.59 -7.17 -36.82
CA LEU A 597 20.50 -7.22 -37.95
C LEU A 597 20.34 -6.09 -38.95
N HIS A 598 19.23 -5.36 -38.92
CA HIS A 598 18.86 -4.46 -40.03
C HIS A 598 18.90 -5.24 -41.35
N TYR A 599 18.04 -6.26 -41.40
CA TYR A 599 18.02 -7.21 -42.51
C TYR A 599 17.03 -6.75 -43.55
N ARG A 600 17.49 -5.92 -44.48
CA ARG A 600 16.67 -5.46 -45.60
C ARG A 600 15.42 -4.74 -45.10
N ASP A 601 15.60 -3.83 -44.15
CA ASP A 601 14.47 -3.15 -43.52
C ASP A 601 13.51 -2.62 -44.58
N GLU A 602 14.05 -1.86 -45.54
CA GLU A 602 13.23 -1.24 -46.58
C GLU A 602 12.31 -2.25 -47.23
N LEU A 603 12.82 -3.45 -47.52
CA LEU A 603 12.06 -4.43 -48.27
C LEU A 603 10.93 -5.02 -47.43
N PHE A 604 11.16 -5.21 -46.13
CA PHE A 604 10.17 -5.83 -45.26
C PHE A 604 9.27 -4.82 -44.56
N LEU A 605 9.77 -3.59 -44.36
CA LEU A 605 9.02 -2.62 -43.58
C LEU A 605 7.63 -2.36 -44.18
N LYS A 606 7.52 -2.34 -45.51
CA LYS A 606 6.23 -2.08 -46.13
C LYS A 606 5.31 -3.30 -46.04
N PRO A 607 5.71 -4.50 -46.45
CA PRO A 607 4.84 -5.67 -46.21
C PRO A 607 4.45 -5.85 -44.75
N LEU A 608 5.33 -5.51 -43.81
CA LEU A 608 4.98 -5.64 -42.40
C LEU A 608 3.84 -4.70 -42.03
N ILE A 609 3.95 -3.43 -42.39
CA ILE A 609 2.94 -2.45 -42.03
C ILE A 609 1.60 -2.82 -42.66
N ILE A 610 1.62 -3.29 -43.91
CA ILE A 610 0.38 -3.65 -44.59
C ILE A 610 -0.31 -4.78 -43.84
N GLN A 611 0.41 -5.89 -43.63
CA GLN A 611 -0.18 -7.04 -42.93
C GLN A 611 -0.65 -6.65 -41.54
N TYR A 612 0.15 -5.85 -40.83
CA TYR A 612 -0.20 -5.45 -39.48
C TYR A 612 -1.55 -4.75 -39.43
N PHE A 613 -1.87 -3.94 -40.45
CA PHE A 613 -3.12 -3.22 -40.52
C PHE A 613 -4.15 -3.89 -41.42
N GLU A 614 -3.81 -5.01 -42.05
CA GLU A 614 -4.70 -5.61 -43.03
C GLU A 614 -5.91 -6.22 -42.34
N PRO A 615 -7.11 -6.09 -42.92
CA PRO A 615 -8.30 -6.68 -42.27
C PRO A 615 -8.26 -8.20 -42.19
N ASN A 616 -7.70 -8.89 -43.19
CA ASN A 616 -7.71 -10.35 -43.16
C ASN A 616 -6.90 -10.91 -42.01
N THR A 617 -6.07 -10.09 -41.38
CA THR A 617 -5.23 -10.52 -40.26
C THR A 617 -5.69 -9.95 -38.93
N VAL A 618 -6.81 -9.23 -38.90
CA VAL A 618 -7.22 -8.55 -37.67
C VAL A 618 -7.49 -9.56 -36.56
N ASP A 619 -8.06 -10.71 -36.89
CA ASP A 619 -8.39 -11.70 -35.88
C ASP A 619 -7.14 -12.33 -35.26
N ASN A 620 -6.05 -12.40 -36.03
CA ASN A 620 -4.79 -12.90 -35.50
C ASN A 620 -4.23 -11.93 -34.46
N HIS A 621 -4.66 -12.08 -33.21
CA HIS A 621 -4.20 -11.18 -32.15
C HIS A 621 -2.76 -11.47 -31.72
N ALA A 622 -2.28 -12.68 -31.95
CA ALA A 622 -0.88 -12.99 -31.65
C ALA A 622 0.06 -12.14 -32.50
N LEU A 623 -0.22 -12.06 -33.80
CA LEU A 623 0.61 -11.27 -34.68
C LEU A 623 0.56 -9.79 -34.32
N ARG A 624 -0.66 -9.25 -34.14
CA ARG A 624 -0.78 -7.84 -33.77
C ARG A 624 -0.09 -7.54 -32.46
N GLN A 625 0.20 -8.57 -31.65
CA GLN A 625 0.86 -8.37 -30.38
C GLN A 625 2.36 -8.21 -30.54
N VAL A 626 2.97 -8.99 -31.43
CA VAL A 626 4.40 -8.90 -31.64
C VAL A 626 4.75 -7.63 -32.40
N LEU A 627 3.96 -7.31 -33.44
CA LEU A 627 4.18 -6.07 -34.17
C LEU A 627 3.69 -4.87 -33.37
N GLY A 628 2.71 -5.08 -32.50
CA GLY A 628 2.33 -4.02 -31.57
C GLY A 628 3.49 -3.59 -30.70
N TYR A 629 4.43 -4.51 -30.45
CA TYR A 629 5.62 -4.19 -29.67
C TYR A 629 6.80 -3.79 -30.53
N PHE A 630 6.89 -4.31 -31.75
CA PHE A 630 8.06 -4.08 -32.60
C PHE A 630 8.08 -2.65 -33.13
N PHE A 631 6.97 -2.21 -33.72
CA PHE A 631 6.97 -0.90 -34.39
C PHE A 631 7.42 0.23 -33.47
N PRO A 632 6.90 0.37 -32.25
CA PRO A 632 7.43 1.42 -31.37
C PRO A 632 8.91 1.24 -31.04
N VAL A 633 9.34 0.01 -30.80
CA VAL A 633 10.74 -0.25 -30.47
C VAL A 633 11.63 0.11 -31.65
N TYR A 634 11.24 -0.30 -32.85
CA TYR A 634 12.04 -0.05 -34.03
C TYR A 634 12.00 1.43 -34.40
N ALA A 635 10.80 2.01 -34.46
CA ALA A 635 10.66 3.39 -34.91
C ALA A 635 11.33 4.36 -33.93
N PHE A 636 11.07 4.22 -32.65
CA PHE A 636 11.53 5.17 -31.66
C PHE A 636 12.96 4.90 -31.18
N GLY A 637 13.62 3.89 -31.72
CA GLY A 637 14.97 3.57 -31.29
C GLY A 637 16.03 4.42 -31.96
N ALA A 638 15.82 4.77 -33.23
CA ALA A 638 16.82 5.50 -33.99
C ALA A 638 16.13 6.43 -34.97
N HIS A 639 16.77 7.57 -35.22
CA HIS A 639 16.29 8.50 -36.23
C HIS A 639 16.25 7.83 -37.61
N GLU A 640 17.22 6.94 -37.87
CA GLU A 640 17.29 6.30 -39.19
C GLU A 640 16.13 5.34 -39.40
N ASN A 641 15.56 4.80 -38.32
CA ASN A 641 14.42 3.90 -38.47
C ASN A 641 13.16 4.67 -38.84
N GLN A 642 12.97 5.85 -38.25
CA GLN A 642 11.85 6.69 -38.64
C GLN A 642 11.95 7.11 -40.10
N TRP A 643 13.17 7.36 -40.57
CA TRP A 643 13.37 7.75 -41.97
C TRP A 643 12.94 6.62 -42.91
N ARG A 644 13.30 5.38 -42.59
CA ARG A 644 12.93 4.25 -43.43
C ARG A 644 11.42 4.10 -43.51
N ILE A 645 10.69 4.45 -42.45
CA ILE A 645 9.24 4.30 -42.45
C ILE A 645 8.61 5.38 -43.32
N ALA A 646 9.12 6.61 -43.26
CA ALA A 646 8.62 7.67 -44.12
C ALA A 646 8.91 7.38 -45.58
N THR A 647 9.96 6.60 -45.86
CA THR A 647 10.34 6.32 -47.25
C THR A 647 9.36 5.37 -47.92
N ILE A 648 8.68 4.53 -47.17
CA ILE A 648 7.67 3.62 -47.71
C ILE A 648 6.28 3.96 -47.20
N PHE A 649 6.16 4.93 -46.30
CA PHE A 649 4.89 5.42 -45.80
C PHE A 649 3.81 5.47 -46.87
N CYS A 650 4.02 6.28 -47.91
CA CYS A 650 2.97 6.55 -48.89
C CYS A 650 2.54 5.28 -49.60
N ASP A 651 3.50 4.46 -50.02
CA ASP A 651 3.15 3.25 -50.77
C ASP A 651 2.41 2.26 -49.87
N ALA A 652 2.83 2.14 -48.60
CA ALA A 652 2.11 1.28 -47.68
C ALA A 652 0.69 1.77 -47.46
N LEU A 653 0.53 3.09 -47.27
CA LEU A 653 -0.79 3.63 -46.99
C LEU A 653 -1.70 3.55 -48.22
N LEU A 654 -1.15 3.75 -49.41
CA LEU A 654 -1.95 3.62 -50.62
C LEU A 654 -2.41 2.18 -50.82
N SER A 655 -1.52 1.22 -50.56
CA SER A 655 -1.91 -0.18 -50.68
C SER A 655 -3.04 -0.52 -49.71
N LEU A 656 -3.01 0.05 -48.51
CA LEU A 656 -4.08 -0.20 -47.55
C LEU A 656 -5.39 0.42 -48.00
N LEU A 657 -5.35 1.56 -48.68
CA LEU A 657 -6.58 2.16 -49.18
C LEU A 657 -7.28 1.24 -50.16
N GLU A 658 -6.54 0.68 -51.11
CA GLU A 658 -7.14 -0.24 -52.07
C GLU A 658 -7.72 -1.46 -51.36
N ILE A 659 -6.98 -2.02 -50.40
CA ILE A 659 -7.48 -3.17 -49.65
C ILE A 659 -8.77 -2.82 -48.94
N TYR A 660 -8.83 -1.62 -48.35
CA TYR A 660 -9.93 -1.27 -47.45
C TYR A 660 -11.24 -1.01 -48.19
N ARG A 661 -11.18 -0.44 -49.40
CA ARG A 661 -12.41 -0.21 -50.15
C ARG A 661 -13.20 -1.50 -50.34
N ASP A 662 -12.51 -2.63 -50.42
CA ASP A 662 -13.16 -3.91 -50.59
C ASP A 662 -13.48 -4.54 -49.24
N ASP A 666 -16.09 -2.31 -41.32
CA ASP A 666 -17.17 -1.78 -42.16
C ASP A 666 -16.82 -0.38 -42.66
N ASP A 667 -16.73 0.58 -41.75
CA ASP A 667 -16.36 1.94 -42.11
C ASP A 667 -14.93 1.97 -42.65
N VAL A 668 -14.77 2.52 -43.84
CA VAL A 668 -13.48 2.52 -44.52
C VAL A 668 -12.66 3.76 -44.17
N GLN A 669 -13.28 4.94 -44.27
CA GLN A 669 -12.52 6.18 -44.10
C GLN A 669 -12.06 6.39 -42.67
N LEU A 670 -12.83 5.94 -41.68
CA LEU A 670 -12.49 6.23 -40.29
C LEU A 670 -11.28 5.42 -39.83
N SER A 671 -11.20 4.16 -40.24
CA SER A 671 -10.08 3.33 -39.81
C SER A 671 -8.78 3.80 -40.46
N ILE A 672 -8.83 4.17 -41.74
CA ILE A 672 -7.63 4.65 -42.41
C ILE A 672 -7.04 5.85 -41.67
N GLY A 673 -7.90 6.74 -41.19
CA GLY A 673 -7.41 7.90 -40.46
C GLY A 673 -6.61 7.51 -39.24
N HIS A 674 -7.09 6.50 -38.50
CA HIS A 674 -6.34 6.03 -37.34
C HIS A 674 -5.02 5.39 -37.76
N ILE A 675 -5.05 4.60 -38.84
CA ILE A 675 -3.82 4.01 -39.36
C ILE A 675 -2.81 5.10 -39.69
N ALA A 676 -3.22 6.09 -40.48
CA ALA A 676 -2.31 7.15 -40.90
C ALA A 676 -1.73 7.88 -39.70
N GLN A 677 -2.55 8.18 -38.69
CA GLN A 677 -2.04 8.85 -37.52
C GLN A 677 -1.04 7.98 -36.76
N GLN A 678 -1.24 6.66 -36.77
CA GLN A 678 -0.25 5.77 -36.18
C GLN A 678 1.09 5.88 -36.91
N MET A 679 1.07 5.71 -38.23
CA MET A 679 2.31 5.85 -39.01
C MET A 679 2.94 7.22 -38.80
N LEU A 680 2.14 8.26 -38.61
CA LEU A 680 2.68 9.59 -38.39
C LEU A 680 3.36 9.69 -37.04
N ASP A 681 2.79 9.07 -36.01
CA ASP A 681 3.44 9.06 -34.70
C ASP A 681 4.77 8.32 -34.77
N TRP A 682 4.81 7.19 -35.48
CA TRP A 682 6.06 6.44 -35.62
C TRP A 682 7.16 7.28 -36.24
N THR A 683 6.81 8.20 -37.13
CA THR A 683 7.79 9.01 -37.83
C THR A 683 8.04 10.36 -37.17
N ASP A 684 7.38 10.65 -36.05
CA ASP A 684 7.54 11.92 -35.36
C ASP A 684 8.86 11.91 -34.59
N ASN A 685 9.73 12.89 -34.91
CA ASN A 685 11.04 12.95 -34.25
C ASN A 685 10.91 13.20 -32.76
N GLU A 686 9.85 13.87 -32.33
CA GLU A 686 9.67 14.17 -30.91
C GLU A 686 9.50 12.91 -30.08
N LYS A 687 9.05 11.81 -30.67
CA LYS A 687 8.72 10.60 -29.93
C LYS A 687 9.89 9.64 -29.79
N LEU A 688 11.12 10.09 -30.09
CA LEU A 688 12.27 9.22 -29.90
C LEU A 688 12.58 9.05 -28.42
N TYR A 689 12.92 7.82 -28.04
CA TYR A 689 13.28 7.55 -26.65
C TYR A 689 14.55 8.31 -26.27
N GLU A 690 15.53 8.34 -27.17
CA GLU A 690 16.77 9.08 -26.97
C GLU A 690 17.59 8.53 -25.81
N ARG A 691 18.92 8.62 -25.94
CA ARG A 691 19.83 8.13 -24.92
C ARG A 691 20.95 9.16 -24.69
N GLY A 696 26.35 9.25 -28.16
CA GLY A 696 27.08 10.43 -28.60
C GLY A 696 26.91 10.71 -30.08
N ASP A 697 26.45 11.92 -30.41
CA ASP A 697 26.21 12.30 -31.80
C ASP A 697 26.49 13.79 -31.93
N ASP A 698 27.76 14.13 -32.17
CA ASP A 698 28.15 15.52 -32.34
C ASP A 698 27.56 16.15 -33.60
N TYR A 699 27.15 15.34 -34.56
CA TYR A 699 26.76 15.81 -35.89
C TYR A 699 25.29 15.58 -36.17
N ILE A 700 24.43 15.74 -35.16
CA ILE A 700 23.00 15.79 -35.41
C ILE A 700 22.63 16.99 -36.27
N ALA A 701 23.55 17.95 -36.43
CA ALA A 701 23.34 19.19 -37.17
C ALA A 701 22.45 18.96 -38.38
N LEU A 702 23.02 18.69 -39.55
CA LEU A 702 22.19 18.55 -40.74
C LEU A 702 21.68 17.10 -40.79
N ASN A 703 20.78 16.81 -39.87
CA ASN A 703 19.84 15.70 -40.00
C ASN A 703 18.55 16.27 -40.57
N HIS A 704 18.04 15.65 -41.62
CA HIS A 704 16.81 16.13 -42.23
C HIS A 704 15.60 15.63 -41.45
N ASN A 705 14.62 16.50 -41.28
CA ASN A 705 13.42 16.15 -40.54
C ASN A 705 12.63 15.10 -41.32
N VAL A 706 12.24 14.03 -40.62
CA VAL A 706 11.53 12.93 -41.28
C VAL A 706 10.18 13.41 -41.80
N HIS A 707 9.50 14.28 -41.05
CA HIS A 707 8.19 14.72 -41.46
C HIS A 707 8.26 15.67 -42.66
N LEU A 708 9.27 16.54 -42.69
CA LEU A 708 9.45 17.35 -43.89
C LEU A 708 9.91 16.49 -45.06
N HIS A 709 10.67 15.43 -44.79
CA HIS A 709 10.98 14.46 -45.83
C HIS A 709 9.72 13.73 -46.28
N LEU A 710 8.80 13.46 -45.35
CA LEU A 710 7.56 12.79 -45.70
C LEU A 710 6.69 13.69 -46.57
N ALA A 711 6.70 14.99 -46.30
CA ALA A 711 5.99 15.93 -47.17
C ALA A 711 6.46 15.81 -48.61
N ASN A 712 7.78 15.79 -48.82
CA ASN A 712 8.32 15.61 -50.15
C ASN A 712 7.84 14.29 -50.77
N MET A 713 7.80 13.22 -49.97
CA MET A 713 7.29 11.94 -50.47
C MET A 713 5.85 12.09 -50.94
N ILE A 714 5.02 12.73 -50.14
CA ILE A 714 3.61 12.90 -50.49
C ILE A 714 3.48 13.65 -51.81
N PHE A 715 4.18 14.77 -51.94
CA PHE A 715 4.09 15.56 -53.18
C PHE A 715 4.43 14.71 -54.39
N GLU A 716 5.42 13.83 -54.27
CA GLU A 716 5.85 13.01 -55.39
C GLU A 716 4.90 11.85 -55.67
N SER A 717 4.03 11.50 -54.72
CA SER A 717 3.12 10.37 -54.89
C SER A 717 1.69 10.80 -55.22
N LEU A 718 1.34 12.07 -55.01
CA LEU A 718 0.00 12.52 -55.33
C LEU A 718 -0.40 12.25 -56.78
N PRO A 719 0.48 12.40 -57.77
CA PRO A 719 0.07 12.08 -59.15
C PRO A 719 -0.40 10.64 -59.31
N ASN A 720 0.29 9.68 -58.69
CA ASN A 720 -0.10 8.29 -58.83
C ASN A 720 -1.34 7.95 -58.03
N ALA A 721 -1.70 8.77 -57.04
CA ALA A 721 -2.98 8.60 -56.38
C ALA A 721 -4.12 8.83 -57.35
N SER A 722 -5.29 8.30 -57.02
CA SER A 722 -6.48 8.46 -57.83
C SER A 722 -7.33 9.58 -57.26
N GLU A 723 -7.64 10.56 -58.09
CA GLU A 723 -8.44 11.70 -57.63
C GLU A 723 -9.73 11.20 -56.98
N GLY A 724 -10.15 11.90 -55.95
CA GLY A 724 -11.20 11.44 -55.07
C GLY A 724 -10.72 11.50 -53.63
N LYS A 725 -11.24 10.63 -52.77
CA LYS A 725 -10.75 10.60 -51.39
C LYS A 725 -9.26 10.33 -51.35
N GLU A 726 -8.76 9.48 -52.23
CA GLU A 726 -7.37 9.06 -52.18
C GLU A 726 -6.44 10.27 -52.27
N ARG A 727 -6.49 10.99 -53.38
CA ARG A 727 -5.67 12.19 -53.51
C ARG A 727 -6.04 13.23 -52.46
N LYS A 728 -7.34 13.36 -52.15
CA LYS A 728 -7.76 14.21 -51.06
C LYS A 728 -7.11 13.79 -49.75
N PHE A 729 -7.11 12.49 -49.47
CA PHE A 729 -6.65 12.01 -48.17
C PHE A 729 -5.15 12.21 -48.01
N MET A 730 -4.38 11.98 -49.07
CA MET A 730 -2.94 12.18 -48.98
C MET A 730 -2.60 13.63 -48.68
N ILE A 731 -3.39 14.57 -49.21
CA ILE A 731 -3.17 15.99 -48.91
C ILE A 731 -3.54 16.27 -47.46
N SER A 732 -4.57 15.61 -46.95
CA SER A 732 -4.97 15.79 -45.56
C SER A 732 -3.81 15.58 -44.60
N LEU A 733 -2.86 14.73 -44.97
CA LEU A 733 -1.75 14.43 -44.06
C LEU A 733 -0.80 15.60 -43.91
N LEU A 734 -0.65 16.43 -44.95
CA LEU A 734 0.24 17.57 -44.86
C LEU A 734 -0.14 18.49 -43.70
N GLY A 735 -1.42 18.56 -43.35
CA GLY A 735 -1.86 19.36 -42.23
C GLY A 735 -1.54 18.76 -40.88
N LYS A 736 -1.36 17.43 -40.82
CA LYS A 736 -1.06 16.77 -39.57
C LYS A 736 0.43 16.67 -39.29
N LEU A 737 1.28 16.91 -40.30
CA LEU A 737 2.72 16.82 -40.11
C LEU A 737 3.17 17.77 -39.01
N LYS A 738 4.23 17.38 -38.33
CA LYS A 738 4.86 18.19 -37.28
C LYS A 738 6.19 18.68 -37.83
N ILE A 739 6.18 19.87 -38.40
CA ILE A 739 7.36 20.47 -39.02
C ILE A 739 7.96 21.44 -37.99
N PRO A 740 9.21 21.23 -37.56
CA PRO A 740 9.83 22.22 -36.68
C PRO A 740 10.13 23.52 -37.41
N THR A 741 10.35 24.57 -36.62
CA THR A 741 10.55 25.91 -37.15
C THR A 741 12.00 26.35 -37.13
N ASP A 742 12.92 25.48 -36.69
CA ASP A 742 14.33 25.82 -36.57
C ASP A 742 15.20 25.12 -37.59
N LEU A 743 14.61 24.52 -38.63
CA LEU A 743 15.39 23.83 -39.64
C LEU A 743 16.09 24.84 -40.54
N PRO A 744 17.13 24.40 -41.26
CA PRO A 744 17.75 25.27 -42.26
C PRO A 744 16.74 25.74 -43.29
N SER A 745 17.04 26.89 -43.91
CA SER A 745 16.15 27.45 -44.91
C SER A 745 16.13 26.61 -46.19
N SER A 746 17.26 26.01 -46.55
CA SER A 746 17.30 25.18 -47.75
C SER A 746 16.36 23.99 -47.65
N ASP A 747 16.06 23.53 -46.43
CA ASP A 747 15.11 22.45 -46.26
C ASP A 747 13.69 22.89 -46.63
N TYR A 748 13.26 24.03 -46.09
CA TYR A 748 11.96 24.58 -46.47
C TYR A 748 11.92 24.93 -47.95
N GLN A 749 13.04 25.44 -48.49
CA GLN A 749 13.10 25.75 -49.91
C GLN A 749 12.94 24.49 -50.76
N ARG A 750 13.55 23.38 -50.32
CA ARG A 750 13.48 22.16 -51.10
C ARG A 750 12.07 21.59 -51.13
N THR A 751 11.35 21.67 -50.00
CA THR A 751 9.99 21.14 -49.98
C THR A 751 9.05 22.01 -50.79
N LYS A 752 9.26 23.33 -50.78
CA LYS A 752 8.44 24.20 -51.61
C LYS A 752 8.63 23.90 -53.09
N ARG A 753 9.87 23.60 -53.50
CA ARG A 753 10.09 23.12 -54.86
C ARG A 753 9.26 21.89 -55.15
N LYS A 754 9.18 20.96 -54.19
CA LYS A 754 8.32 19.79 -54.36
C LYS A 754 6.86 20.21 -54.47
N LEU A 755 6.42 21.11 -53.59
CA LEU A 755 5.08 21.67 -53.68
C LEU A 755 4.79 22.20 -55.07
N GLU A 756 5.71 23.01 -55.61
CA GLU A 756 5.48 23.64 -56.90
C GLU A 756 5.44 22.61 -58.03
N THR A 757 6.34 21.62 -57.99
CA THR A 757 6.33 20.58 -59.01
C THR A 757 4.97 19.89 -59.07
N TYR A 758 4.36 19.63 -57.92
CA TYR A 758 3.04 19.00 -57.90
C TYR A 758 1.98 19.96 -58.42
N GLU A 759 2.06 21.24 -58.03
CA GLU A 759 1.10 22.22 -58.51
C GLU A 759 1.14 22.35 -60.03
N SER A 760 2.32 22.19 -60.63
CA SER A 760 2.44 22.32 -62.08
C SER A 760 1.65 21.26 -62.82
N HIS A 761 1.24 20.18 -62.15
CA HIS A 761 0.38 19.19 -62.79
C HIS A 761 -0.98 19.78 -63.16
N GLY A 762 -1.43 20.78 -62.41
CA GLY A 762 -2.72 21.39 -62.67
C GLY A 762 -3.90 20.50 -62.35
N PHE A 763 -3.80 19.71 -61.29
CA PHE A 763 -4.91 18.86 -60.88
C PHE A 763 -6.03 19.71 -60.29
N THR A 764 -7.26 19.22 -60.45
CA THR A 764 -8.44 19.91 -59.94
C THR A 764 -8.67 19.49 -58.49
N MET A 765 -8.62 20.46 -57.59
CA MET A 765 -8.72 20.21 -56.16
C MET A 765 -9.88 21.00 -55.56
N ASP A 766 -10.51 20.40 -54.55
CA ASP A 766 -11.62 21.04 -53.86
C ASP A 766 -11.10 22.12 -52.93
N SER A 767 -12.02 22.76 -52.20
CA SER A 767 -11.67 23.91 -51.37
C SER A 767 -10.73 23.51 -50.24
N THR A 768 -11.08 22.47 -49.48
CA THR A 768 -10.28 22.10 -48.32
C THR A 768 -8.87 21.68 -48.74
N SER A 769 -8.75 20.91 -49.82
CA SER A 769 -7.43 20.58 -50.34
C SER A 769 -6.62 21.84 -50.62
N LEU A 770 -7.19 22.76 -51.41
CA LEU A 770 -6.49 24.00 -51.72
C LEU A 770 -6.16 24.78 -50.47
N SER A 771 -7.03 24.73 -49.45
CA SER A 771 -6.76 25.46 -48.21
C SER A 771 -5.62 24.82 -47.44
N ILE A 772 -5.54 23.50 -47.42
CA ILE A 772 -4.43 22.83 -46.75
C ILE A 772 -3.12 23.13 -47.46
N LEU A 773 -3.12 23.06 -48.80
CA LEU A 773 -1.90 23.36 -49.54
C LEU A 773 -1.46 24.79 -49.36
N ALA A 774 -2.41 25.73 -49.35
CA ALA A 774 -2.06 27.13 -49.16
C ALA A 774 -1.51 27.38 -47.77
N LYS A 775 -2.14 26.81 -46.75
CA LYS A 775 -1.65 26.97 -45.39
C LYS A 775 -0.28 26.33 -45.21
N PHE A 776 -0.02 25.21 -45.90
CA PHE A 776 1.28 24.58 -45.84
C PHE A 776 2.33 25.41 -46.57
N GLU A 777 1.98 25.92 -47.76
CA GLU A 777 2.92 26.72 -48.53
C GLU A 777 3.32 27.99 -47.78
N ARG A 778 2.37 28.59 -47.07
CA ARG A 778 2.68 29.80 -46.30
C ARG A 778 3.50 29.47 -45.05
N MET A 779 3.27 28.31 -44.45
CA MET A 779 4.11 27.89 -43.34
C MET A 779 5.57 27.79 -43.75
N LEU A 780 5.83 27.21 -44.93
CA LEU A 780 7.20 27.12 -45.42
C LEU A 780 7.82 28.50 -45.56
N LEU A 781 7.09 29.45 -46.17
CA LEU A 781 7.61 30.80 -46.31
C LEU A 781 7.93 31.41 -44.95
N GLN A 782 7.02 31.26 -43.99
CA GLN A 782 7.21 31.88 -42.69
C GLN A 782 8.45 31.32 -41.97
N ASN A 783 8.69 30.01 -42.11
CA ASN A 783 9.83 29.40 -41.43
C ASN A 783 11.15 29.71 -42.12
N GLU A 784 11.14 29.89 -43.44
CA GLU A 784 12.31 30.43 -44.12
C GLU A 784 12.65 31.82 -43.60
N GLU A 785 11.63 32.65 -43.43
CA GLU A 785 11.84 34.04 -43.06
C GLU A 785 12.52 34.16 -41.71
N ALA A 786 11.99 33.46 -40.71
CA ALA A 786 12.52 33.53 -39.34
C ALA A 786 14.00 33.18 -39.33
N CYS B 3 -30.89 -36.76 -3.51
CA CYS B 3 -30.33 -35.45 -3.25
C CYS B 3 -29.23 -35.51 -2.19
N ILE B 4 -29.50 -36.26 -1.11
CA ILE B 4 -28.49 -36.46 -0.07
C ILE B 4 -27.18 -36.92 -0.71
N GLN B 5 -27.28 -37.88 -1.63
CA GLN B 5 -26.09 -38.54 -2.14
C GLN B 5 -25.17 -37.56 -2.86
N ILE B 6 -25.75 -36.67 -3.67
CA ILE B 6 -24.91 -35.79 -4.48
C ILE B 6 -24.43 -34.59 -3.68
N ILE B 7 -25.20 -34.15 -2.68
CA ILE B 7 -24.72 -33.11 -1.78
C ILE B 7 -23.50 -33.56 -0.99
N SER B 8 -23.21 -34.86 -0.97
CA SER B 8 -21.92 -35.31 -0.48
C SER B 8 -20.83 -35.12 -1.53
N SER B 9 -21.20 -35.09 -2.81
CA SER B 9 -20.27 -34.68 -3.84
C SER B 9 -19.82 -33.25 -3.64
N SER B 10 -20.69 -32.43 -3.04
CA SER B 10 -20.29 -31.07 -2.66
C SER B 10 -19.03 -31.09 -1.80
N GLN B 11 -18.95 -32.06 -0.91
CA GLN B 11 -17.88 -32.18 0.09
C GLN B 11 -16.53 -31.67 -0.41
N THR B 12 -15.90 -32.40 -1.32
CA THR B 12 -14.69 -31.94 -2.00
C THR B 12 -15.05 -31.56 -3.44
N SER B 13 -14.97 -30.27 -3.75
CA SER B 13 -15.42 -29.76 -5.04
C SER B 13 -14.55 -28.55 -5.42
N HIS B 17 -17.37 -27.22 -8.02
CA HIS B 17 -18.00 -27.73 -9.22
C HIS B 17 -19.35 -27.07 -9.47
N ARG B 18 -19.48 -26.36 -10.58
CA ARG B 18 -20.77 -25.80 -10.97
C ARG B 18 -21.61 -26.79 -11.77
N LYS B 19 -21.02 -27.91 -12.20
CA LYS B 19 -21.80 -28.94 -12.87
C LYS B 19 -22.80 -29.59 -11.91
N LEU B 20 -22.39 -29.83 -10.67
CA LEU B 20 -23.29 -30.44 -9.69
C LEU B 20 -24.56 -29.64 -9.56
N CYS B 21 -24.44 -28.34 -9.28
CA CYS B 21 -25.62 -27.49 -9.14
C CYS B 21 -26.60 -27.71 -10.28
N ASN B 22 -26.09 -27.85 -11.50
CA ASN B 22 -26.95 -28.22 -12.62
C ASN B 22 -27.65 -29.54 -12.34
N LYS B 23 -26.89 -30.54 -11.89
CA LYS B 23 -27.46 -31.86 -11.66
C LYS B 23 -28.48 -31.83 -10.52
N LEU B 24 -28.11 -31.20 -9.39
CA LEU B 24 -29.04 -31.12 -8.27
C LEU B 24 -30.29 -30.36 -8.65
N PHE B 25 -30.15 -29.33 -9.50
CA PHE B 25 -31.25 -28.39 -9.71
C PHE B 25 -32.52 -29.09 -10.18
N THR B 26 -32.42 -29.89 -11.24
CA THR B 26 -33.64 -30.50 -11.79
C THR B 26 -34.27 -31.54 -10.86
N LEU B 27 -33.82 -31.64 -9.61
CA LEU B 27 -34.34 -32.61 -8.66
C LEU B 27 -35.40 -32.01 -7.73
N ARG B 28 -35.87 -30.80 -8.03
CA ARG B 28 -36.74 -30.07 -7.10
C ARG B 28 -37.92 -30.92 -6.64
N THR B 29 -38.68 -31.46 -7.60
CA THR B 29 -39.88 -32.21 -7.25
C THR B 29 -39.56 -33.51 -6.52
N GLN B 30 -38.36 -34.03 -6.67
CA GLN B 30 -37.98 -35.29 -6.02
C GLN B 30 -38.27 -35.23 -4.52
N PHE B 33 -37.02 -32.77 -2.09
CA PHE B 33 -35.88 -33.20 -1.30
C PHE B 33 -35.58 -32.21 -0.19
N GLU B 34 -36.53 -31.31 0.08
CA GLU B 34 -36.40 -30.38 1.20
C GLU B 34 -35.94 -31.11 2.46
N THR B 35 -36.59 -32.23 2.78
CA THR B 35 -36.19 -33.01 3.94
C THR B 35 -34.82 -33.63 3.77
N ASP B 36 -34.36 -33.84 2.53
CA ASP B 36 -33.06 -34.44 2.30
C ASP B 36 -31.93 -33.46 2.66
N ILE B 37 -32.04 -32.21 2.22
CA ILE B 37 -30.98 -31.25 2.51
C ILE B 37 -30.99 -30.90 3.98
N LEU B 38 -32.17 -30.76 4.57
CA LEU B 38 -32.28 -30.50 6.00
C LEU B 38 -31.49 -31.54 6.79
N ARG B 39 -31.63 -32.82 6.41
CA ARG B 39 -30.78 -33.85 7.00
C ARG B 39 -29.31 -33.57 6.70
N ALA B 40 -29.01 -32.98 5.55
CA ALA B 40 -27.63 -32.76 5.14
C ALA B 40 -26.94 -31.68 5.96
N LEU B 41 -27.70 -30.82 6.65
CA LEU B 41 -27.07 -29.86 7.55
C LEU B 41 -27.02 -30.38 8.99
N ASN B 42 -28.09 -31.03 9.46
CA ASN B 42 -28.09 -31.64 10.78
C ASN B 42 -26.82 -32.43 11.04
N ILE B 43 -26.25 -33.02 10.00
CA ILE B 43 -25.03 -33.82 10.15
C ILE B 43 -23.84 -32.92 10.44
N ILE B 44 -23.69 -31.83 9.67
CA ILE B 44 -22.51 -30.98 9.83
C ILE B 44 -22.52 -30.12 11.08
N LEU B 45 -23.54 -30.25 11.93
CA LEU B 45 -23.50 -29.72 13.28
C LEU B 45 -22.67 -30.59 14.21
N THR B 46 -22.05 -31.63 13.69
CA THR B 46 -21.29 -32.58 14.50
C THR B 46 -19.79 -32.34 14.36
N ASN B 51 -13.76 -30.17 8.49
CA ASN B 51 -14.05 -28.75 8.65
C ASN B 51 -14.01 -28.04 7.30
N SER B 52 -12.87 -28.13 6.61
CA SER B 52 -12.79 -27.58 5.26
C SER B 52 -13.87 -28.17 4.38
N ASN B 53 -14.15 -29.47 4.54
CA ASN B 53 -15.27 -30.08 3.84
C ASN B 53 -16.58 -29.40 4.22
N ALA B 54 -16.77 -29.09 5.50
CA ALA B 54 -18.02 -28.49 5.94
C ALA B 54 -18.22 -27.11 5.31
N ASP B 55 -17.18 -26.27 5.36
CA ASP B 55 -17.27 -24.95 4.74
C ASP B 55 -17.70 -25.06 3.28
N ARG B 56 -17.19 -26.07 2.57
CA ARG B 56 -17.48 -26.20 1.15
C ARG B 56 -18.92 -26.64 0.92
N VAL B 57 -19.40 -27.62 1.69
CA VAL B 57 -20.79 -28.03 1.58
C VAL B 57 -21.70 -26.81 1.60
N LEU B 58 -21.59 -26.01 2.66
CA LEU B 58 -22.37 -24.78 2.77
C LEU B 58 -22.07 -23.86 1.60
N ARG B 59 -20.83 -23.36 1.54
CA ARG B 59 -20.42 -22.49 0.43
C ARG B 59 -20.99 -22.96 -0.90
N PHE B 60 -20.84 -24.25 -1.18
CA PHE B 60 -21.51 -24.81 -2.36
C PHE B 60 -23.02 -24.76 -2.19
N LEU B 61 -23.52 -25.11 -1.00
CA LEU B 61 -24.96 -25.11 -0.77
C LEU B 61 -25.55 -23.74 -1.07
N VAL B 62 -24.89 -22.67 -0.61
CA VAL B 62 -25.44 -21.32 -0.83
C VAL B 62 -25.48 -21.03 -2.32
N THR B 63 -24.54 -21.59 -3.10
CA THR B 63 -24.60 -21.40 -4.53
C THR B 63 -25.91 -21.92 -5.10
N PHE B 64 -26.37 -23.07 -4.61
CA PHE B 64 -27.63 -23.62 -5.11
C PHE B 64 -28.82 -22.77 -4.68
N VAL B 65 -28.76 -22.16 -3.50
CA VAL B 65 -29.89 -21.33 -3.07
C VAL B 65 -29.94 -20.04 -3.87
N ASN B 66 -28.83 -19.68 -4.53
CA ASN B 66 -28.83 -18.62 -5.52
C ASN B 66 -28.84 -19.16 -6.95
N TYR B 67 -28.57 -20.45 -7.14
CA TYR B 67 -28.64 -21.04 -8.47
C TYR B 67 -30.09 -21.21 -8.91
N LEU B 68 -30.91 -21.80 -8.06
CA LEU B 68 -32.30 -22.08 -8.42
C LEU B 68 -33.07 -20.81 -8.73
N GLN B 79 -37.41 -19.27 2.98
CA GLN B 79 -36.68 -19.52 4.21
C GLN B 79 -37.10 -20.80 4.92
N PRO B 80 -37.19 -21.93 4.21
CA PRO B 80 -37.60 -23.17 4.89
C PRO B 80 -36.53 -23.71 5.83
N ILE B 81 -35.31 -23.83 5.31
CA ILE B 81 -34.22 -24.40 6.09
C ILE B 81 -33.96 -23.57 7.34
N LEU B 82 -33.85 -22.25 7.16
CA LEU B 82 -33.55 -21.36 8.27
C LEU B 82 -34.45 -21.64 9.47
N LYS B 83 -35.72 -21.93 9.23
CA LYS B 83 -36.65 -22.21 10.33
C LYS B 83 -36.16 -23.40 11.16
N HIS B 84 -35.75 -24.48 10.49
CA HIS B 84 -35.30 -25.66 11.19
C HIS B 84 -34.07 -25.35 12.06
N ILE B 85 -33.00 -24.87 11.43
CA ILE B 85 -31.75 -24.65 12.14
C ILE B 85 -31.93 -23.66 13.28
N LEU B 86 -32.85 -22.71 13.13
CA LEU B 86 -33.11 -21.75 14.19
C LEU B 86 -33.44 -22.44 15.51
N ARG B 87 -34.11 -23.60 15.45
CA ARG B 87 -34.54 -24.28 16.66
C ARG B 87 -33.38 -24.79 17.51
N GLY B 88 -32.16 -24.83 16.97
CA GLY B 88 -31.03 -25.36 17.72
C GLY B 88 -30.03 -24.29 18.11
N LEU B 89 -30.51 -23.08 18.33
CA LEU B 89 -29.62 -21.94 18.51
C LEU B 89 -29.03 -21.90 19.92
N ASP B 90 -29.84 -22.13 20.93
CA ASP B 90 -29.40 -22.07 22.33
C ASP B 90 -29.30 -23.49 22.89
N ALA B 91 -28.31 -24.22 22.40
CA ALA B 91 -28.20 -25.65 22.70
C ALA B 91 -26.97 -25.94 23.57
N LYS B 92 -26.05 -26.73 23.02
CA LYS B 92 -24.96 -27.39 23.74
C LYS B 92 -24.82 -28.75 23.07
N ASP B 93 -23.65 -29.13 22.56
CA ASP B 93 -22.39 -28.41 22.72
C ASP B 93 -22.30 -27.08 21.98
N LYS B 94 -21.14 -26.44 22.11
CA LYS B 94 -20.90 -25.16 21.45
C LYS B 94 -20.84 -25.32 19.94
N THR B 95 -20.19 -26.38 19.43
CA THR B 95 -20.06 -26.53 17.99
C THR B 95 -21.42 -26.68 17.32
N VAL B 96 -22.41 -27.22 18.04
CA VAL B 96 -23.78 -27.23 17.52
C VAL B 96 -24.25 -25.80 17.28
N ARG B 97 -24.20 -24.97 18.32
CA ARG B 97 -24.69 -23.60 18.18
C ARG B 97 -23.75 -22.76 17.33
N TYR B 98 -22.44 -22.98 17.45
CA TYR B 98 -21.50 -22.33 16.54
C TYR B 98 -21.92 -22.54 15.10
N ARG B 99 -22.34 -23.76 14.77
CA ARG B 99 -22.79 -24.05 13.40
C ARG B 99 -24.08 -23.32 13.09
N CYS B 100 -25.02 -23.29 14.03
CA CYS B 100 -26.30 -22.64 13.77
C CYS B 100 -26.09 -21.19 13.32
N CYS B 101 -25.38 -20.40 14.14
CA CYS B 101 -25.08 -19.04 13.75
C CYS B 101 -24.32 -19.01 12.42
N GLN B 102 -23.26 -19.81 12.32
CA GLN B 102 -22.48 -19.87 11.09
C GLN B 102 -23.38 -20.16 9.88
N ILE B 103 -24.25 -21.16 10.01
CA ILE B 103 -25.10 -21.56 8.89
C ILE B 103 -26.00 -20.41 8.48
N ILE B 104 -26.59 -19.72 9.45
CA ILE B 104 -27.56 -18.67 9.15
C ILE B 104 -26.89 -17.56 8.34
N ALA B 105 -25.74 -17.08 8.79
CA ALA B 105 -25.10 -15.91 8.17
C ALA B 105 -25.02 -16.07 6.66
N ARG B 106 -24.64 -17.25 6.18
CA ARG B 106 -24.46 -17.44 4.74
C ARG B 106 -25.78 -17.44 4.00
N VAL B 107 -26.82 -18.01 4.61
CA VAL B 107 -28.09 -18.20 3.89
C VAL B 107 -28.91 -16.92 3.86
N VAL B 108 -28.78 -16.05 4.85
CA VAL B 108 -29.70 -14.93 4.97
C VAL B 108 -29.37 -13.83 3.98
N ASN B 109 -28.11 -13.70 3.56
CA ASN B 109 -27.70 -12.59 2.72
C ASN B 109 -28.15 -12.73 1.28
N CYS B 110 -29.06 -13.65 0.98
CA CYS B 110 -29.60 -13.84 -0.37
C CYS B 110 -31.10 -14.07 -0.31
N VAL B 111 -31.77 -13.42 0.63
CA VAL B 111 -33.20 -13.62 0.86
C VAL B 111 -33.87 -12.28 1.10
N LYS B 112 -35.17 -12.24 0.86
CA LYS B 112 -35.96 -11.03 1.04
C LYS B 112 -36.72 -11.06 2.36
N ASP B 115 -38.90 -12.71 5.50
CA ASP B 115 -40.25 -12.80 6.05
C ASP B 115 -40.43 -11.79 7.18
N ASP B 116 -41.36 -12.06 8.09
CA ASP B 116 -41.69 -11.11 9.16
C ASP B 116 -41.63 -11.76 10.54
N ASP B 117 -42.56 -12.68 10.81
CA ASP B 117 -42.63 -13.28 12.14
C ASP B 117 -41.30 -13.90 12.53
N LEU B 118 -40.75 -14.75 11.67
CA LEU B 118 -39.42 -15.31 11.92
C LEU B 118 -38.43 -14.21 12.28
N TYR B 119 -38.22 -13.27 11.36
CA TYR B 119 -37.21 -12.23 11.48
C TYR B 119 -36.97 -11.81 12.92
N ASN B 120 -38.05 -11.53 13.66
CA ASN B 120 -37.90 -11.18 15.06
C ASN B 120 -37.55 -12.40 15.91
N THR B 121 -38.00 -13.59 15.52
CA THR B 121 -37.63 -14.80 16.24
C THR B 121 -36.12 -15.02 16.16
N LEU B 122 -35.56 -14.90 14.96
CA LEU B 122 -34.12 -15.07 14.80
C LEU B 122 -33.35 -14.04 15.63
N LYS B 123 -33.73 -12.77 15.49
CA LYS B 123 -32.94 -11.69 16.08
C LYS B 123 -32.78 -11.88 17.58
N GLU B 124 -33.90 -11.98 18.30
CA GLU B 124 -33.85 -11.96 19.77
C GLU B 124 -32.86 -12.97 20.31
N LYS B 125 -32.83 -14.16 19.72
CA LYS B 125 -31.89 -15.18 20.20
C LYS B 125 -30.45 -14.80 19.87
N LEU B 126 -30.23 -14.27 18.67
CA LEU B 126 -28.87 -13.91 18.27
C LEU B 126 -28.28 -12.84 19.17
N LEU B 127 -29.07 -11.83 19.51
CA LEU B 127 -28.61 -10.81 20.45
C LEU B 127 -28.11 -11.47 21.73
N SER B 128 -28.95 -12.33 22.33
CA SER B 128 -28.51 -13.08 23.50
C SER B 128 -27.29 -13.93 23.17
N ARG B 129 -27.18 -14.38 21.93
CA ARG B 129 -26.06 -15.23 21.56
C ARG B 129 -24.79 -14.45 21.25
N VAL B 130 -24.88 -13.12 21.10
CA VAL B 130 -23.69 -12.32 20.87
C VAL B 130 -22.78 -12.24 22.08
N LEU B 131 -23.14 -12.87 23.19
CA LEU B 131 -22.38 -12.82 24.44
C LEU B 131 -22.18 -14.23 24.98
N ASP B 132 -21.89 -15.18 24.10
CA ASP B 132 -21.73 -16.57 24.51
C ASP B 132 -20.44 -16.74 25.33
N ARG B 133 -20.38 -17.85 26.06
CA ARG B 133 -19.18 -18.17 26.84
C ARG B 133 -17.97 -18.34 25.93
N GLU B 134 -18.17 -18.87 24.74
CA GLU B 134 -17.08 -19.20 23.83
C GLU B 134 -16.95 -18.12 22.76
N SER B 135 -15.72 -17.90 22.31
CA SER B 135 -15.46 -16.90 21.28
C SER B 135 -16.06 -17.32 19.95
N ILE B 136 -15.81 -18.56 19.52
CA ILE B 136 -16.14 -18.96 18.16
C ILE B 136 -17.62 -18.71 17.86
N VAL B 137 -18.48 -18.95 18.86
CA VAL B 137 -19.90 -18.69 18.66
C VAL B 137 -20.15 -17.19 18.59
N ARG B 138 -19.38 -16.42 19.37
CA ARG B 138 -19.53 -14.97 19.34
C ARG B 138 -19.19 -14.42 17.96
N LEU B 139 -18.16 -14.98 17.31
CA LEU B 139 -17.80 -14.55 15.97
C LEU B 139 -18.94 -14.81 14.98
N GLU B 140 -19.32 -16.09 14.82
CA GLU B 140 -20.37 -16.40 13.86
C GLU B 140 -21.69 -15.74 14.25
N ALA B 141 -21.87 -15.44 15.54
CA ALA B 141 -23.04 -14.68 15.95
C ALA B 141 -23.01 -13.28 15.34
N VAL B 142 -22.01 -12.47 15.72
CA VAL B 142 -21.96 -11.08 15.27
C VAL B 142 -22.10 -10.98 13.76
N VAL B 143 -21.55 -11.95 13.02
CA VAL B 143 -21.69 -11.93 11.57
C VAL B 143 -23.15 -12.14 11.17
N ALA B 144 -23.89 -12.95 11.93
CA ALA B 144 -25.26 -13.26 11.58
C ALA B 144 -26.16 -12.03 11.71
N LEU B 145 -26.02 -11.29 12.82
CA LEU B 145 -26.88 -10.15 13.06
C LEU B 145 -26.64 -9.05 12.02
N SER B 146 -25.36 -8.76 11.76
CA SER B 146 -25.02 -7.75 10.77
C SER B 146 -25.62 -8.08 9.40
N ARG B 147 -25.76 -9.36 9.08
CA ARG B 147 -26.30 -9.74 7.78
C ARG B 147 -27.79 -9.45 7.70
N LEU B 148 -28.56 -9.89 8.70
CA LEU B 148 -29.99 -9.65 8.70
C LEU B 148 -30.33 -8.18 8.89
N GLN B 149 -29.42 -7.39 9.47
CA GLN B 149 -29.76 -6.03 9.84
C GLN B 149 -29.58 -5.08 8.65
N GLU B 150 -30.41 -4.04 8.64
CA GLU B 150 -30.29 -2.94 7.70
C GLU B 150 -29.95 -1.67 8.47
N ASP B 151 -29.47 -0.67 7.73
CA ASP B 151 -28.87 0.50 8.36
C ASP B 151 -29.93 1.46 8.91
N THR B 152 -29.64 2.02 10.08
CA THR B 152 -30.40 3.12 10.65
C THR B 152 -29.46 4.32 10.69
N GLY B 153 -29.29 4.95 9.53
CA GLY B 153 -28.31 6.02 9.32
C GLY B 153 -27.84 6.75 10.56
N ASP B 154 -28.66 7.66 11.08
CA ASP B 154 -28.30 8.45 12.25
C ASP B 154 -29.05 8.05 13.51
N GLU B 155 -30.18 7.38 13.39
CA GLU B 155 -30.93 6.93 14.56
C GLU B 155 -30.37 5.60 15.03
N GLU B 156 -30.47 5.37 16.34
CA GLU B 156 -29.79 4.25 16.97
C GLU B 156 -30.47 2.92 16.61
N ASN B 157 -29.74 1.84 16.84
CA ASN B 157 -30.18 0.50 16.52
C ASN B 157 -29.75 -0.44 17.64
N ASP B 158 -30.54 -1.49 17.85
CA ASP B 158 -30.24 -2.44 18.93
C ASP B 158 -28.98 -3.25 18.62
N VAL B 159 -28.90 -3.82 17.40
CA VAL B 159 -27.75 -4.65 17.08
C VAL B 159 -26.51 -3.78 16.89
N ARG B 160 -26.69 -2.54 16.42
CA ARG B 160 -25.55 -1.62 16.34
C ARG B 160 -25.01 -1.32 17.73
N ASN B 161 -25.89 -1.05 18.69
CA ASN B 161 -25.43 -0.65 20.01
C ASN B 161 -24.75 -1.81 20.74
N ILE B 162 -25.23 -3.03 20.55
CA ILE B 162 -24.59 -4.17 21.21
C ILE B 162 -23.22 -4.42 20.61
N LEU B 163 -23.10 -4.32 19.29
CA LEU B 163 -21.80 -4.51 18.66
C LEU B 163 -20.81 -3.45 19.09
N LEU B 164 -21.30 -2.24 19.39
CA LEU B 164 -20.42 -1.22 19.94
C LEU B 164 -19.88 -1.63 21.30
N PHE B 165 -20.67 -2.35 22.09
CA PHE B 165 -20.18 -2.85 23.37
C PHE B 165 -19.04 -3.84 23.17
N LEU B 166 -19.15 -4.71 22.17
CA LEU B 166 -18.11 -5.67 21.90
C LEU B 166 -16.88 -5.02 21.28
N LEU B 167 -17.10 -4.08 20.35
CA LEU B 167 -15.99 -3.45 19.65
C LEU B 167 -14.98 -2.85 20.62
N GLN B 168 -15.39 -2.55 21.85
CA GLN B 168 -14.51 -1.93 22.83
C GLN B 168 -14.21 -2.80 24.04
N ASN B 169 -14.99 -3.84 24.29
CA ASN B 169 -14.87 -4.60 25.54
C ASN B 169 -14.74 -6.10 25.36
N ASP B 170 -14.98 -6.63 24.17
CA ASP B 170 -14.87 -8.07 23.98
C ASP B 170 -13.43 -8.51 24.22
N PRO B 171 -13.19 -9.51 25.06
CA PRO B 171 -11.80 -9.88 25.38
C PRO B 171 -11.06 -10.52 24.21
N SER B 172 -11.77 -11.00 23.19
CA SER B 172 -11.15 -11.71 22.08
C SER B 172 -10.85 -10.73 20.96
N SER B 173 -9.56 -10.57 20.64
CA SER B 173 -9.18 -9.73 19.51
C SER B 173 -9.81 -10.22 18.21
N GLU B 174 -10.17 -11.49 18.14
CA GLU B 174 -10.81 -12.03 16.95
C GLU B 174 -12.23 -11.47 16.80
N VAL B 175 -13.04 -11.61 17.85
CA VAL B 175 -14.41 -11.10 17.79
C VAL B 175 -14.40 -9.60 17.61
N ARG B 176 -13.54 -8.89 18.36
CA ARG B 176 -13.42 -7.45 18.18
C ARG B 176 -13.17 -7.09 16.72
N ARG B 177 -12.22 -7.79 16.09
CA ARG B 177 -11.93 -7.52 14.69
C ARG B 177 -13.11 -7.87 13.79
N SER B 178 -13.88 -8.89 14.16
CA SER B 178 -15.07 -9.24 13.38
C SER B 178 -16.12 -8.14 13.49
N VAL B 179 -16.37 -7.64 14.69
CA VAL B 179 -17.26 -6.50 14.87
C VAL B 179 -16.78 -5.33 14.02
N LEU B 180 -15.46 -5.08 14.04
CA LEU B 180 -14.91 -3.96 13.29
C LEU B 180 -15.27 -4.04 11.81
N LEU B 181 -15.28 -5.25 11.26
CA LEU B 181 -15.48 -5.42 9.83
C LEU B 181 -16.96 -5.43 9.45
N ASN B 182 -17.85 -5.85 10.36
CA ASN B 182 -19.24 -6.03 10.02
C ASN B 182 -20.15 -4.93 10.56
N ILE B 183 -19.71 -4.18 11.57
CA ILE B 183 -20.51 -3.06 12.05
C ILE B 183 -20.61 -2.01 10.97
N GLU B 184 -21.77 -1.37 10.86
CA GLU B 184 -21.94 -0.32 9.86
C GLU B 184 -21.20 0.94 10.28
N VAL B 185 -20.95 1.81 9.31
CA VAL B 185 -20.27 3.07 9.53
C VAL B 185 -21.30 4.19 9.46
N SER B 186 -21.47 4.90 10.57
CA SER B 186 -22.44 5.98 10.65
C SER B 186 -21.82 7.14 11.41
N ASN B 187 -22.52 8.28 11.41
CA ASN B 187 -22.08 9.41 12.20
C ASN B 187 -21.93 9.04 13.67
N SER B 188 -22.73 8.10 14.15
CA SER B 188 -22.70 7.73 15.56
C SER B 188 -21.61 6.69 15.85
N THR B 189 -21.31 5.81 14.90
CA THR B 189 -20.35 4.75 15.14
C THR B 189 -18.94 5.10 14.72
N LEU B 190 -18.79 5.98 13.72
CA LEU B 190 -17.47 6.28 13.16
C LEU B 190 -16.42 6.58 14.23
N PRO B 191 -16.67 7.42 15.23
CA PRO B 191 -15.61 7.73 16.19
C PRO B 191 -15.06 6.51 16.91
N PHE B 192 -15.92 5.54 17.25
CA PHE B 192 -15.46 4.34 17.93
C PHE B 192 -14.73 3.39 17.00
N ILE B 193 -15.03 3.42 15.71
CA ILE B 193 -14.30 2.61 14.75
C ILE B 193 -12.88 3.12 14.60
N LEU B 194 -12.71 4.44 14.54
CA LEU B 194 -11.38 5.02 14.43
C LEU B 194 -10.56 4.80 15.70
N GLU B 195 -11.22 4.79 16.86
CA GLU B 195 -10.53 4.48 18.11
C GLU B 195 -9.81 3.15 18.04
N ARG B 196 -10.22 2.25 17.14
CA ARG B 196 -9.60 0.94 17.06
C ARG B 196 -8.21 0.98 16.43
N ALA B 197 -7.82 2.10 15.83
CA ALA B 197 -6.44 2.24 15.38
C ALA B 197 -5.46 2.27 16.55
N ARG B 198 -5.97 2.37 17.78
CA ARG B 198 -5.15 2.24 18.99
C ARG B 198 -5.35 0.90 19.68
N ASP B 199 -6.04 -0.03 19.03
CA ASP B 199 -6.24 -1.36 19.61
C ASP B 199 -4.91 -1.96 20.02
N VAL B 200 -4.90 -2.63 21.18
CA VAL B 200 -3.67 -3.23 21.68
C VAL B 200 -3.18 -4.31 20.73
N ASP B 201 -4.10 -5.00 20.06
CA ASP B 201 -3.75 -6.03 19.10
C ASP B 201 -3.36 -5.36 17.78
N ALA B 202 -2.14 -5.62 17.32
CA ALA B 202 -1.66 -4.97 16.10
C ALA B 202 -2.49 -5.37 14.88
N ALA B 203 -2.99 -6.60 14.86
CA ALA B 203 -3.79 -7.04 13.72
C ALA B 203 -5.10 -6.28 13.63
N ASN B 204 -5.60 -5.75 14.75
CA ASN B 204 -6.88 -5.05 14.74
C ASN B 204 -6.73 -3.63 14.23
N ARG B 205 -5.67 -2.92 14.65
CA ARG B 205 -5.47 -1.56 14.18
C ARG B 205 -4.90 -1.50 12.77
N LYS B 206 -4.27 -2.58 12.31
CA LYS B 206 -3.93 -2.68 10.89
C LYS B 206 -5.17 -2.89 10.04
N CYS B 207 -6.19 -3.55 10.60
CA CYS B 207 -7.44 -3.73 9.89
C CYS B 207 -8.12 -2.40 9.60
N VAL B 208 -7.94 -1.42 10.49
CA VAL B 208 -8.56 -0.11 10.28
C VAL B 208 -8.00 0.53 9.01
N TYR B 209 -6.68 0.46 8.82
CA TYR B 209 -6.05 1.10 7.68
C TYR B 209 -6.19 0.27 6.41
N ALA B 210 -6.13 -1.05 6.53
CA ALA B 210 -6.12 -1.93 5.37
C ALA B 210 -7.51 -2.27 4.84
N ARG B 211 -8.55 -2.16 5.68
CA ARG B 211 -9.87 -2.65 5.29
C ARG B 211 -10.96 -1.63 5.53
N VAL B 212 -11.07 -1.12 6.76
CA VAL B 212 -12.16 -0.23 7.14
C VAL B 212 -12.08 1.06 6.35
N LEU B 213 -11.10 1.90 6.68
CA LEU B 213 -10.98 3.20 6.03
C LEU B 213 -11.02 3.11 4.52
N PRO B 214 -10.32 2.17 3.87
CA PRO B 214 -10.53 1.99 2.41
C PRO B 214 -11.99 1.83 2.03
N LYS B 215 -12.80 1.17 2.87
CA LYS B 215 -14.22 1.04 2.58
C LYS B 215 -14.89 2.41 2.55
N ILE B 216 -14.47 3.31 3.43
CA ILE B 216 -14.92 4.69 3.39
C ILE B 216 -14.35 5.34 2.14
N GLY B 217 -15.22 5.86 1.28
CA GLY B 217 -14.81 6.37 -0.02
C GLY B 217 -13.63 7.32 0.04
N ASP B 218 -13.80 8.45 0.71
CA ASP B 218 -12.80 9.50 0.77
C ASP B 218 -12.39 9.73 2.22
N PHE B 219 -11.42 10.62 2.40
CA PHE B 219 -11.00 11.05 3.73
C PHE B 219 -11.58 12.42 4.10
N ARG B 220 -12.23 13.10 3.15
CA ARG B 220 -12.94 14.32 3.49
C ARG B 220 -14.11 14.04 4.43
N TYR B 221 -14.65 12.82 4.40
CA TYR B 221 -15.75 12.46 5.29
C TYR B 221 -15.40 12.67 6.76
N LEU B 222 -14.11 12.74 7.08
CA LEU B 222 -13.66 12.89 8.46
C LEU B 222 -13.31 14.33 8.76
N SER B 223 -13.42 14.69 10.03
CA SER B 223 -13.04 16.02 10.48
C SER B 223 -11.53 16.14 10.55
N ILE B 224 -11.04 17.38 10.43
CA ILE B 224 -9.60 17.62 10.49
C ILE B 224 -9.00 16.96 11.73
N LYS B 225 -9.70 17.05 12.86
CA LYS B 225 -9.22 16.39 14.07
C LYS B 225 -9.05 14.90 13.85
N LYS B 226 -9.96 14.29 13.09
CA LYS B 226 -9.91 12.84 12.89
C LYS B 226 -8.89 12.45 11.84
N ARG B 227 -8.76 13.23 10.76
CA ARG B 227 -7.75 12.95 9.76
C ARG B 227 -6.36 12.99 10.38
N VAL B 228 -6.06 14.04 11.14
CA VAL B 228 -4.75 14.17 11.78
C VAL B 228 -4.55 13.08 12.82
N ARG B 229 -5.61 12.74 13.55
CA ARG B 229 -5.49 11.75 14.62
C ARG B 229 -5.23 10.36 14.06
N ILE B 230 -5.64 10.11 12.83
CA ILE B 230 -5.40 8.81 12.20
C ILE B 230 -3.96 8.72 11.71
N LEU B 231 -3.49 9.73 10.97
CA LEU B 231 -2.12 9.73 10.50
C LEU B 231 -1.13 9.74 11.65
N LYS B 232 -1.46 10.43 12.74
CA LYS B 232 -0.56 10.51 13.88
C LYS B 232 -0.40 9.16 14.55
N TRP B 233 -1.44 8.33 14.51
CA TRP B 233 -1.36 7.01 15.12
C TRP B 233 -0.70 6.00 14.20
N GLY B 234 -1.07 6.01 12.91
CA GLY B 234 -0.60 5.03 11.98
C GLY B 234 0.86 5.25 11.58
N LEU B 235 1.24 6.51 11.37
CA LEU B 235 2.58 6.81 10.91
C LEU B 235 3.61 6.77 12.03
N ASN B 236 3.17 6.78 13.29
CA ASN B 236 4.05 6.61 14.44
C ASN B 236 3.87 5.27 15.13
N ASP B 237 3.09 4.37 14.54
CA ASP B 237 2.81 3.09 15.18
C ASP B 237 4.10 2.31 15.40
N ARG B 238 4.22 1.72 16.58
CA ARG B 238 5.42 0.96 16.91
C ARG B 238 5.57 -0.26 16.01
N ASP B 239 4.46 -0.83 15.56
CA ASP B 239 4.51 -1.98 14.67
C ASP B 239 4.74 -1.52 13.24
N GLU B 240 5.83 -1.99 12.63
CA GLU B 240 6.11 -1.65 11.25
C GLU B 240 5.00 -2.09 10.31
N SER B 241 4.33 -3.19 10.64
CA SER B 241 3.23 -3.68 9.80
C SER B 241 2.09 -2.68 9.78
N VAL B 242 1.70 -2.18 10.95
CA VAL B 242 0.62 -1.19 11.03
C VAL B 242 1.03 0.08 10.31
N GLU B 243 2.28 0.51 10.50
CA GLU B 243 2.74 1.74 9.87
C GLU B 243 2.68 1.65 8.36
N LYS B 244 3.07 0.50 7.80
CA LYS B 244 3.06 0.37 6.33
C LYS B 244 1.63 0.42 5.80
N ALA B 245 0.68 -0.20 6.49
CA ALA B 245 -0.72 -0.13 6.05
C ALA B 245 -1.22 1.30 6.13
N ALA B 246 -0.82 2.04 7.16
CA ALA B 246 -1.21 3.44 7.27
C ALA B 246 -0.56 4.28 6.19
N ALA B 247 0.72 4.00 5.89
CA ALA B 247 1.43 4.78 4.87
C ALA B 247 0.86 4.52 3.48
N ASP B 248 0.56 3.26 3.16
CA ASP B 248 -0.01 2.95 1.86
C ASP B 248 -1.38 3.60 1.69
N MET B 249 -2.17 3.65 2.76
CA MET B 249 -3.46 4.34 2.71
C MET B 249 -3.26 5.81 2.34
N LEU B 250 -2.29 6.46 2.98
CA LEU B 250 -2.00 7.86 2.67
C LEU B 250 -1.43 7.99 1.25
N ALA B 251 -0.47 7.14 0.90
CA ALA B 251 0.28 7.28 -0.33
C ALA B 251 -0.50 6.86 -1.57
N TYR B 252 -1.62 6.17 -1.43
CA TYR B 252 -2.40 5.73 -2.57
C TYR B 252 -3.84 6.19 -2.53
N GLN B 253 -4.56 5.93 -1.43
CA GLN B 253 -5.97 6.32 -1.38
C GLN B 253 -6.14 7.82 -1.17
N TRP B 254 -5.68 8.33 -0.01
CA TRP B 254 -5.94 9.72 0.33
C TRP B 254 -5.36 10.67 -0.70
N ILE B 255 -4.16 10.38 -1.21
CA ILE B 255 -3.57 11.24 -2.23
C ILE B 255 -4.47 11.30 -3.45
N GLU B 256 -5.18 10.22 -3.76
CA GLU B 256 -6.08 10.22 -4.91
C GLU B 256 -7.35 11.02 -4.61
N ASN B 257 -7.89 10.88 -3.40
CA ASN B 257 -8.99 11.74 -3.00
C ASN B 257 -8.62 13.21 -3.16
N ALA B 258 -7.34 13.53 -2.97
CA ALA B 258 -6.84 14.89 -3.15
C ALA B 258 -6.42 15.16 -4.60
N ASP B 259 -6.95 14.41 -5.55
CA ASP B 259 -6.67 14.62 -6.97
C ASP B 259 -5.18 14.52 -7.27
N ASN B 260 -4.48 13.64 -6.57
CA ASN B 260 -3.05 13.42 -6.77
C ASN B 260 -2.26 14.72 -6.61
N ASN B 261 -2.76 15.63 -5.79
CA ASN B 261 -2.10 16.91 -5.54
C ASN B 261 -1.69 16.95 -4.08
N LEU B 262 -0.39 16.94 -3.83
CA LEU B 262 0.11 16.95 -2.46
C LEU B 262 -0.37 18.16 -1.69
N LEU B 263 -0.36 19.34 -2.33
CA LEU B 263 -0.81 20.55 -1.67
C LEU B 263 -2.28 20.45 -1.29
N GLU B 264 -3.13 19.95 -2.19
CA GLU B 264 -4.53 19.74 -1.87
C GLU B 264 -4.68 18.88 -0.63
N LEU B 265 -3.94 17.77 -0.58
CA LEU B 265 -3.97 16.91 0.59
C LEU B 265 -3.52 17.67 1.84
N LEU B 266 -2.49 18.49 1.71
CA LEU B 266 -1.99 19.25 2.86
C LEU B 266 -3.03 20.26 3.35
N GLU B 267 -3.75 20.90 2.43
CA GLU B 267 -4.76 21.88 2.82
C GLU B 267 -5.85 21.27 3.69
N ARG B 268 -6.01 19.95 3.66
CA ARG B 268 -7.04 19.28 4.44
C ARG B 268 -6.57 18.87 5.82
N LEU B 269 -5.35 19.25 6.21
CA LEU B 269 -4.78 18.83 7.47
C LEU B 269 -4.47 19.98 8.42
N ASP B 270 -4.78 21.22 8.04
CA ASP B 270 -4.56 22.38 8.89
C ASP B 270 -3.11 22.40 9.39
N VAL B 271 -2.18 22.44 8.43
CA VAL B 271 -0.77 22.28 8.72
C VAL B 271 -0.29 23.26 9.78
N SER B 272 -0.90 24.45 9.84
CA SER B 272 -0.45 25.45 10.81
C SER B 272 -0.55 24.92 12.24
N ASN B 273 -1.64 24.22 12.54
CA ASN B 273 -1.87 23.71 13.89
C ASN B 273 -1.42 22.26 14.07
N ASN B 274 -1.07 21.56 12.98
CA ASN B 274 -0.65 20.17 13.05
C ASN B 274 0.61 19.98 12.19
N SER B 275 1.65 20.73 12.54
CA SER B 275 2.86 20.75 11.72
C SER B 275 3.59 19.41 11.78
N ASP B 276 3.81 18.89 12.99
CA ASP B 276 4.61 17.68 13.15
C ASP B 276 4.00 16.51 12.39
N VAL B 277 2.68 16.33 12.49
CA VAL B 277 2.03 15.25 11.77
C VAL B 277 2.13 15.47 10.26
N ALA B 278 2.01 16.72 9.82
CA ALA B 278 2.05 17.02 8.39
C ALA B 278 3.43 16.73 7.81
N VAL B 279 4.49 17.15 8.50
CA VAL B 279 5.85 16.84 8.05
C VAL B 279 6.03 15.34 7.91
N LEU B 280 5.55 14.58 8.89
CA LEU B 280 5.69 13.12 8.84
C LEU B 280 4.91 12.54 7.66
N ALA B 281 3.67 13.01 7.47
CA ALA B 281 2.86 12.50 6.36
C ALA B 281 3.56 12.71 5.03
N ILE B 282 4.20 13.87 4.84
CA ILE B 282 4.92 14.13 3.60
C ILE B 282 6.09 13.16 3.47
N LYS B 283 6.89 13.03 4.53
CA LYS B 283 8.05 12.14 4.47
C LYS B 283 7.62 10.70 4.20
N LYS B 284 6.50 10.27 4.79
CA LYS B 284 6.01 8.92 4.54
C LYS B 284 5.52 8.75 3.11
N PHE B 285 4.99 9.82 2.52
CA PHE B 285 4.47 9.72 1.15
C PHE B 285 5.58 9.43 0.15
N PHE B 286 6.76 10.02 0.35
CA PHE B 286 7.87 9.82 -0.57
C PHE B 286 8.72 8.60 -0.21
N ASP B 287 8.56 8.05 1.00
CA ASP B 287 9.08 6.71 1.26
C ASP B 287 8.35 5.65 0.44
N VAL B 288 7.13 5.95 0.00
CA VAL B 288 6.32 5.00 -0.76
C VAL B 288 6.39 5.37 -2.24
N ARG B 289 5.89 6.56 -2.58
CA ARG B 289 5.90 7.03 -3.96
C ARG B 289 7.26 7.69 -4.24
N VAL B 290 8.28 6.84 -4.24
CA VAL B 290 9.66 7.31 -4.27
C VAL B 290 9.92 8.21 -5.48
N ASP B 291 9.41 7.82 -6.65
CA ASP B 291 9.75 8.57 -7.87
C ASP B 291 9.20 9.99 -7.83
N SER B 292 8.08 10.20 -7.15
CA SER B 292 7.45 11.52 -7.14
C SER B 292 8.37 12.60 -6.58
N LEU B 293 9.40 12.21 -5.82
CA LEU B 293 10.27 13.21 -5.19
C LEU B 293 11.04 14.01 -6.23
N SER B 294 11.44 13.37 -7.33
CA SER B 294 12.24 14.03 -8.35
C SER B 294 11.43 14.96 -9.25
N GLN B 295 10.11 14.86 -9.24
CA GLN B 295 9.28 15.61 -10.16
C GLN B 295 8.75 16.91 -9.56
N LEU B 296 8.99 17.16 -8.28
CA LEU B 296 8.65 18.45 -7.69
C LEU B 296 9.59 19.53 -8.20
N GLU B 297 9.03 20.68 -8.55
CA GLU B 297 9.80 21.81 -9.03
C GLU B 297 9.42 23.07 -8.26
N PHE B 298 10.41 23.89 -7.96
CA PHE B 298 10.23 25.10 -7.14
C PHE B 298 10.68 26.31 -7.95
N PRO B 299 9.90 26.73 -8.93
CA PRO B 299 10.23 27.93 -9.69
C PRO B 299 10.15 29.17 -8.81
N GLU B 300 10.62 30.29 -9.35
CA GLU B 300 10.58 31.54 -8.61
C GLU B 300 9.16 31.90 -8.20
N GLN B 301 8.17 31.55 -9.03
CA GLN B 301 6.78 31.81 -8.68
C GLN B 301 6.41 31.08 -7.39
N PHE B 302 6.96 29.88 -7.19
CA PHE B 302 6.66 29.11 -5.98
C PHE B 302 6.95 29.92 -4.73
N TRP B 303 8.08 30.63 -4.71
CA TRP B 303 8.52 31.33 -3.51
C TRP B 303 7.90 32.71 -3.35
N LEU B 304 7.28 33.25 -4.40
CA LEU B 304 6.58 34.52 -4.30
C LEU B 304 5.10 34.37 -4.03
N GLU B 305 4.57 33.15 -4.14
CA GLU B 305 3.13 32.90 -4.01
C GLU B 305 2.84 31.79 -3.01
N LEU B 306 3.76 31.55 -2.06
CA LEU B 306 3.66 30.36 -1.23
C LEU B 306 2.67 30.56 -0.09
N THR B 307 2.28 29.43 0.50
CA THR B 307 1.27 29.37 1.54
C THR B 307 1.81 28.56 2.71
N ALA B 308 0.95 28.33 3.70
CA ALA B 308 1.34 27.48 4.83
C ALA B 308 1.63 26.06 4.36
N GLU B 309 0.76 25.52 3.51
CA GLU B 309 0.97 24.17 2.99
C GLU B 309 2.16 24.14 2.05
N SER B 310 2.27 25.13 1.17
CA SER B 310 3.35 25.16 0.19
C SER B 310 4.70 25.41 0.86
N SER B 311 4.73 26.20 1.94
CA SER B 311 5.99 26.46 2.62
C SER B 311 6.45 25.24 3.42
N LEU B 312 5.51 24.55 4.06
CA LEU B 312 5.86 23.32 4.78
C LEU B 312 6.41 22.27 3.82
N LEU B 313 5.77 22.13 2.66
CA LEU B 313 6.25 21.17 1.67
C LEU B 313 7.69 21.43 1.28
N ALA B 314 8.06 22.70 1.13
CA ALA B 314 9.44 23.03 0.77
C ALA B 314 10.39 22.73 1.92
N ARG B 315 9.97 23.00 3.16
CA ARG B 315 10.82 22.71 4.31
C ARG B 315 11.04 21.22 4.46
N THR B 316 9.99 20.40 4.26
CA THR B 316 10.15 18.97 4.37
C THR B 316 10.97 18.41 3.21
N PHE B 317 10.71 18.88 1.99
CA PHE B 317 11.53 18.51 0.84
C PHE B 317 13.01 18.70 1.16
N ASN B 318 13.37 19.87 1.69
CA ASN B 318 14.74 20.10 2.12
C ASN B 318 15.19 19.04 3.11
N GLU B 319 14.40 18.86 4.18
CA GLU B 319 14.76 17.91 5.23
C GLU B 319 15.02 16.53 4.65
N ILE B 320 14.26 16.13 3.64
CA ILE B 320 14.43 14.81 3.05
C ILE B 320 15.73 14.74 2.27
N CYS B 321 15.96 15.68 1.37
CA CYS B 321 17.12 15.61 0.49
C CYS B 321 18.43 15.63 1.30
N ILE B 322 18.47 16.46 2.34
CA ILE B 322 19.66 16.49 3.19
C ILE B 322 19.87 15.13 3.86
N GLU B 323 18.81 14.59 4.44
CA GLU B 323 18.92 13.31 5.14
C GLU B 323 19.39 12.21 4.22
N LYS B 324 18.80 12.12 3.03
CA LYS B 324 19.15 11.07 2.08
C LYS B 324 20.26 11.48 1.12
N ASN B 325 20.65 12.76 1.12
CA ASN B 325 21.77 13.25 0.30
C ASN B 325 21.42 13.30 -1.18
N TYR B 326 20.20 13.73 -1.49
CA TYR B 326 19.82 14.00 -2.88
C TYR B 326 20.35 15.38 -3.24
N THR B 327 21.68 15.46 -3.36
CA THR B 327 22.35 16.73 -3.59
C THR B 327 21.80 17.42 -4.83
N ASP B 328 21.58 16.66 -5.91
CA ASP B 328 21.05 17.26 -7.12
C ASP B 328 19.64 17.81 -6.91
N LEU B 329 18.83 17.16 -6.08
CA LEU B 329 17.53 17.70 -5.75
C LEU B 329 17.65 18.92 -4.83
N LEU B 330 18.71 18.98 -4.02
CA LEU B 330 18.90 20.14 -3.15
C LEU B 330 19.15 21.42 -3.92
N ASP B 331 19.65 21.32 -5.16
CA ASP B 331 19.91 22.53 -5.93
C ASP B 331 18.65 23.27 -6.30
N LYS B 332 17.50 22.58 -6.35
CA LYS B 332 16.24 23.25 -6.59
C LYS B 332 15.86 24.17 -5.43
N MET B 333 16.45 23.96 -4.26
CA MET B 333 16.24 24.85 -3.13
C MET B 333 17.06 26.12 -3.30
N PRO B 334 16.59 27.23 -2.77
CA PRO B 334 17.25 28.52 -3.02
C PRO B 334 18.53 28.69 -2.21
N GLU B 335 19.38 29.57 -2.70
CA GLU B 335 20.53 30.01 -1.94
C GLU B 335 20.07 30.99 -0.86
N VAL B 336 20.99 31.31 0.05
CA VAL B 336 20.65 32.19 1.17
C VAL B 336 20.18 33.55 0.65
N VAL B 337 20.93 34.14 -0.28
CA VAL B 337 20.58 35.47 -0.77
C VAL B 337 19.14 35.50 -1.26
N GLN B 338 18.71 34.43 -1.94
CA GLN B 338 17.32 34.34 -2.38
C GLN B 338 16.40 34.06 -1.20
N LEU B 339 16.80 33.14 -0.31
CA LEU B 339 16.01 32.83 0.86
C LEU B 339 15.78 34.09 1.71
N THR B 340 16.85 34.84 1.97
CA THR B 340 16.72 36.08 2.71
C THR B 340 15.69 37.00 2.08
N TYR B 341 15.63 37.01 0.74
CA TYR B 341 14.68 37.85 0.04
C TYR B 341 13.25 37.36 0.24
N TYR B 342 13.04 36.05 0.11
CA TYR B 342 11.69 35.50 0.29
C TYR B 342 11.17 35.78 1.70
N ILE B 343 12.05 35.77 2.70
CA ILE B 343 11.62 36.03 4.07
C ILE B 343 11.19 37.49 4.22
N GLU B 344 11.97 38.42 3.65
CA GLU B 344 11.64 39.83 3.78
C GLU B 344 10.28 40.14 3.18
N ARG B 345 9.97 39.56 2.03
CA ARG B 345 8.65 39.73 1.44
C ARG B 345 7.57 39.26 2.39
N GLN B 346 7.83 38.16 3.11
CA GLN B 346 6.82 37.61 4.01
C GLN B 346 6.65 38.47 5.25
N TYR B 347 7.71 39.18 5.67
CA TYR B 347 7.58 40.11 6.78
C TYR B 347 6.46 41.11 6.53
N VAL B 348 6.29 41.52 5.27
CA VAL B 348 5.30 42.54 4.95
C VAL B 348 3.91 42.07 5.36
N SER B 349 3.60 40.80 5.13
CA SER B 349 2.28 40.27 5.45
C SER B 349 2.00 40.26 6.95
N LEU B 350 3.01 40.47 7.79
CA LEU B 350 2.77 40.56 9.23
C LEU B 350 1.93 41.78 9.57
N ARG B 351 2.09 42.87 8.83
CA ARG B 351 1.35 44.09 9.15
C ARG B 351 -0.15 43.89 8.98
N ASP B 352 -0.57 42.99 8.10
CA ASP B 352 -1.98 42.69 7.91
C ASP B 352 -2.42 41.66 8.94
N LYS B 353 -3.39 42.04 9.79
CA LYS B 353 -3.89 41.11 10.79
C LYS B 353 -4.49 39.86 10.17
N SER B 354 -5.06 39.98 8.97
CA SER B 354 -5.74 38.84 8.35
C SER B 354 -4.77 37.80 7.81
N SER B 355 -3.51 38.16 7.58
CA SER B 355 -2.50 37.23 7.10
C SER B 355 -1.39 37.02 8.11
N TYR B 356 -1.57 37.46 9.35
CA TYR B 356 -0.51 37.36 10.35
C TYR B 356 -0.21 35.90 10.69
N ASP B 357 -1.24 35.13 11.03
CA ASP B 357 -1.03 33.76 11.50
C ASP B 357 -0.34 32.92 10.44
N GLU B 358 -0.83 32.98 9.20
CA GLU B 358 -0.27 32.14 8.15
C GLU B 358 1.16 32.55 7.83
N SER B 359 1.43 33.85 7.75
CA SER B 359 2.78 34.30 7.42
C SER B 359 3.77 33.97 8.52
N CYS B 360 3.32 33.94 9.77
CA CYS B 360 4.20 33.49 10.85
C CYS B 360 4.65 32.05 10.60
N PHE B 361 3.71 31.17 10.28
CA PHE B 361 4.05 29.78 9.99
C PHE B 361 4.99 29.69 8.80
N ILE B 362 4.76 30.49 7.76
CA ILE B 362 5.61 30.47 6.57
C ILE B 362 7.03 30.84 6.95
N ILE B 363 7.19 31.95 7.67
CA ILE B 363 8.53 32.38 8.09
C ILE B 363 9.20 31.28 8.89
N GLU B 364 8.44 30.60 9.75
CA GLU B 364 8.99 29.50 10.52
C GLU B 364 9.55 28.42 9.61
N GLN B 365 8.85 28.10 8.52
CA GLN B 365 9.34 27.09 7.59
C GLN B 365 10.55 27.59 6.82
N LEU B 366 10.59 28.87 6.49
CA LEU B 366 11.74 29.41 5.75
C LEU B 366 12.97 29.51 6.64
N LEU B 367 12.77 29.68 7.95
CA LEU B 367 13.91 29.72 8.87
C LEU B 367 14.48 28.33 9.10
N TYR B 368 13.64 27.29 9.12
CA TYR B 368 14.16 25.94 9.22
C TYR B 368 15.05 25.61 8.04
N ILE B 369 14.70 26.11 6.86
CA ILE B 369 15.55 25.90 5.69
C ILE B 369 16.86 26.64 5.85
N GLY B 370 16.84 27.82 6.47
CA GLY B 370 18.07 28.55 6.70
C GLY B 370 18.97 27.87 7.69
N LEU B 371 18.41 27.35 8.79
CA LEU B 371 19.19 26.62 9.77
C LEU B 371 19.81 25.36 9.20
N SER B 372 19.29 24.85 8.09
CA SER B 372 19.80 23.61 7.52
C SER B 372 21.04 23.82 6.65
N GLN B 373 21.31 25.06 6.23
CA GLN B 373 22.33 25.31 5.23
C GLN B 373 23.70 25.51 5.88
N ASP B 374 24.73 24.96 5.22
CA ASP B 374 26.12 25.31 5.50
C ASP B 374 26.56 26.27 4.41
N MET B 375 26.71 27.55 4.78
CA MET B 375 26.74 28.64 3.81
C MET B 375 28.13 29.27 3.79
N VAL B 376 28.89 28.98 2.74
CA VAL B 376 30.15 29.67 2.51
C VAL B 376 29.90 31.11 2.09
N ASP B 377 28.77 31.37 1.45
CA ASP B 377 28.47 32.68 0.87
C ASP B 377 28.47 33.76 1.94
N GLU B 378 29.52 34.57 1.97
CA GLU B 378 29.64 35.62 2.97
C GLU B 378 28.56 36.68 2.80
N ILE B 379 28.36 37.16 1.57
CA ILE B 379 27.46 38.28 1.34
C ILE B 379 26.05 37.91 1.80
N GLY B 380 25.59 36.71 1.43
CA GLY B 380 24.30 36.25 1.90
C GLY B 380 24.26 36.08 3.41
N ARG B 381 25.38 35.63 3.99
CA ARG B 381 25.43 35.46 5.44
C ARG B 381 25.20 36.79 6.14
N ARG B 382 25.89 37.85 5.69
CA ARG B 382 25.68 39.17 6.28
C ARG B 382 24.30 39.72 5.92
N LYS B 383 23.86 39.48 4.68
CA LYS B 383 22.55 39.93 4.26
C LYS B 383 21.47 39.39 5.18
N LEU B 384 21.48 38.07 5.42
CA LEU B 384 20.51 37.46 6.32
C LEU B 384 20.72 37.95 7.76
N LEU B 385 21.97 38.10 8.18
CA LEU B 385 22.26 38.59 9.52
C LEU B 385 21.64 39.97 9.74
N LYS B 386 21.83 40.87 8.77
CA LYS B 386 21.20 42.19 8.85
C LYS B 386 19.68 42.08 8.83
N SER B 387 19.15 41.24 7.95
CA SER B 387 17.70 41.09 7.84
C SER B 387 17.11 40.55 9.14
N LEU B 388 17.77 39.58 9.78
CA LEU B 388 17.26 39.04 11.03
C LEU B 388 17.38 40.05 12.16
N THR B 389 18.51 40.75 12.24
CA THR B 389 18.68 41.77 13.27
C THR B 389 17.57 42.82 13.19
N ASN B 390 17.31 43.32 12.00
CA ASN B 390 16.25 44.31 11.83
C ASN B 390 14.90 43.74 12.27
N SER B 391 14.59 42.51 11.88
CA SER B 391 13.33 41.88 12.26
C SER B 391 13.19 41.82 13.78
N LEU B 392 14.21 41.30 14.46
CA LEU B 392 14.18 41.22 15.91
C LEU B 392 14.09 42.59 16.56
N SER B 393 14.54 43.64 15.87
CA SER B 393 14.63 44.97 16.45
C SER B 393 13.37 45.80 16.30
N THR B 394 12.53 45.51 15.30
CA THR B 394 11.39 46.36 14.99
C THR B 394 10.06 45.65 14.99
N MET B 395 10.02 44.36 14.66
CA MET B 395 8.77 43.65 14.46
C MET B 395 8.34 42.92 15.73
N ALA B 396 7.03 42.72 15.86
CA ALA B 396 6.46 42.03 17.00
C ALA B 396 6.29 40.56 16.64
N LEU B 397 7.21 39.72 17.11
CA LEU B 397 7.21 38.32 16.74
C LEU B 397 6.68 37.45 17.89
N PRO B 398 6.02 36.34 17.56
CA PRO B 398 5.68 35.37 18.61
C PRO B 398 6.93 34.70 19.16
N ASP B 399 6.76 34.08 20.34
CA ASP B 399 7.88 33.40 20.99
C ASP B 399 8.51 32.36 20.07
N SER B 400 7.67 31.69 19.27
CA SER B 400 8.19 30.66 18.37
C SER B 400 9.21 31.22 17.41
N LEU B 401 8.89 32.35 16.77
CA LEU B 401 9.81 32.94 15.80
C LEU B 401 10.99 33.61 16.48
N ILE B 402 10.79 34.19 17.67
CA ILE B 402 11.89 34.79 18.41
C ILE B 402 13.02 33.78 18.60
N SER B 403 12.67 32.56 19.01
CA SER B 403 13.69 31.54 19.24
C SER B 403 14.38 31.15 17.95
N LEU B 404 13.61 30.93 16.89
CA LEU B 404 14.20 30.53 15.61
C LEU B 404 15.05 31.65 15.02
N HIS B 405 14.61 32.90 15.17
CA HIS B 405 15.43 34.02 14.70
C HIS B 405 16.76 34.06 15.43
N ILE B 406 16.72 34.00 16.77
CA ILE B 406 17.95 34.10 17.55
C ILE B 406 18.81 32.85 17.38
N GLU B 407 18.19 31.70 17.13
CA GLU B 407 18.96 30.50 16.86
C GLU B 407 19.77 30.65 15.58
N LEU B 408 19.12 31.12 14.51
CA LEU B 408 19.82 31.35 13.26
C LEU B 408 20.86 32.46 13.41
N LEU B 409 20.56 33.49 14.19
CA LEU B 409 21.54 34.54 14.46
C LEU B 409 22.81 33.96 15.05
N ARG B 410 22.68 33.07 16.04
CA ARG B 410 23.86 32.44 16.64
C ARG B 410 24.67 31.69 15.59
N LYS B 411 24.00 31.06 14.63
CA LYS B 411 24.70 30.30 13.61
C LYS B 411 25.38 31.21 12.60
N LEU B 412 24.81 32.39 12.33
CA LEU B 412 25.41 33.31 11.38
C LEU B 412 26.54 34.12 11.98
N CYS B 413 26.49 34.40 13.28
CA CYS B 413 27.54 35.18 13.91
C CYS B 413 28.87 34.44 13.82
N SER B 414 29.94 35.21 13.55
CA SER B 414 31.26 34.63 13.39
C SER B 414 31.86 34.15 14.71
N SER B 415 31.28 34.53 15.85
CA SER B 415 31.80 34.10 17.14
C SER B 415 30.71 34.32 18.18
N GLU B 416 30.97 33.83 19.40
CA GLU B 416 30.02 34.03 20.49
C GLU B 416 30.03 35.47 20.97
N ASN B 417 31.17 36.14 20.91
CA ASN B 417 31.24 37.55 21.29
C ASN B 417 30.36 38.40 20.38
N ASP B 418 30.47 38.17 19.07
CA ASP B 418 29.63 38.92 18.13
C ASP B 418 28.15 38.64 18.38
N PHE B 419 27.81 37.40 18.72
CA PHE B 419 26.42 37.07 19.02
C PHE B 419 25.97 37.73 20.31
N CYS B 420 26.80 37.65 21.35
CA CYS B 420 26.47 38.31 22.61
C CYS B 420 26.34 39.81 22.41
N SER B 421 27.39 40.44 21.88
CA SER B 421 27.35 41.87 21.64
C SER B 421 26.12 42.27 20.84
N LEU B 422 25.82 41.51 19.78
CA LEU B 422 24.72 41.87 18.91
C LEU B 422 23.39 41.85 19.65
N LEU B 423 23.14 40.81 20.45
CA LEU B 423 21.83 40.69 21.08
C LEU B 423 21.65 41.70 22.21
N VAL B 424 22.73 42.08 22.90
CA VAL B 424 22.60 43.14 23.89
C VAL B 424 22.12 44.42 23.23
N GLU B 425 22.61 44.71 22.03
CA GLU B 425 22.09 45.84 21.28
C GLU B 425 20.59 45.70 21.04
N ILE B 426 20.18 44.57 20.45
CA ILE B 426 18.77 44.37 20.11
C ILE B 426 17.91 44.52 21.34
N ILE B 427 18.27 43.84 22.43
CA ILE B 427 17.45 43.87 23.63
C ILE B 427 17.30 45.30 24.14
N THR B 428 18.39 46.06 24.17
CA THR B 428 18.30 47.45 24.59
C THR B 428 17.38 48.23 23.67
N GLU B 429 17.47 48.00 22.36
CA GLU B 429 16.61 48.71 21.42
C GLU B 429 15.14 48.46 21.74
N VAL B 430 14.75 47.20 21.88
CA VAL B 430 13.35 46.90 22.16
C VAL B 430 12.99 47.39 23.57
N PHE B 431 13.94 47.34 24.50
CA PHE B 431 13.67 47.85 25.84
C PHE B 431 13.39 49.35 25.81
N GLU B 432 14.17 50.09 25.02
CA GLU B 432 13.97 51.53 24.87
C GLU B 432 12.84 51.87 23.89
N GLN B 433 12.08 50.89 23.44
CA GLN B 433 10.88 51.14 22.65
C GLN B 433 9.70 51.57 23.53
N GLY B 434 9.95 52.11 24.72
CA GLY B 434 8.90 52.44 25.65
C GLY B 434 8.64 51.28 26.61
N HIS B 435 9.34 51.14 27.74
CA HIS B 435 10.39 52.04 28.29
C HIS B 435 11.24 52.81 27.28
N TYR B 453 -0.22 46.55 31.27
CA TYR B 453 -0.37 45.86 29.99
C TYR B 453 0.86 46.04 29.11
N LYS B 454 0.85 47.09 28.30
CA LYS B 454 1.96 47.34 27.38
C LYS B 454 3.25 47.57 28.12
N GLU B 455 3.16 47.99 29.39
CA GLU B 455 4.34 48.08 30.24
C GLU B 455 4.90 46.69 30.53
N ALA B 456 4.03 45.72 30.81
CA ALA B 456 4.47 44.37 31.09
C ALA B 456 4.84 43.61 29.82
N PHE B 457 4.14 43.88 28.72
CA PHE B 457 4.45 43.21 27.45
C PHE B 457 5.91 43.42 27.07
N ASN B 458 6.35 44.68 27.02
CA ASN B 458 7.73 44.97 26.66
C ASN B 458 8.70 44.23 27.57
N GLU B 459 8.38 44.16 28.87
CA GLU B 459 9.27 43.48 29.81
C GLU B 459 9.34 42.00 29.52
N LEU B 460 8.18 41.33 29.42
CA LEU B 460 8.17 39.91 29.09
C LEU B 460 8.82 39.66 27.74
N ARG B 461 8.47 40.47 26.73
CA ARG B 461 9.07 40.29 25.42
C ARG B 461 10.59 40.46 25.49
N CYS B 462 11.06 41.38 26.33
CA CYS B 462 12.49 41.52 26.54
C CYS B 462 13.08 40.23 27.09
N LEU B 463 12.44 39.66 28.13
CA LEU B 463 12.98 38.46 28.76
C LEU B 463 13.00 37.28 27.78
N SER B 464 12.07 37.24 26.84
CA SER B 464 12.14 36.22 25.80
C SER B 464 13.45 36.31 25.03
N TYR B 465 13.88 37.52 24.69
CA TYR B 465 15.17 37.71 24.04
C TYR B 465 16.31 37.32 24.97
N VAL B 466 16.20 37.71 26.25
CA VAL B 466 17.22 37.33 27.23
C VAL B 466 17.29 35.82 27.35
N GLN B 467 16.13 35.17 27.43
CA GLN B 467 16.08 33.72 27.56
C GLN B 467 16.76 33.05 26.37
N CYS B 468 16.38 33.43 25.15
CA CYS B 468 16.97 32.84 23.96
C CYS B 468 18.47 33.15 23.87
N LEU B 469 18.88 34.32 24.35
CA LEU B 469 20.30 34.66 24.33
C LEU B 469 21.12 33.63 25.09
N PHE B 470 20.65 33.19 26.25
CA PHE B 470 21.41 32.27 27.07
C PHE B 470 21.22 30.82 26.67
N GLU B 471 20.12 30.47 26.01
CA GLU B 471 19.97 29.13 25.47
C GLU B 471 21.01 28.82 24.40
N ASN B 472 21.64 29.85 23.83
CA ASN B 472 22.57 29.70 22.72
C ASN B 472 24.02 29.99 23.11
N ILE B 473 24.31 30.10 24.40
CA ILE B 473 25.67 30.32 24.89
C ILE B 473 26.16 29.03 25.51
N THR B 474 27.35 28.58 25.09
CA THR B 474 27.95 27.33 25.55
C THR B 474 29.42 27.57 25.88
N SER B 475 29.67 28.27 26.99
CA SER B 475 31.04 28.55 27.41
C SER B 475 31.03 28.88 28.89
N SER B 476 32.08 28.44 29.59
CA SER B 476 32.17 28.57 31.05
C SER B 476 32.27 30.04 31.44
N LEU B 477 31.17 30.61 31.94
CA LEU B 477 31.05 32.05 32.14
C LEU B 477 31.52 32.40 33.55
N ASN B 478 32.84 32.58 33.68
CA ASN B 478 33.42 32.98 34.95
C ASN B 478 33.16 34.45 35.28
N GLU B 479 32.51 35.19 34.39
CA GLU B 479 32.22 36.60 34.59
C GLU B 479 31.52 37.14 33.35
N ASN B 480 32.27 37.24 32.25
CA ASN B 480 31.82 37.79 30.97
C ASN B 480 30.46 38.46 31.08
N LEU B 481 30.46 39.42 31.99
CA LEU B 481 29.40 40.31 32.41
C LEU B 481 28.26 40.64 31.44
N TYR B 482 28.12 39.97 30.29
CA TYR B 482 26.79 39.97 29.69
C TYR B 482 25.78 39.51 30.72
N MET B 483 26.20 38.62 31.61
CA MET B 483 25.40 38.33 32.81
C MET B 483 24.98 39.63 33.49
N VAL B 484 25.94 40.47 33.88
CA VAL B 484 25.62 41.54 34.83
C VAL B 484 24.67 42.56 34.22
N ASP B 485 24.98 43.04 33.00
CA ASP B 485 24.11 44.03 32.38
C ASP B 485 22.67 43.53 32.34
N MET B 486 22.47 42.32 31.83
CA MET B 486 21.15 41.71 31.86
C MET B 486 20.74 41.41 33.30
N LEU B 487 21.65 40.85 34.10
CA LEU B 487 21.34 40.50 35.48
C LEU B 487 21.07 41.75 36.32
N LYS B 488 21.94 42.75 36.20
CA LYS B 488 21.78 43.99 36.96
C LYS B 488 20.51 44.74 36.52
N THR B 489 20.22 44.76 35.22
CA THR B 489 19.20 45.64 34.68
C THR B 489 17.90 44.95 34.30
N LEU B 490 17.94 43.67 33.88
CA LEU B 490 16.73 42.98 33.45
C LEU B 490 16.37 41.82 34.35
N ILE B 491 17.27 40.84 34.53
CA ILE B 491 16.87 39.60 35.21
C ILE B 491 16.50 39.89 36.65
N ILE B 492 17.45 40.37 37.46
CA ILE B 492 17.22 40.58 38.88
C ILE B 492 15.97 41.44 39.05
N PRO B 493 15.89 42.64 38.45
CA PRO B 493 14.64 43.41 38.55
C PRO B 493 13.40 42.60 38.18
N ALA B 494 13.47 41.80 37.11
CA ALA B 494 12.34 40.94 36.78
C ALA B 494 12.12 39.89 37.86
N VAL B 495 13.19 39.38 38.45
CA VAL B 495 13.06 38.44 39.57
C VAL B 495 12.38 39.12 40.74
N ARG B 496 12.85 40.32 41.10
CA ARG B 496 12.30 41.02 42.26
C ARG B 496 10.90 41.54 41.99
N SER B 497 10.51 41.66 40.73
CA SER B 497 9.23 42.27 40.38
C SER B 497 8.09 41.62 41.17
N HIS B 498 7.04 42.41 41.41
CA HIS B 498 5.86 41.95 42.11
C HIS B 498 4.83 41.32 41.19
N ASP B 499 4.96 41.51 39.87
CA ASP B 499 4.11 40.84 38.91
C ASP B 499 4.63 39.41 38.71
N LEU B 500 3.79 38.43 39.03
CA LEU B 500 4.23 37.03 38.98
C LEU B 500 4.71 36.63 37.59
N PRO B 501 4.00 36.93 36.50
CA PRO B 501 4.54 36.58 35.16
C PRO B 501 5.94 37.09 34.93
N ILE B 502 6.23 38.33 35.33
CA ILE B 502 7.59 38.86 35.20
C ILE B 502 8.54 38.05 36.04
N ARG B 503 8.18 37.79 37.30
CA ARG B 503 9.02 37.00 38.18
C ARG B 503 9.27 35.62 37.59
N GLU B 504 8.20 34.88 37.32
CA GLU B 504 8.34 33.53 36.75
C GLU B 504 9.28 33.54 35.56
N LYS B 505 9.20 34.56 34.72
CA LYS B 505 10.06 34.62 33.55
C LYS B 505 11.50 34.96 33.94
N GLY B 506 11.68 35.87 34.90
CA GLY B 506 13.01 36.23 35.33
C GLY B 506 13.79 35.06 35.89
N LEU B 507 13.11 34.14 36.57
CA LEU B 507 13.79 32.98 37.15
C LEU B 507 14.23 32.01 36.07
N GLU B 508 13.42 31.82 35.02
CA GLU B 508 13.85 31.03 33.88
C GLU B 508 15.12 31.59 33.27
N CYS B 509 15.25 32.92 33.25
CA CYS B 509 16.47 33.53 32.71
C CYS B 509 17.63 33.39 33.68
N LEU B 510 17.36 33.57 34.97
CA LEU B 510 18.40 33.38 35.97
C LEU B 510 18.91 31.94 35.95
N SER B 511 18.02 30.98 35.74
CA SER B 511 18.43 29.58 35.68
C SER B 511 19.46 29.36 34.58
N LEU B 512 19.25 29.97 33.41
CA LEU B 512 20.16 29.77 32.30
C LEU B 512 21.53 30.38 32.57
N VAL B 513 21.59 31.43 33.39
CA VAL B 513 22.88 32.00 33.77
C VAL B 513 23.58 31.09 34.78
N CYS B 514 22.81 30.47 35.67
CA CYS B 514 23.39 29.56 36.64
C CYS B 514 24.05 28.36 35.97
N LEU B 515 23.54 27.95 34.80
CA LEU B 515 24.16 26.88 34.04
C LEU B 515 25.48 27.29 33.42
N LEU B 516 25.91 28.54 33.60
CA LEU B 516 27.14 29.04 33.03
C LEU B 516 28.22 29.32 34.07
N ASN B 517 27.87 29.34 35.35
CA ASN B 517 28.85 29.49 36.43
C ASN B 517 28.42 28.64 37.60
N ALA B 518 29.29 27.72 38.02
CA ALA B 518 28.94 26.79 39.10
C ALA B 518 28.78 27.51 40.42
N ASP B 519 29.67 28.46 40.73
CA ASP B 519 29.57 29.17 42.00
C ASP B 519 28.29 29.98 42.09
N LEU B 520 27.82 30.54 40.98
CA LEU B 520 26.56 31.28 40.99
C LEU B 520 25.38 30.35 41.21
N ALA B 521 25.40 29.18 40.56
CA ALA B 521 24.33 28.20 40.77
C ALA B 521 24.29 27.73 42.21
N PHE B 522 25.46 27.41 42.78
CA PHE B 522 25.52 26.98 44.16
C PHE B 522 25.02 28.07 45.10
N GLU B 523 25.29 29.33 44.76
CA GLU B 523 24.82 30.45 45.56
C GLU B 523 23.30 30.53 45.56
N ASN B 524 22.65 30.10 44.48
CA ASN B 524 21.22 30.32 44.28
C ASN B 524 20.39 29.05 44.45
N VAL B 525 21.00 27.94 44.88
CA VAL B 525 20.22 26.76 45.21
C VAL B 525 19.13 27.07 46.23
N PRO B 526 19.41 27.78 47.33
CA PRO B 526 18.35 28.07 48.29
C PRO B 526 17.19 28.86 47.69
N LEU B 527 17.47 29.73 46.70
CA LEU B 527 16.39 30.45 46.03
C LEU B 527 15.42 29.48 45.38
N TYR B 528 15.93 28.55 44.57
CA TYR B 528 15.05 27.65 43.84
C TYR B 528 14.40 26.63 44.75
N LEU B 529 15.07 26.23 45.83
CA LEU B 529 14.40 25.42 46.85
C LEU B 529 13.23 26.18 47.45
N HIS B 530 13.43 27.46 47.77
CA HIS B 530 12.34 28.30 48.25
C HIS B 530 11.26 28.44 47.19
N CYS B 531 11.65 28.47 45.92
CA CYS B 531 10.67 28.56 44.84
C CYS B 531 9.77 27.33 44.81
N TYR B 532 10.34 26.15 45.01
CA TYR B 532 9.51 24.94 44.97
C TYR B 532 8.55 24.90 46.15
N GLU B 533 9.02 25.23 47.34
CA GLU B 533 8.18 25.13 48.53
C GLU B 533 7.02 26.12 48.48
N LYS B 534 7.33 27.40 48.31
CA LYS B 534 6.34 28.46 48.39
C LYS B 534 5.86 28.96 47.03
N GLY B 535 6.36 28.41 45.94
CA GLY B 535 6.06 28.94 44.62
C GLY B 535 4.84 28.31 43.98
N SER B 536 4.47 28.87 42.84
CA SER B 536 3.36 28.36 42.06
C SER B 536 3.74 27.04 41.40
N VAL B 537 2.73 26.35 40.86
CA VAL B 537 2.97 25.09 40.16
C VAL B 537 3.89 25.32 38.97
N VAL B 538 3.72 26.44 38.28
CA VAL B 538 4.63 26.82 37.20
C VAL B 538 6.04 26.98 37.74
N LEU B 539 6.16 27.59 38.92
CA LEU B 539 7.47 27.83 39.50
C LEU B 539 8.06 26.58 40.12
N LYS B 540 7.22 25.65 40.60
CA LYS B 540 7.72 24.36 41.06
C LYS B 540 8.42 23.62 39.92
N CYS B 541 7.83 23.63 38.73
CA CYS B 541 8.45 22.98 37.59
C CYS B 541 9.77 23.64 37.22
N THR B 542 9.83 24.97 37.33
CA THR B 542 11.07 25.68 37.03
C THR B 542 12.17 25.29 38.01
N ALA B 543 11.81 25.07 39.27
CA ALA B 543 12.79 24.63 40.26
C ALA B 543 13.30 23.24 39.92
N ILE B 544 12.40 22.31 39.60
CA ILE B 544 12.80 20.95 39.26
C ILE B 544 13.73 20.96 38.05
N ARG B 545 13.38 21.72 37.01
CA ARG B 545 14.21 21.76 35.81
C ARG B 545 15.57 22.37 36.11
N THR B 546 15.61 23.42 36.92
CA THR B 546 16.86 24.14 37.15
C THR B 546 17.81 23.32 38.01
N LEU B 547 17.33 22.83 39.16
CA LEU B 547 18.18 22.05 40.05
C LEU B 547 18.72 20.81 39.36
N THR B 548 17.90 20.15 38.54
CA THR B 548 18.38 19.02 37.77
C THR B 548 19.49 19.44 36.82
N ASP B 549 19.24 20.49 36.03
CA ASP B 549 20.23 20.95 35.07
C ASP B 549 21.51 21.40 35.75
N MET B 550 21.40 22.05 36.92
CA MET B 550 22.58 22.41 37.68
C MET B 550 23.45 21.19 37.95
N LEU B 551 22.84 20.11 38.43
CA LEU B 551 23.61 18.91 38.76
C LEU B 551 24.24 18.31 37.51
N ILE B 552 23.48 18.21 36.43
CA ILE B 552 24.01 17.64 35.19
C ILE B 552 25.14 18.51 34.65
N GLN B 553 24.97 19.82 34.70
CA GLN B 553 25.94 20.72 34.09
C GLN B 553 27.20 20.85 34.93
N HIS B 554 27.04 21.01 36.25
CA HIS B 554 28.17 21.30 37.13
C HIS B 554 28.61 20.11 37.96
N GLY B 555 27.93 18.97 37.85
CA GLY B 555 28.32 17.80 38.61
C GLY B 555 27.72 17.76 40.00
N LYS B 556 27.47 16.54 40.47
CA LYS B 556 26.81 16.36 41.77
C LYS B 556 27.73 16.63 42.94
N ALA B 557 29.04 16.51 42.76
CA ALA B 557 29.97 16.76 43.86
C ALA B 557 29.92 18.20 44.34
N LYS B 558 29.41 19.11 43.51
CA LYS B 558 29.36 20.52 43.90
C LYS B 558 28.26 20.79 44.92
N PHE B 559 27.19 20.00 44.91
CA PHE B 559 25.98 20.27 45.68
C PHE B 559 25.71 19.20 46.72
N THR B 560 26.77 18.64 47.32
CA THR B 560 26.58 17.62 48.33
C THR B 560 25.88 18.16 49.57
N GLU B 561 26.03 19.46 49.85
CA GLU B 561 25.32 20.05 50.98
C GLU B 561 23.82 20.15 50.76
N TYR B 562 23.33 19.83 49.57
CA TYR B 562 21.91 19.97 49.25
C TYR B 562 21.28 18.68 48.74
N GLU B 563 21.96 17.55 48.86
CA GLU B 563 21.41 16.28 48.38
C GLU B 563 20.02 16.04 48.96
N ASP B 564 19.85 16.26 50.26
CA ASP B 564 18.58 15.95 50.91
C ASP B 564 17.50 16.94 50.51
N ALA B 565 17.82 18.23 50.46
CA ALA B 565 16.84 19.23 50.04
C ALA B 565 16.40 18.98 48.60
N ILE B 566 17.36 18.68 47.72
CA ILE B 566 17.01 18.43 46.32
C ILE B 566 16.25 17.12 46.19
N SER B 567 16.81 16.04 46.72
CA SER B 567 16.11 14.76 46.69
C SER B 567 14.73 14.87 47.33
N SER B 568 14.56 15.80 48.26
CA SER B 568 13.28 15.96 48.93
C SER B 568 12.20 16.44 47.97
N ILE B 569 12.49 17.48 47.18
CA ILE B 569 11.49 17.99 46.26
C ILE B 569 11.24 17.00 45.12
N LEU B 570 12.27 16.22 44.77
CA LEU B 570 12.09 15.19 43.75
C LEU B 570 11.12 14.12 44.22
N PHE B 571 11.22 13.71 45.49
CA PHE B 571 10.26 12.77 46.04
C PHE B 571 8.86 13.37 46.07
N GLU B 572 8.76 14.60 46.57
CA GLU B 572 7.45 15.26 46.65
C GLU B 572 6.82 15.40 45.27
N ALA B 573 7.62 15.81 44.27
CA ALA B 573 7.10 15.93 42.91
C ALA B 573 6.67 14.57 42.37
N LEU B 574 7.45 13.53 42.65
CA LEU B 574 7.16 12.21 42.12
C LEU B 574 5.85 11.65 42.66
N GLY B 575 5.46 12.05 43.86
CA GLY B 575 4.27 11.52 44.50
C GLY B 575 3.02 12.35 44.37
N GLU B 576 3.10 13.53 43.75
CA GLU B 576 1.94 14.41 43.63
C GLU B 576 1.11 13.98 42.41
N PHE B 577 0.40 12.86 42.60
CA PHE B 577 -0.40 12.30 41.52
C PHE B 577 -1.53 13.22 41.08
N GLU B 578 -1.86 14.24 41.87
CA GLU B 578 -2.93 15.15 41.51
C GLU B 578 -2.51 16.17 40.46
N ASN B 579 -1.21 16.41 40.30
CA ASN B 579 -0.69 17.33 39.29
C ASN B 579 0.18 16.50 38.33
N ALA B 580 -0.45 15.98 37.28
CA ALA B 580 0.23 15.07 36.37
C ALA B 580 1.48 15.71 35.77
N GLU B 581 1.39 16.99 35.38
CA GLU B 581 2.54 17.65 34.77
C GLU B 581 3.71 17.72 35.74
N LEU B 582 3.44 18.11 36.98
CA LEU B 582 4.50 18.13 37.99
C LEU B 582 4.99 16.73 38.29
N GLN B 583 4.09 15.75 38.36
CA GLN B 583 4.50 14.38 38.65
C GLN B 583 5.36 13.82 37.53
N THR B 584 5.00 14.12 36.28
CA THR B 584 5.78 13.62 35.15
C THR B 584 7.16 14.26 35.12
N LEU B 585 7.24 15.55 35.45
CA LEU B 585 8.52 16.23 35.46
C LEU B 585 9.46 15.63 36.51
N GLY B 586 8.93 15.35 37.70
CA GLY B 586 9.75 14.71 38.72
C GLY B 586 10.30 13.36 38.27
N ALA B 587 9.43 12.51 37.71
CA ALA B 587 9.88 11.23 37.19
C ALA B 587 10.88 11.43 36.06
N GLU B 588 10.65 12.43 35.21
CA GLU B 588 11.59 12.74 34.15
C GLU B 588 12.96 13.14 34.70
N ALA B 589 12.96 13.99 35.73
CA ALA B 589 14.22 14.50 36.25
C ALA B 589 14.99 13.41 36.99
N ILE B 590 14.30 12.53 37.72
CA ILE B 590 14.96 11.44 38.42
C ILE B 590 15.62 10.50 37.42
N ALA B 591 14.86 10.08 36.40
CA ALA B 591 15.41 9.21 35.38
C ALA B 591 16.67 9.81 34.76
N LYS B 592 16.62 11.10 34.42
CA LYS B 592 17.80 11.80 33.92
C LYS B 592 18.98 11.61 34.87
N LEU B 593 18.78 11.93 36.14
CA LEU B 593 19.87 11.95 37.11
C LEU B 593 20.47 10.56 37.32
N LEU B 594 19.65 9.51 37.28
CA LEU B 594 20.17 8.17 37.49
C LEU B 594 21.00 7.70 36.30
N VAL B 595 20.51 7.93 35.08
CA VAL B 595 21.24 7.49 33.90
C VAL B 595 22.51 8.31 33.72
N ILE B 596 22.38 9.64 33.77
CA ILE B 596 23.51 10.51 33.43
C ILE B 596 24.51 10.57 34.58
N LEU B 597 24.02 10.76 35.81
CA LEU B 597 24.88 11.04 36.95
C LEU B 597 25.01 9.89 37.93
N HIS B 598 24.14 8.88 37.87
CA HIS B 598 24.05 7.86 38.91
C HIS B 598 23.86 8.53 40.26
N TYR B 599 22.80 9.33 40.34
CA TYR B 599 22.55 10.21 41.48
C TYR B 599 21.68 9.45 42.48
N ARG B 600 22.34 8.82 43.45
CA ARG B 600 21.65 8.17 44.57
C ARG B 600 20.63 7.14 44.06
N ASP B 601 21.08 6.25 43.17
CA ASP B 601 20.19 5.25 42.61
C ASP B 601 19.50 4.44 43.71
N GLU B 602 20.30 3.87 44.61
CA GLU B 602 19.80 3.10 45.75
C GLU B 602 18.60 3.79 46.39
N LEU B 603 18.68 5.11 46.54
CA LEU B 603 17.65 5.87 47.25
C LEU B 603 16.44 6.16 46.37
N PHE B 604 16.64 6.36 45.07
CA PHE B 604 15.55 6.75 44.18
C PHE B 604 14.90 5.60 43.44
N LEU B 605 15.56 4.44 43.37
CA LEU B 605 15.09 3.38 42.50
C LEU B 605 13.80 2.75 43.02
N LYS B 606 13.67 2.62 44.34
CA LYS B 606 12.47 2.01 44.90
C LYS B 606 11.26 2.92 44.78
N PRO B 607 11.32 4.20 45.17
CA PRO B 607 10.16 5.08 44.96
C PRO B 607 9.72 5.18 43.50
N LEU B 608 10.66 5.13 42.55
CA LEU B 608 10.29 5.15 41.15
C LEU B 608 9.43 3.95 40.79
N ILE B 609 9.89 2.75 41.15
CA ILE B 609 9.15 1.54 40.84
C ILE B 609 7.74 1.61 41.42
N ILE B 610 7.61 2.14 42.64
CA ILE B 610 6.32 2.14 43.30
C ILE B 610 5.34 3.02 42.54
N GLN B 611 5.71 4.28 42.28
CA GLN B 611 4.80 5.19 41.58
C GLN B 611 4.50 4.70 40.17
N TYR B 612 5.49 4.10 39.51
CA TYR B 612 5.27 3.55 38.18
C TYR B 612 4.09 2.58 38.18
N PHE B 613 3.93 1.81 39.25
CA PHE B 613 2.86 0.83 39.35
C PHE B 613 1.71 1.28 40.24
N GLU B 614 1.81 2.45 40.86
CA GLU B 614 0.82 2.83 41.85
C GLU B 614 -0.52 3.14 41.19
N PRO B 615 -1.63 2.65 41.76
CA PRO B 615 -2.95 2.95 41.14
C PRO B 615 -3.26 4.43 41.00
N ASN B 616 -2.84 5.27 41.94
CA ASN B 616 -3.18 6.69 41.83
C ASN B 616 -2.44 7.39 40.69
N THR B 617 -1.57 6.69 39.97
CA THR B 617 -0.82 7.26 38.87
C THR B 617 -1.16 6.59 37.54
N VAL B 618 -2.19 5.74 37.50
CA VAL B 618 -2.50 4.99 36.29
C VAL B 618 -2.77 5.94 35.12
N ASP B 619 -3.54 6.99 35.36
CA ASP B 619 -3.98 7.85 34.27
C ASP B 619 -2.90 8.82 33.79
N ASN B 620 -1.79 8.95 34.50
CA ASN B 620 -0.68 9.80 34.06
C ASN B 620 0.15 9.00 33.05
N HIS B 621 -0.37 8.91 31.83
CA HIS B 621 0.25 8.08 30.81
C HIS B 621 1.66 8.54 30.48
N ALA B 622 1.90 9.85 30.50
CA ALA B 622 3.23 10.37 30.20
C ALA B 622 4.25 9.79 31.17
N LEU B 623 4.00 9.91 32.48
CA LEU B 623 4.91 9.36 33.47
C LEU B 623 5.22 7.90 33.20
N ARG B 624 4.24 7.15 32.72
CA ARG B 624 4.44 5.73 32.47
C ARG B 624 5.36 5.50 31.27
N GLN B 625 5.33 6.39 30.29
CA GLN B 625 6.13 6.21 29.09
C GLN B 625 7.57 6.69 29.28
N VAL B 626 7.81 7.69 30.12
CA VAL B 626 9.17 8.09 30.41
C VAL B 626 9.85 7.03 31.27
N LEU B 627 9.14 6.53 32.27
CA LEU B 627 9.66 5.42 33.07
C LEU B 627 9.59 4.11 32.29
N GLY B 628 8.60 3.96 31.43
CA GLY B 628 8.57 2.82 30.53
C GLY B 628 9.80 2.71 29.67
N TYR B 629 10.41 3.86 29.34
CA TYR B 629 11.66 3.86 28.59
C TYR B 629 12.88 3.84 29.50
N PHE B 630 12.79 4.42 30.69
CA PHE B 630 13.97 4.54 31.54
C PHE B 630 14.39 3.19 32.13
N PHE B 631 13.44 2.40 32.61
CA PHE B 631 13.79 1.12 33.24
C PHE B 631 14.54 0.20 32.30
N PRO B 632 14.05 -0.10 31.09
CA PRO B 632 14.83 -0.98 30.20
C PRO B 632 16.22 -0.44 29.89
N VAL B 633 16.36 0.84 29.60
CA VAL B 633 17.68 1.37 29.23
C VAL B 633 18.59 1.39 30.45
N TYR B 634 18.04 1.68 31.62
CA TYR B 634 18.85 1.71 32.83
C TYR B 634 19.22 0.30 33.28
N ALA B 635 18.22 -0.58 33.39
CA ALA B 635 18.48 -1.94 33.87
C ALA B 635 19.38 -2.70 32.90
N PHE B 636 19.05 -2.66 31.62
CA PHE B 636 19.79 -3.45 30.64
C PHE B 636 21.04 -2.76 30.13
N GLY B 637 21.30 -1.51 30.56
CA GLY B 637 22.49 -0.81 30.09
C GLY B 637 23.76 -1.25 30.78
N ALA B 638 23.67 -1.74 32.01
CA ALA B 638 24.83 -2.16 32.76
C ALA B 638 24.42 -3.23 33.77
N HIS B 639 25.34 -4.15 34.04
CA HIS B 639 25.06 -5.20 35.03
C HIS B 639 24.81 -4.60 36.40
N GLU B 640 25.53 -3.54 36.75
CA GLU B 640 25.38 -2.92 38.06
C GLU B 640 23.96 -2.41 38.26
N ASN B 641 23.35 -1.88 37.19
CA ASN B 641 21.99 -1.38 37.31
C ASN B 641 21.01 -2.53 37.58
N GLN B 642 21.16 -3.64 36.84
CA GLN B 642 20.33 -4.81 37.09
C GLN B 642 20.50 -5.29 38.53
N TRP B 643 21.76 -5.42 38.97
CA TRP B 643 22.02 -5.82 40.35
C TRP B 643 21.34 -4.86 41.32
N ARG B 644 21.40 -3.56 41.03
CA ARG B 644 20.84 -2.57 41.94
C ARG B 644 19.33 -2.69 42.04
N ILE B 645 18.66 -3.04 40.93
CA ILE B 645 17.22 -3.26 41.00
C ILE B 645 16.90 -4.51 41.80
N ALA B 646 17.77 -5.52 41.74
CA ALA B 646 17.53 -6.74 42.50
C ALA B 646 17.63 -6.50 44.00
N THR B 647 18.47 -5.55 44.42
CA THR B 647 18.63 -5.28 45.84
C THR B 647 17.34 -4.74 46.44
N ILE B 648 16.78 -3.68 45.84
CA ILE B 648 15.53 -3.09 46.32
C ILE B 648 14.30 -3.76 45.72
N PHE B 649 14.49 -4.77 44.87
CA PHE B 649 13.37 -5.45 44.23
C PHE B 649 12.28 -5.81 45.25
N CYS B 650 12.66 -6.48 46.34
CA CYS B 650 11.67 -6.99 47.27
C CYS B 650 11.04 -5.87 48.09
N ASP B 651 11.84 -4.89 48.50
CA ASP B 651 11.31 -3.79 49.31
C ASP B 651 10.25 -3.01 48.55
N ALA B 652 10.48 -2.79 47.25
CA ALA B 652 9.47 -2.12 46.44
C ALA B 652 8.25 -3.00 46.23
N LEU B 653 8.47 -4.29 45.97
CA LEU B 653 7.35 -5.19 45.73
C LEU B 653 6.49 -5.34 46.98
N LEU B 654 7.11 -5.35 48.16
CA LEU B 654 6.33 -5.42 49.39
C LEU B 654 5.48 -4.17 49.58
N SER B 655 6.05 -3.00 49.32
CA SER B 655 5.31 -1.75 49.48
C SER B 655 4.10 -1.73 48.55
N LEU B 656 4.26 -2.26 47.33
CA LEU B 656 3.14 -2.30 46.39
C LEU B 656 2.07 -3.27 46.85
N LEU B 657 2.48 -4.39 47.47
CA LEU B 657 1.51 -5.32 48.02
C LEU B 657 0.67 -4.67 49.12
N GLU B 658 1.32 -3.85 49.96
CA GLU B 658 0.58 -3.12 50.98
C GLU B 658 -0.38 -2.10 50.38
N ILE B 659 -0.06 -1.57 49.20
CA ILE B 659 -0.92 -0.60 48.56
C ILE B 659 -2.14 -1.27 47.93
N TYR B 660 -2.01 -2.52 47.48
CA TYR B 660 -3.07 -3.17 46.74
C TYR B 660 -4.14 -3.77 47.67
N ARG B 661 -4.29 -3.19 48.86
CA ARG B 661 -5.33 -3.63 49.79
C ARG B 661 -5.41 -2.69 50.98
N VAL B 668 -8.64 -2.91 39.75
CA VAL B 668 -7.66 -2.17 38.98
C VAL B 668 -7.14 -3.03 37.83
N GLN B 669 -6.63 -2.38 36.80
CA GLN B 669 -6.06 -3.09 35.66
C GLN B 669 -4.99 -4.07 36.11
N LEU B 670 -3.92 -3.55 36.70
CA LEU B 670 -2.67 -4.30 36.84
C LEU B 670 -2.71 -5.14 38.10
N SER B 671 -2.69 -6.46 37.94
CA SER B 671 -2.58 -7.36 39.07
C SER B 671 -1.13 -7.40 39.55
N ILE B 672 -0.97 -7.62 40.86
CA ILE B 672 0.38 -7.65 41.43
C ILE B 672 1.22 -8.74 40.81
N GLY B 673 0.59 -9.78 40.25
CA GLY B 673 1.35 -10.82 39.58
C GLY B 673 2.03 -10.32 38.33
N HIS B 674 1.34 -9.46 37.56
CA HIS B 674 1.94 -8.90 36.36
C HIS B 674 3.07 -7.94 36.71
N ILE B 675 2.88 -7.13 37.76
CA ILE B 675 3.96 -6.26 38.23
C ILE B 675 5.22 -7.07 38.47
N ALA B 676 5.08 -8.21 39.15
CA ALA B 676 6.24 -9.01 39.51
C ALA B 676 6.98 -9.50 38.26
N GLN B 677 6.25 -9.98 37.27
CA GLN B 677 6.89 -10.46 36.05
C GLN B 677 7.60 -9.33 35.32
N GLN B 678 7.00 -8.13 35.32
CA GLN B 678 7.64 -6.99 34.70
C GLN B 678 8.93 -6.64 35.42
N MET B 679 8.92 -6.65 36.75
CA MET B 679 10.13 -6.37 37.51
C MET B 679 11.16 -7.49 37.35
N LEU B 680 10.71 -8.73 37.22
CA LEU B 680 11.65 -9.82 36.99
C LEU B 680 12.25 -9.75 35.59
N ASP B 681 11.53 -9.13 34.65
CA ASP B 681 12.08 -8.96 33.31
C ASP B 681 13.30 -8.06 33.32
N TRP B 682 13.24 -6.98 34.11
CA TRP B 682 14.37 -6.05 34.19
C TRP B 682 15.63 -6.73 34.69
N THR B 683 15.51 -7.83 35.42
CA THR B 683 16.64 -8.51 36.04
C THR B 683 17.20 -9.65 35.20
N ASP B 684 16.63 -9.91 34.02
CA ASP B 684 17.10 -11.02 33.20
C ASP B 684 18.52 -10.76 32.73
N ASN B 685 19.37 -11.78 32.83
CA ASN B 685 20.80 -11.59 32.64
C ASN B 685 21.16 -11.42 31.17
N GLU B 686 20.36 -11.96 30.26
CA GLU B 686 20.71 -12.01 28.84
C GLU B 686 19.98 -10.96 28.01
N LYS B 687 19.24 -10.05 28.65
CA LYS B 687 18.71 -8.88 27.96
C LYS B 687 19.68 -7.71 27.97
N LEU B 688 20.79 -7.82 28.70
CA LEU B 688 21.81 -6.77 28.69
C LEU B 688 22.33 -6.54 27.28
N TYR B 689 22.93 -5.38 27.08
CA TYR B 689 23.60 -5.11 25.81
C TYR B 689 25.01 -5.66 25.78
N GLU B 690 25.68 -5.71 26.93
CA GLU B 690 27.05 -6.21 27.01
C GLU B 690 28.01 -5.26 26.32
N HIS B 704 28.83 -12.42 39.67
CA HIS B 704 27.71 -13.15 40.24
C HIS B 704 26.54 -13.21 39.26
N ASN B 705 25.46 -13.84 39.70
CA ASN B 705 24.21 -13.88 38.96
C ASN B 705 23.17 -13.10 39.74
N VAL B 706 22.41 -12.25 39.04
CA VAL B 706 21.45 -11.38 39.72
C VAL B 706 20.35 -12.19 40.37
N HIS B 707 19.90 -13.27 39.72
CA HIS B 707 18.76 -14.02 40.23
C HIS B 707 19.11 -14.76 41.51
N LEU B 708 20.29 -15.38 41.57
CA LEU B 708 20.74 -15.94 42.85
C LEU B 708 20.82 -14.85 43.91
N HIS B 709 21.37 -13.69 43.55
CA HIS B 709 21.35 -12.55 44.45
C HIS B 709 19.92 -12.17 44.80
N LEU B 710 19.02 -12.23 43.83
CA LEU B 710 17.63 -11.89 44.09
C LEU B 710 16.97 -12.90 45.02
N ALA B 711 17.21 -14.20 44.78
CA ALA B 711 16.69 -15.21 45.69
C ALA B 711 17.10 -14.93 47.12
N ASN B 712 18.35 -14.53 47.32
CA ASN B 712 18.80 -14.13 48.65
C ASN B 712 17.95 -12.97 49.18
N MET B 713 17.81 -11.92 48.37
CA MET B 713 16.99 -10.77 48.78
C MET B 713 15.59 -11.22 49.15
N ILE B 714 14.98 -12.07 48.32
CA ILE B 714 13.65 -12.61 48.63
C ILE B 714 13.68 -13.26 50.02
N PHE B 715 14.49 -14.31 50.17
CA PHE B 715 14.61 -14.99 51.45
C PHE B 715 14.71 -14.01 52.62
N GLU B 716 15.55 -12.98 52.47
CA GLU B 716 15.72 -12.01 53.55
C GLU B 716 14.44 -11.26 53.87
N SER B 717 13.51 -11.18 52.93
CA SER B 717 12.31 -10.36 53.09
C SER B 717 11.07 -11.15 53.47
N LEU B 718 11.08 -12.47 53.32
CA LEU B 718 9.94 -13.27 53.78
C LEU B 718 9.62 -13.04 55.24
N PRO B 719 10.59 -13.01 56.16
CA PRO B 719 10.25 -12.80 57.58
C PRO B 719 9.25 -11.67 57.83
N ASN B 720 9.40 -10.54 57.16
CA ASN B 720 8.53 -9.39 57.39
C ASN B 720 7.42 -9.28 56.35
N ALA B 721 7.21 -10.32 55.55
CA ALA B 721 6.02 -10.41 54.72
C ALA B 721 4.86 -10.95 55.54
N SER B 722 3.68 -10.35 55.37
CA SER B 722 2.53 -10.77 56.15
C SER B 722 2.20 -12.23 55.85
N GLU B 723 1.93 -12.98 56.91
CA GLU B 723 1.56 -14.38 56.75
C GLU B 723 0.29 -14.50 55.93
N GLY B 724 0.29 -15.42 54.97
CA GLY B 724 -0.87 -15.68 54.14
C GLY B 724 -0.53 -15.52 52.66
N LYS B 725 -1.50 -14.96 51.91
CA LYS B 725 -1.29 -14.70 50.50
C LYS B 725 0.04 -14.00 50.25
N GLU B 726 0.37 -13.03 51.09
CA GLU B 726 1.53 -12.18 50.82
C GLU B 726 2.81 -12.98 50.78
N ARG B 727 3.01 -13.88 51.75
CA ARG B 727 4.26 -14.63 51.81
C ARG B 727 4.30 -15.72 50.74
N LYS B 728 3.18 -16.40 50.52
CA LYS B 728 3.12 -17.37 49.42
C LYS B 728 3.53 -16.72 48.12
N PHE B 729 3.06 -15.49 47.87
CA PHE B 729 3.42 -14.79 46.65
C PHE B 729 4.91 -14.54 46.58
N MET B 730 5.50 -14.03 47.66
CA MET B 730 6.95 -13.80 47.67
C MET B 730 7.71 -15.10 47.46
N ILE B 731 7.14 -16.23 47.86
CA ILE B 731 7.79 -17.52 47.65
C ILE B 731 7.58 -17.98 46.21
N SER B 732 6.37 -17.77 45.67
CA SER B 732 6.08 -18.20 44.31
C SER B 732 7.11 -17.65 43.32
N LEU B 733 7.68 -16.48 43.62
CA LEU B 733 8.70 -15.91 42.74
C LEU B 733 9.86 -16.88 42.55
N LEU B 734 10.27 -17.56 43.64
CA LEU B 734 11.41 -18.46 43.56
C LEU B 734 11.30 -19.44 42.39
N GLY B 735 10.08 -19.86 42.05
CA GLY B 735 9.88 -20.73 40.91
C GLY B 735 9.97 -20.04 39.57
N LYS B 736 10.05 -18.71 39.55
CA LYS B 736 10.17 -17.95 38.32
C LYS B 736 11.58 -17.47 38.07
N LEU B 737 12.52 -17.76 38.96
CA LEU B 737 13.91 -17.37 38.76
C LEU B 737 14.61 -18.37 37.86
N LYS B 738 15.36 -17.84 36.89
CA LYS B 738 16.16 -18.64 35.99
C LYS B 738 17.61 -18.63 36.50
N ILE B 739 18.01 -19.72 37.15
CA ILE B 739 19.32 -19.81 37.78
C ILE B 739 20.26 -20.52 36.81
N PRO B 740 21.40 -19.94 36.46
CA PRO B 740 22.37 -20.68 35.64
C PRO B 740 22.88 -21.91 36.37
N THR B 741 23.17 -22.95 35.60
CA THR B 741 23.68 -24.20 36.14
C THR B 741 25.20 -24.21 36.26
N ASP B 742 25.89 -23.31 35.56
CA ASP B 742 27.34 -23.34 35.45
C ASP B 742 28.06 -22.56 36.54
N LEU B 743 27.33 -21.90 37.44
CA LEU B 743 27.94 -21.06 38.45
C LEU B 743 28.85 -21.89 39.34
N PRO B 744 29.71 -21.27 40.14
CA PRO B 744 30.56 -22.04 41.05
C PRO B 744 29.78 -22.46 42.29
N SER B 745 30.13 -23.65 42.79
CA SER B 745 29.42 -24.20 43.95
C SER B 745 29.41 -23.20 45.11
N SER B 746 30.42 -22.35 45.21
CA SER B 746 30.47 -21.35 46.27
C SER B 746 29.20 -20.50 46.28
N ASP B 747 28.69 -20.18 45.08
CA ASP B 747 27.46 -19.38 44.99
C ASP B 747 26.26 -20.18 45.49
N TYR B 748 26.04 -21.37 44.93
CA TYR B 748 24.93 -22.20 45.37
C TYR B 748 25.03 -22.49 46.87
N GLN B 749 26.24 -22.71 47.37
CA GLN B 749 26.42 -23.06 48.77
C GLN B 749 25.94 -21.94 49.68
N ARG B 750 26.14 -20.68 49.27
CA ARG B 750 25.75 -19.55 50.11
C ARG B 750 24.25 -19.33 50.10
N THR B 751 23.63 -19.31 48.92
CA THR B 751 22.18 -19.16 48.83
C THR B 751 21.47 -20.18 49.72
N LYS B 752 22.08 -21.35 49.90
CA LYS B 752 21.49 -22.36 50.78
C LYS B 752 21.34 -21.83 52.20
N ARG B 753 22.39 -21.18 52.71
CA ARG B 753 22.33 -20.66 54.08
C ARG B 753 21.25 -19.59 54.21
N LYS B 754 21.08 -18.76 53.18
CA LYS B 754 19.97 -17.82 53.18
C LYS B 754 18.64 -18.55 53.33
N LEU B 755 18.47 -19.66 52.62
CA LEU B 755 17.27 -20.47 52.77
C LEU B 755 17.20 -21.10 54.16
N GLU B 756 18.33 -21.63 54.65
CA GLU B 756 18.33 -22.28 55.95
C GLU B 756 17.87 -21.32 57.04
N THR B 757 18.46 -20.12 57.09
CA THR B 757 18.12 -19.19 58.15
C THR B 757 16.67 -18.73 58.05
N TYR B 758 16.08 -18.77 56.86
CA TYR B 758 14.65 -18.45 56.75
C TYR B 758 13.81 -19.53 57.41
N GLU B 759 14.07 -20.80 57.08
CA GLU B 759 13.30 -21.88 57.67
C GLU B 759 13.64 -22.11 59.14
N SER B 760 14.74 -21.55 59.62
CA SER B 760 15.00 -21.56 61.05
C SER B 760 13.94 -20.78 61.81
N HIS B 761 13.26 -19.84 61.14
CA HIS B 761 12.16 -19.12 61.78
C HIS B 761 11.04 -20.06 62.18
N GLY B 762 10.79 -21.10 61.39
CA GLY B 762 9.71 -22.02 61.67
C GLY B 762 8.34 -21.54 61.22
N PHE B 763 8.27 -20.79 60.13
CA PHE B 763 7.00 -20.29 59.65
C PHE B 763 6.17 -21.41 59.02
N THR B 764 4.86 -21.31 59.17
CA THR B 764 3.94 -22.30 58.64
C THR B 764 3.50 -21.90 57.24
N MET B 765 3.57 -22.83 56.30
CA MET B 765 3.28 -22.55 54.90
C MET B 765 2.42 -23.66 54.33
N ASP B 766 1.68 -23.33 53.28
CA ASP B 766 0.84 -24.30 52.60
C ASP B 766 1.70 -25.30 51.82
N SER B 767 1.07 -26.40 51.41
CA SER B 767 1.78 -27.45 50.70
C SER B 767 2.47 -26.91 49.45
N THR B 768 1.83 -25.97 48.76
CA THR B 768 2.42 -25.40 47.56
C THR B 768 3.75 -24.73 47.87
N SER B 769 3.80 -23.93 48.92
CA SER B 769 5.03 -23.25 49.30
C SER B 769 6.12 -24.27 49.63
N LEU B 770 5.77 -25.29 50.43
CA LEU B 770 6.72 -26.37 50.71
C LEU B 770 7.29 -26.95 49.42
N SER B 771 6.43 -27.19 48.44
CA SER B 771 6.88 -27.78 47.19
C SER B 771 7.89 -26.89 46.49
N ILE B 772 7.62 -25.58 46.43
CA ILE B 772 8.52 -24.67 45.75
C ILE B 772 9.87 -24.61 46.47
N LEU B 773 9.83 -24.41 47.79
CA LEU B 773 11.07 -24.37 48.56
C LEU B 773 11.81 -25.71 48.47
N ALA B 774 11.07 -26.82 48.53
CA ALA B 774 11.71 -28.12 48.33
C ALA B 774 12.35 -28.20 46.95
N LYS B 775 11.60 -27.87 45.91
CA LYS B 775 12.15 -27.87 44.56
C LYS B 775 13.37 -26.98 44.45
N PHE B 776 13.30 -25.77 45.02
CA PHE B 776 14.42 -24.85 44.94
C PHE B 776 15.65 -25.41 45.65
N GLU B 777 15.44 -26.04 46.81
CA GLU B 777 16.57 -26.56 47.58
C GLU B 777 17.24 -27.72 46.85
N ARG B 778 16.45 -28.61 46.25
CA ARG B 778 17.03 -29.71 45.48
C ARG B 778 17.76 -29.18 44.25
N MET B 779 17.24 -28.13 43.63
CA MET B 779 17.91 -27.52 42.48
C MET B 779 19.29 -27.00 42.87
N LEU B 780 19.38 -26.30 44.02
CA LEU B 780 20.68 -25.83 44.50
C LEU B 780 21.65 -26.99 44.67
N LEU B 781 21.20 -28.07 45.31
CA LEU B 781 22.04 -29.24 45.48
C LEU B 781 22.48 -29.80 44.13
N GLN B 782 21.60 -29.72 43.13
CA GLN B 782 21.89 -30.35 41.84
C GLN B 782 23.05 -29.66 41.14
N ASN B 783 23.06 -28.33 41.12
CA ASN B 783 24.09 -27.60 40.38
C ASN B 783 25.44 -27.60 41.08
N GLU B 784 25.57 -28.25 42.23
CA GLU B 784 26.86 -28.41 42.87
C GLU B 784 27.60 -29.67 42.43
N GLU B 785 26.95 -30.53 41.66
CA GLU B 785 27.56 -31.77 41.20
C GLU B 785 28.27 -31.56 39.86
N ARG C 68 -15.19 31.48 0.80
CA ARG C 68 -13.97 31.46 0.00
C ARG C 68 -13.82 32.72 -0.83
N GLU C 69 -12.58 33.00 -1.25
CA GLU C 69 -12.34 34.12 -2.15
C GLU C 69 -13.17 34.01 -3.42
N LEU C 70 -13.39 32.78 -3.89
CA LEU C 70 -14.14 32.54 -5.12
C LEU C 70 -15.62 32.43 -4.76
N ASP C 71 -16.30 33.57 -4.72
CA ASP C 71 -17.75 33.56 -4.63
C ASP C 71 -18.31 32.85 -5.86
N ASN C 72 -19.24 31.93 -5.64
CA ASN C 72 -19.68 31.07 -6.72
C ASN C 72 -20.53 31.83 -7.75
N ALA C 73 -21.57 32.57 -7.39
CA ALA C 73 -22.28 32.59 -6.09
C ALA C 73 -23.75 32.75 -6.45
N ILE C 74 -24.65 32.23 -5.62
CA ILE C 74 -26.05 32.05 -6.02
C ILE C 74 -26.94 33.02 -5.25
N ASP C 75 -27.86 33.66 -5.97
CA ASP C 75 -28.92 34.47 -5.38
C ASP C 75 -30.23 33.71 -5.53
N PHE C 76 -30.74 33.18 -4.42
CA PHE C 76 -31.91 32.33 -4.47
C PHE C 76 -33.23 33.11 -4.49
N LEU C 77 -33.16 34.44 -4.60
CA LEU C 77 -34.37 35.26 -4.69
C LEU C 77 -34.64 35.76 -6.10
N GLN C 78 -33.86 35.31 -7.08
CA GLN C 78 -34.09 35.69 -8.47
C GLN C 78 -35.41 35.12 -8.97
N GLU C 79 -35.93 35.73 -10.02
CA GLU C 79 -37.17 35.29 -10.64
C GLU C 79 -36.87 34.25 -11.72
N VAL C 80 -37.68 33.19 -11.75
CA VAL C 80 -37.47 32.08 -12.66
C VAL C 80 -38.82 31.67 -13.24
N ASP C 81 -38.79 31.21 -14.49
CA ASP C 81 -40.00 30.86 -15.24
C ASP C 81 -39.98 29.36 -15.50
N VAL C 82 -40.74 28.61 -14.68
CA VAL C 82 -40.62 27.15 -14.68
C VAL C 82 -40.95 26.59 -16.06
N GLU C 83 -42.07 27.03 -16.64
CA GLU C 83 -42.51 26.45 -17.91
C GLU C 83 -41.42 26.58 -18.97
N ALA C 84 -40.72 27.72 -19.00
CA ALA C 84 -39.69 27.94 -20.00
C ALA C 84 -38.57 26.92 -19.88
N LEU C 85 -38.10 26.67 -18.66
CA LEU C 85 -37.03 25.68 -18.46
C LEU C 85 -37.52 24.28 -18.80
N PHE C 86 -38.79 24.00 -18.54
CA PHE C 86 -39.34 22.66 -18.75
C PHE C 86 -39.81 22.43 -20.18
N THR C 87 -39.76 23.45 -21.04
CA THR C 87 -40.16 23.31 -22.43
C THR C 87 -39.38 22.18 -23.10
N PRO C 88 -40.05 21.09 -23.51
CA PRO C 88 -39.34 20.05 -24.26
C PRO C 88 -38.75 20.57 -25.56
N LYS C 94 -31.21 10.64 -27.16
CA LYS C 94 -30.44 9.74 -28.00
C LYS C 94 -29.45 10.50 -28.87
N LEU C 95 -28.45 9.79 -29.40
CA LEU C 95 -27.38 10.40 -30.16
C LEU C 95 -26.81 9.43 -31.19
N SER C 98 -24.28 6.98 -35.73
CA SER C 98 -24.46 6.73 -34.31
C SER C 98 -23.16 6.26 -33.67
N HIS C 99 -22.12 7.07 -33.78
CA HIS C 99 -20.85 6.74 -33.13
C HIS C 99 -21.11 6.51 -31.64
N TRP C 100 -20.63 5.37 -31.14
CA TRP C 100 -21.08 4.89 -29.85
C TRP C 100 -20.22 3.74 -29.34
N HIS C 103 -16.67 0.67 -31.69
CA HIS C 103 -15.37 0.22 -32.17
C HIS C 103 -14.30 0.47 -31.12
N ASN C 104 -13.32 -0.45 -31.03
CA ASN C 104 -12.29 -0.37 -30.02
C ASN C 104 -12.92 -0.12 -28.65
N ARG C 105 -13.91 -0.95 -28.32
CA ARG C 105 -14.87 -0.63 -27.27
C ARG C 105 -14.21 -0.35 -25.92
N CYS C 106 -13.40 0.70 -25.86
CA CYS C 106 -12.81 1.18 -24.61
C CYS C 106 -12.19 0.02 -23.82
N LEU C 107 -11.15 -0.57 -24.40
CA LEU C 107 -10.34 -1.57 -23.74
C LEU C 107 -8.92 -1.45 -24.27
N LEU C 108 -7.96 -1.70 -23.37
CA LEU C 108 -6.57 -1.54 -23.73
C LEU C 108 -6.18 -2.50 -24.85
N PRO C 109 -5.12 -2.19 -25.60
CA PRO C 109 -4.60 -3.16 -26.56
C PRO C 109 -4.07 -4.39 -25.86
N ASP C 110 -4.05 -5.50 -26.59
CA ASP C 110 -3.39 -6.71 -26.10
C ASP C 110 -1.90 -6.49 -26.24
N ASP C 111 -1.22 -6.22 -25.13
CA ASP C 111 0.23 -6.03 -25.13
C ASP C 111 0.92 -6.65 -23.93
N TYR C 112 0.16 -7.20 -22.96
CA TYR C 112 0.78 -7.83 -21.80
C TYR C 112 1.21 -9.26 -22.07
N GLN C 113 0.75 -9.87 -23.17
CA GLN C 113 1.06 -11.28 -23.42
C GLN C 113 2.46 -11.44 -23.99
N TYR C 114 2.84 -10.61 -24.95
CA TYR C 114 4.16 -10.73 -25.55
C TYR C 114 5.22 -10.38 -24.53
N ASP C 115 6.07 -11.34 -24.19
CA ASP C 115 7.22 -11.08 -23.33
C ASP C 115 8.26 -10.33 -24.16
N SER C 116 8.39 -9.03 -23.90
CA SER C 116 9.30 -8.20 -24.68
C SER C 116 10.69 -8.82 -24.77
N LYS C 117 11.07 -9.64 -23.79
CA LYS C 117 12.38 -10.30 -23.83
C LYS C 117 12.52 -11.25 -25.00
N ARG C 118 11.41 -11.71 -25.59
CA ARG C 118 11.49 -12.68 -26.67
C ARG C 118 12.22 -12.13 -27.88
N LEU C 119 12.08 -10.83 -28.15
CA LEU C 119 12.56 -10.27 -29.41
C LEU C 119 14.04 -10.52 -29.59
N LEU C 120 14.83 -10.24 -28.56
CA LEU C 120 16.28 -10.38 -28.64
C LEU C 120 16.77 -11.76 -28.22
N GLN C 121 15.87 -12.71 -28.07
CA GLN C 121 16.22 -14.11 -27.82
C GLN C 121 16.19 -14.90 -29.12
N LEU C 122 17.02 -15.93 -29.18
CA LEU C 122 16.94 -16.87 -30.27
C LEU C 122 15.71 -17.76 -30.10
N PHE C 123 15.05 -18.07 -31.22
CA PHE C 123 13.88 -18.94 -31.17
C PHE C 123 14.21 -20.25 -30.47
N LEU C 124 15.33 -20.86 -30.83
CA LEU C 124 15.65 -22.21 -30.42
C LEU C 124 16.50 -22.27 -29.15
N LYS C 125 17.09 -21.15 -28.72
CA LYS C 125 17.92 -21.10 -27.52
C LYS C 125 17.49 -19.91 -26.68
N PRO C 126 16.31 -19.96 -26.08
CA PRO C 126 15.81 -18.80 -25.33
C PRO C 126 16.74 -18.35 -24.21
N LYS C 127 17.28 -19.28 -23.43
CA LYS C 127 18.16 -18.95 -22.31
C LYS C 127 19.60 -18.69 -22.75
N MET C 128 19.81 -18.14 -23.94
CA MET C 128 21.13 -17.90 -24.46
C MET C 128 21.90 -16.93 -23.56
N GLU D 11 21.47 3.65 21.74
CA GLU D 11 20.99 3.54 20.37
C GLU D 11 20.09 2.32 20.21
N TYR D 12 20.53 1.20 20.79
CA TYR D 12 19.83 -0.06 20.57
C TYR D 12 18.44 -0.05 21.19
N PHE D 13 18.27 0.68 22.29
CA PHE D 13 16.99 0.67 22.98
C PHE D 13 15.95 1.56 22.33
N ASP D 14 16.37 2.59 21.60
CA ASP D 14 15.43 3.32 20.76
C ASP D 14 14.73 2.39 19.79
N LYS D 15 15.41 1.32 19.37
CA LYS D 15 14.82 0.28 18.56
C LYS D 15 14.14 -0.80 19.40
N SER D 16 14.60 -1.00 20.63
CA SER D 16 13.99 -1.99 21.51
C SER D 16 12.57 -1.61 21.90
N MET D 17 12.19 -0.34 21.75
CA MET D 17 10.87 0.13 22.15
C MET D 17 9.81 -0.14 21.10
N LYS D 18 10.11 -0.94 20.08
CA LYS D 18 9.07 -1.33 19.12
C LYS D 18 7.92 -2.06 19.79
N LYS D 19 8.14 -2.60 20.99
CA LYS D 19 7.08 -3.25 21.76
C LYS D 19 7.13 -2.80 23.21
N ASP D 71 -7.11 -37.49 5.37
CA ASP D 71 -8.38 -37.05 4.81
C ASP D 71 -9.55 -37.47 5.71
N ALA D 73 -14.19 -35.70 4.71
CA ALA D 73 -14.56 -36.98 5.31
C ALA D 73 -15.87 -36.87 6.09
N ILE D 74 -16.97 -36.67 5.36
CA ILE D 74 -18.29 -36.51 5.94
C ILE D 74 -19.18 -37.63 5.42
N ASP D 75 -19.92 -38.25 6.33
CA ASP D 75 -20.93 -39.25 5.98
C ASP D 75 -22.29 -38.70 6.40
N PHE D 76 -23.08 -38.28 5.43
CA PHE D 76 -24.39 -37.70 5.68
C PHE D 76 -25.43 -38.72 6.17
N LEU D 77 -25.02 -39.95 6.52
CA LEU D 77 -25.96 -41.00 6.90
C LEU D 77 -25.61 -41.57 8.27
N GLN D 78 -25.09 -40.72 9.17
CA GLN D 78 -24.75 -41.15 10.53
C GLN D 78 -25.98 -41.38 11.40
N GLU D 79 -27.17 -41.05 10.92
CA GLU D 79 -28.43 -41.23 11.63
C GLU D 79 -28.38 -40.64 13.04
N VAL D 80 -28.32 -39.30 13.07
CA VAL D 80 -28.39 -38.58 14.33
C VAL D 80 -29.85 -38.42 14.76
N ASP D 81 -30.05 -38.24 16.06
CA ASP D 81 -31.37 -37.90 16.61
C ASP D 81 -31.40 -36.40 16.88
N VAL D 82 -32.38 -35.72 16.28
CA VAL D 82 -32.42 -34.26 16.38
C VAL D 82 -32.64 -33.82 17.82
N GLU D 83 -33.52 -34.52 18.55
CA GLU D 83 -33.78 -34.16 19.94
C GLU D 83 -32.51 -34.20 20.77
N ALA D 84 -31.56 -35.07 20.42
CA ALA D 84 -30.32 -35.15 21.18
C ALA D 84 -29.50 -33.88 21.08
N LEU D 85 -29.61 -33.15 19.97
CA LEU D 85 -28.75 -32.00 19.74
C LEU D 85 -29.23 -30.76 20.48
N PHE D 86 -30.54 -30.54 20.55
CA PHE D 86 -31.09 -29.25 20.94
C PHE D 86 -31.37 -29.14 22.44
N THR D 87 -30.85 -30.02 23.26
CA THR D 87 -31.09 -29.95 24.70
C THR D 87 -30.34 -28.76 25.29
N PRO D 88 -31.03 -27.78 25.89
CA PRO D 88 -30.33 -26.55 26.31
C PRO D 88 -29.36 -26.74 27.46
N ALA D 89 -29.75 -27.51 28.48
CA ALA D 89 -28.95 -27.76 29.67
C ALA D 89 -29.06 -26.60 30.67
N THR D 90 -28.32 -26.70 31.78
CA THR D 90 -28.41 -25.75 32.89
C THR D 90 -27.51 -24.54 32.63
N SER D 91 -27.82 -23.78 31.59
CA SER D 91 -26.82 -22.86 31.07
C SER D 91 -27.45 -21.67 30.35
N SER D 92 -27.12 -20.47 30.82
CA SER D 92 -27.14 -19.25 30.02
C SER D 92 -25.83 -18.53 30.35
N LEU D 93 -24.89 -18.55 29.40
CA LEU D 93 -23.48 -18.37 29.69
C LEU D 93 -23.00 -17.05 29.09
N LYS D 94 -23.27 -15.96 29.79
CA LYS D 94 -22.75 -14.65 29.42
C LYS D 94 -21.50 -14.27 30.20
N LEU D 95 -21.48 -14.56 31.51
CA LEU D 95 -20.31 -14.31 32.34
C LEU D 95 -20.01 -12.81 32.35
N PRO D 96 -20.65 -12.04 33.24
CA PRO D 96 -20.51 -10.57 33.17
C PRO D 96 -19.14 -10.06 33.57
N LYS D 97 -18.34 -10.82 34.32
CA LYS D 97 -16.98 -10.37 34.64
C LYS D 97 -15.99 -11.52 34.65
N SER D 98 -16.27 -12.59 33.92
CA SER D 98 -15.19 -13.48 33.53
C SER D 98 -14.22 -12.75 32.61
N HIS D 99 -14.76 -11.89 31.74
CA HIS D 99 -13.93 -11.07 30.86
C HIS D 99 -14.75 -10.07 30.04
N TRP D 100 -15.03 -8.89 30.62
CA TRP D 100 -15.39 -7.71 29.85
C TRP D 100 -14.43 -6.61 30.25
N LYS D 101 -13.70 -6.08 29.27
CA LYS D 101 -12.70 -5.05 29.52
C LYS D 101 -13.39 -3.69 29.51
N ARG D 102 -13.55 -3.09 30.70
CA ARG D 102 -14.27 -1.84 30.84
C ARG D 102 -13.36 -0.63 31.07
N HIS D 103 -12.25 -0.81 31.79
CA HIS D 103 -11.39 0.30 32.15
C HIS D 103 -10.38 0.63 31.06
N ASN D 104 -9.67 -0.37 30.54
CA ASN D 104 -8.74 -0.14 29.45
C ASN D 104 -9.45 -0.06 28.11
N ARG D 105 -10.52 -0.82 27.92
CA ARG D 105 -11.25 -0.88 26.66
C ARG D 105 -10.43 -1.44 25.52
N CYS D 106 -9.24 -1.96 25.81
CA CYS D 106 -8.37 -2.56 24.79
C CYS D 106 -7.76 -1.50 23.87
N LEU D 107 -7.48 -0.32 24.40
CA LEU D 107 -6.81 0.74 23.66
C LEU D 107 -5.40 0.94 24.20
N LEU D 108 -4.60 1.67 23.43
CA LEU D 108 -3.23 1.97 23.82
C LEU D 108 -3.10 3.45 24.16
N PRO D 109 -2.28 3.80 25.16
CA PRO D 109 -2.16 5.21 25.55
C PRO D 109 -1.69 6.08 24.39
N ASP D 110 -1.68 7.38 24.64
CA ASP D 110 -1.17 8.34 23.67
C ASP D 110 0.35 8.31 23.69
N ASP D 111 0.95 8.17 22.51
CA ASP D 111 2.39 7.96 22.39
C ASP D 111 3.11 9.29 22.54
N TYR D 112 3.57 9.59 23.75
CA TYR D 112 4.44 10.74 23.96
C TYR D 112 5.86 10.50 23.44
N GLN D 113 6.18 9.26 23.08
CA GLN D 113 7.44 8.90 22.44
C GLN D 113 8.62 9.57 23.16
N TYR D 114 8.85 9.13 24.40
CA TYR D 114 9.94 9.74 25.15
C TYR D 114 11.27 9.41 24.46
N ASP D 115 11.80 10.39 23.73
CA ASP D 115 13.01 10.18 22.95
C ASP D 115 14.19 9.91 23.87
N SER D 116 15.12 9.08 23.41
CA SER D 116 16.45 9.08 24.00
C SER D 116 17.15 10.40 23.75
N LYS D 117 16.77 11.12 22.69
CA LYS D 117 17.13 12.51 22.54
C LYS D 117 16.80 13.27 23.83
N ARG D 118 15.62 13.02 24.39
CA ARG D 118 15.11 13.83 25.49
C ARG D 118 15.67 13.39 26.83
N LEU D 119 16.02 12.11 26.96
CA LEU D 119 16.59 11.62 28.22
C LEU D 119 17.96 12.24 28.49
N LEU D 120 18.75 12.48 27.45
CA LEU D 120 20.13 12.92 27.59
C LEU D 120 20.32 14.42 27.39
N GLN D 121 19.26 15.16 27.12
CA GLN D 121 19.36 16.60 26.92
C GLN D 121 18.88 17.33 28.17
N LEU D 122 19.40 18.54 28.37
CA LEU D 122 18.99 19.35 29.50
C LEU D 122 17.54 19.80 29.35
N PHE D 123 16.93 20.13 30.49
CA PHE D 123 15.57 20.66 30.46
C PHE D 123 15.52 22.04 29.84
N LEU D 124 16.48 22.90 30.19
CA LEU D 124 16.46 24.30 29.78
C LEU D 124 17.29 24.57 28.53
N LYS D 125 18.14 23.63 28.12
CA LYS D 125 18.96 23.77 26.92
C LYS D 125 18.85 22.49 26.10
N PRO D 126 17.70 22.26 25.47
CA PRO D 126 17.49 21.00 24.74
C PRO D 126 18.50 20.69 23.63
N LYS D 127 19.45 21.57 23.40
CA LYS D 127 20.43 21.40 22.33
C LYS D 127 21.85 21.35 22.89
N MET D 128 22.01 20.76 24.07
CA MET D 128 23.31 20.48 24.65
C MET D 128 23.42 18.98 24.93
N SER D 129 24.44 18.34 24.40
CA SER D 129 24.60 16.91 24.53
C SER D 129 25.19 16.55 25.89
N VAL D 130 24.84 15.37 26.37
CA VAL D 130 25.34 14.86 27.64
C VAL D 130 25.58 13.37 27.53
#